data_7YW1
#
_entry.id   7YW1
#
_cell.length_a   115.320
_cell.length_b   132.529
_cell.length_c   155.036
_cell.angle_alpha   90.000
_cell.angle_beta   90.000
_cell.angle_gamma   90.000
#
_symmetry.space_group_name_H-M   'P 21 21 21'
#
_entity_poly.entity_id   1
_entity_poly.type   'polypeptide(L)'
_entity_poly.pdbx_seq_one_letter_code
;MAPKTQKRAAAKFYQEDIVQRKDDSNTFGVILRCWQDAEETPPAGDHIDPLMRPLVQGEVGVSYFPKPMREIVPEDTLEL
VDRLYQPGDLLKRSVDDVRSGVVTRTHVKGRLEHAVSSFSLPGWKSMEEIESAVEIDMGEYVIYNDWVGQVVEMFDESLV
EVPGGTLVRLPELSARLAVGEKGQDILPQPVGSVTGILGFLLGGTRPSDRDTVISVKHTVLAVAWLAINQSLSPEEAQGK
PRPQRYWYGEDLGKLTTITRKAEEAMRVGDRVKLKNTRDGPVTRHGRPLEGVIEVDTLVVQETRTSVDVLWQDGTRETMD
VKQTVPYLNPDEYDCWPGDHVLWKTEDHKRHVVVQSVNAQDRTAYVRVVETGAVELASVLELDPHGSGDWSPLAPANDGL
GVRRGDFVFIHREGTTNGARAPMVPRIGEVEEWVREAPTLGPNGQIGGWRSEMTELGSRIAEQRGKEGSVDEVPLKQAQK
GDTSLNWFGEVLDLRLDGTIEVILPSADTIVVPLERLTRLYDSVEQLEDLWGDDEGTVEDEDDVEVWEMDQDGHWVEGTM
DGDDDEWESADEELDPADSMDVEGGEWSPSTDTVTIPPPINGETPMAVDSALPPETQSSAATQSPSPHPPKEAGDVEDGP
WKRFEVLPSAPVDHAFYNTPPAQHTRQFMARMSKEYKALQSSLPDSILVRAYEDRTDLLRSLIIGPENTPYEDAPFVIDW
MLDANFPQTPPIAHFLSWTNGNGRVNPNLYEEGKVCLSILGTWAGDKSESWSASRSSLLQALVSIQGLVLVKEPWFCEPA
YEKLRGTEDGIVNSRLYNEKAYVLSRGFVRRALEIPLGGLEEELRWFYHTSGKLRKVLGDARALIVKSTATQGDAEVPEA
DRERAVPRLSSGGIIALERTLGKLQALQDAQTATEANAADGAKAKAER
;
_entity_poly.pdbx_strand_id   A,B
#
# COMPACT_ATOMS: atom_id res chain seq x y z
N ARG A 8 -26.61 11.59 33.61
CA ARG A 8 -26.23 11.69 32.21
C ARG A 8 -25.37 12.92 31.96
N ALA A 9 -25.45 13.47 30.75
CA ALA A 9 -24.67 14.65 30.39
C ALA A 9 -25.31 15.38 29.21
N ALA A 10 -26.30 16.23 29.50
CA ALA A 10 -26.96 17.00 28.46
C ALA A 10 -26.03 18.08 27.93
N ALA A 11 -26.31 18.52 26.70
CA ALA A 11 -25.50 19.54 26.04
C ALA A 11 -26.42 20.51 25.32
N LYS A 12 -26.23 21.79 25.57
CA LYS A 12 -26.98 22.86 24.91
C LYS A 12 -26.01 23.77 24.15
N PHE A 13 -26.57 24.81 23.54
CA PHE A 13 -25.80 25.83 22.82
C PHE A 13 -24.97 25.18 21.70
N TYR A 14 -25.67 24.80 20.64
CA TYR A 14 -25.00 24.24 19.48
C TYR A 14 -24.30 25.34 18.70
N GLN A 15 -23.34 24.95 17.87
CA GLN A 15 -22.48 25.92 17.20
C GLN A 15 -23.30 26.80 16.26
N GLU A 16 -22.88 28.07 16.18
CA GLU A 16 -23.36 29.04 15.21
C GLU A 16 -24.82 29.42 15.50
N ASP A 17 -24.97 30.15 16.60
CA ASP A 17 -26.21 30.85 16.94
C ASP A 17 -25.82 32.12 17.68
N ILE A 18 -26.76 32.68 18.43
CA ILE A 18 -26.57 33.94 19.13
C ILE A 18 -27.02 33.75 20.57
N VAL A 19 -26.17 34.13 21.51
CA VAL A 19 -26.41 33.97 22.93
C VAL A 19 -26.22 35.31 23.62
N GLN A 20 -26.43 35.32 24.94
CA GLN A 20 -26.34 36.53 25.74
C GLN A 20 -25.92 36.15 27.15
N ARG A 21 -25.00 36.92 27.73
CA ARG A 21 -24.56 36.66 29.08
C ARG A 21 -25.66 36.97 30.08
N LYS A 22 -25.64 36.26 31.21
CA LYS A 22 -26.66 36.47 32.23
C LYS A 22 -26.60 37.90 32.77
N ASP A 23 -25.41 38.46 32.86
CA ASP A 23 -25.22 39.86 33.21
C ASP A 23 -24.86 40.66 31.95
N ASP A 24 -25.11 41.97 32.01
CA ASP A 24 -24.94 42.85 30.87
C ASP A 24 -25.74 42.35 29.66
N SER A 25 -27.06 42.53 29.78
CA SER A 25 -27.99 42.05 28.76
C SER A 25 -28.03 43.00 27.57
N ASN A 26 -26.91 43.64 27.27
CA ASN A 26 -26.77 44.47 26.07
C ASN A 26 -25.77 43.92 25.08
N THR A 27 -24.90 42.99 25.51
CA THR A 27 -23.91 42.37 24.64
C THR A 27 -24.42 41.01 24.16
N PHE A 28 -24.03 40.65 22.95
CA PHE A 28 -24.47 39.42 22.32
C PHE A 28 -23.26 38.60 21.89
N GLY A 29 -23.43 37.27 21.91
CA GLY A 29 -22.35 36.36 21.63
C GLY A 29 -22.46 35.70 20.28
N VAL A 30 -21.32 35.20 19.80
CA VAL A 30 -21.24 34.56 18.49
C VAL A 30 -21.06 33.06 18.59
N ILE A 31 -20.71 32.54 19.77
CA ILE A 31 -20.54 31.11 20.09
C ILE A 31 -19.97 30.32 18.92
N LEU A 32 -18.64 30.26 18.83
CA LEU A 32 -17.95 29.54 17.76
C LEU A 32 -17.53 28.15 18.16
N ARG A 33 -16.90 28.00 19.32
CA ARG A 33 -16.44 26.70 19.81
C ARG A 33 -17.53 26.08 20.68
N CYS A 34 -18.02 24.92 20.29
CA CYS A 34 -19.07 24.22 21.02
C CYS A 34 -18.48 23.04 21.77
N TRP A 35 -19.04 22.76 22.95
CA TRP A 35 -18.56 21.66 23.77
C TRP A 35 -18.74 20.33 23.06
N GLN A 36 -17.68 19.53 23.05
CA GLN A 36 -17.61 18.24 22.36
C GLN A 36 -17.82 18.42 20.86
N ASP A 37 -16.78 18.87 20.17
CA ASP A 37 -16.84 19.07 18.72
C ASP A 37 -15.75 18.29 17.99
N ALA A 38 -14.48 18.59 18.25
CA ALA A 38 -13.37 17.90 17.60
C ALA A 38 -12.10 18.01 18.43
N ASP A 49 -2.36 30.25 20.99
CA ASP A 49 -3.05 31.08 21.98
C ASP A 49 -3.72 30.20 23.03
N PRO A 50 -3.95 30.75 24.23
CA PRO A 50 -4.64 29.97 25.27
C PRO A 50 -6.04 29.55 24.88
N LEU A 51 -6.67 30.25 23.94
CA LEU A 51 -7.98 29.85 23.44
C LEU A 51 -7.82 28.71 22.44
N MET A 52 -8.95 28.26 21.89
CA MET A 52 -9.01 27.08 21.01
C MET A 52 -8.45 25.83 21.67
N ARG A 53 -8.36 25.85 22.99
CA ARG A 53 -7.89 24.70 23.77
C ARG A 53 -8.99 23.65 23.84
N PRO A 54 -8.67 22.44 24.32
CA PRO A 54 -9.74 21.45 24.54
C PRO A 54 -10.71 21.91 25.62
N LEU A 55 -11.99 21.67 25.38
CA LEU A 55 -13.06 22.11 26.26
C LEU A 55 -13.65 20.93 27.02
N VAL A 56 -13.92 21.12 28.31
CA VAL A 56 -14.42 20.04 29.15
C VAL A 56 -15.94 20.04 29.18
N GLN A 57 -16.53 19.12 29.94
CA GLN A 57 -17.98 18.92 29.98
C GLN A 57 -18.71 20.16 30.47
N GLY A 58 -19.30 20.90 29.55
CA GLY A 58 -20.05 22.09 29.91
C GLY A 58 -19.26 23.37 29.73
N GLU A 59 -18.49 23.45 28.64
CA GLU A 59 -17.68 24.61 28.33
C GLU A 59 -17.81 24.94 26.85
N VAL A 60 -18.15 26.18 26.54
CA VAL A 60 -18.29 26.63 25.16
C VAL A 60 -17.48 27.91 24.96
N GLY A 61 -16.85 28.04 23.79
CA GLY A 61 -16.18 29.26 23.44
C GLY A 61 -17.09 30.21 22.69
N VAL A 62 -16.89 31.50 22.89
CA VAL A 62 -17.79 32.51 22.35
C VAL A 62 -17.03 33.81 22.16
N SER A 63 -17.20 34.42 20.99
CA SER A 63 -16.76 35.77 20.72
C SER A 63 -17.95 36.73 20.78
N TYR A 64 -17.65 38.00 21.01
CA TYR A 64 -18.69 39.00 21.24
C TYR A 64 -18.68 40.05 20.13
N PHE A 65 -19.88 40.48 19.75
CA PHE A 65 -20.00 41.58 18.81
C PHE A 65 -19.72 42.91 19.53
N PRO A 66 -19.18 43.90 18.82
CA PRO A 66 -18.79 43.86 17.42
C PRO A 66 -17.35 43.38 17.22
N MET A 69 -13.41 40.39 22.27
CA MET A 69 -12.90 39.78 23.48
C MET A 69 -13.40 38.34 23.60
N ARG A 70 -12.63 37.41 23.05
CA ARG A 70 -13.00 36.00 23.09
C ARG A 70 -12.77 35.41 24.47
N GLU A 71 -13.62 34.48 24.85
CA GLU A 71 -13.49 33.80 26.13
C GLU A 71 -14.23 32.46 26.07
N ILE A 72 -13.79 31.53 26.91
CA ILE A 72 -14.38 30.21 27.01
C ILE A 72 -15.06 30.11 28.37
N VAL A 73 -16.38 30.07 28.39
CA VAL A 73 -17.15 30.12 29.62
C VAL A 73 -18.00 28.86 29.69
N PRO A 74 -18.46 28.49 30.89
CA PRO A 74 -19.43 27.39 31.00
C PRO A 74 -20.74 27.73 30.33
N GLU A 75 -21.53 26.70 30.06
CA GLU A 75 -22.79 26.89 29.34
C GLU A 75 -23.84 27.57 30.22
N ASP A 76 -23.78 27.37 31.53
CA ASP A 76 -24.81 27.90 32.41
C ASP A 76 -24.80 29.43 32.47
N THR A 77 -23.68 30.07 32.15
CA THR A 77 -23.59 31.52 32.27
C THR A 77 -24.33 32.22 31.14
N LEU A 78 -24.30 31.66 29.93
CA LEU A 78 -24.90 32.29 28.77
C LEU A 78 -26.36 31.89 28.64
N GLU A 79 -27.09 32.61 27.78
CA GLU A 79 -28.50 32.39 27.55
C GLU A 79 -28.80 32.54 26.07
N LEU A 80 -29.66 31.67 25.55
CA LEU A 80 -29.97 31.65 24.13
C LEU A 80 -30.75 32.89 23.72
N VAL A 81 -30.45 33.39 22.51
CA VAL A 81 -31.15 34.55 21.95
C VAL A 81 -31.81 34.14 20.64
N ASP A 82 -31.01 33.70 19.67
CA ASP A 82 -31.53 33.28 18.38
C ASP A 82 -30.67 32.13 17.86
N ARG A 83 -31.16 31.49 16.79
CA ARG A 83 -30.49 30.34 16.21
C ARG A 83 -30.44 30.49 14.69
N LEU A 84 -29.40 29.92 14.09
CA LEU A 84 -29.15 30.02 12.66
C LEU A 84 -29.69 28.77 11.97
N TYR A 85 -30.66 28.96 11.07
CA TYR A 85 -31.23 27.88 10.27
C TYR A 85 -31.36 28.33 8.83
N GLN A 86 -30.92 27.48 7.91
CA GLN A 86 -31.05 27.75 6.49
C GLN A 86 -32.00 26.73 5.85
N PRO A 87 -32.68 27.10 4.77
CA PRO A 87 -33.52 26.13 4.06
C PRO A 87 -32.73 24.93 3.60
N GLY A 88 -33.12 23.75 4.06
CA GLY A 88 -32.43 22.51 3.79
C GLY A 88 -31.81 21.88 5.01
N ASP A 89 -31.66 22.63 6.10
CA ASP A 89 -31.10 22.08 7.33
C ASP A 89 -32.13 21.23 8.06
N LEU A 90 -31.64 20.40 8.97
CA LEU A 90 -32.46 19.48 9.73
C LEU A 90 -32.56 19.94 11.18
N LEU A 91 -33.65 19.54 11.84
CA LEU A 91 -33.90 20.00 13.20
C LEU A 91 -34.89 19.07 13.88
N LYS A 92 -34.86 19.08 15.20
CA LYS A 92 -35.80 18.35 16.04
C LYS A 92 -36.29 19.27 17.16
N ARG A 93 -37.38 18.86 17.81
CA ARG A 93 -37.83 19.58 18.99
C ARG A 93 -36.86 19.40 20.15
N SER A 94 -36.25 18.23 20.26
CA SER A 94 -35.24 17.97 21.28
C SER A 94 -34.42 16.76 20.82
N VAL A 95 -33.23 16.61 21.42
CA VAL A 95 -32.37 15.50 21.05
C VAL A 95 -33.00 14.17 21.41
N ASP A 96 -33.87 14.15 22.42
CA ASP A 96 -34.54 12.92 22.81
C ASP A 96 -35.59 12.47 21.79
N ASP A 97 -36.03 13.39 20.92
CA ASP A 97 -37.05 13.06 19.94
C ASP A 97 -36.45 12.29 18.78
N VAL A 98 -37.10 11.18 18.39
CA VAL A 98 -36.65 10.42 17.24
C VAL A 98 -37.15 11.05 15.94
N ARG A 99 -38.29 11.73 15.98
CA ARG A 99 -38.88 12.33 14.79
C ARG A 99 -38.17 13.64 14.48
N SER A 100 -37.60 13.74 13.28
CA SER A 100 -36.89 14.92 12.83
C SER A 100 -37.66 15.60 11.70
N GLY A 101 -37.16 16.77 11.29
CA GLY A 101 -37.79 17.55 10.26
C GLY A 101 -36.76 18.35 9.48
N VAL A 102 -37.21 19.01 8.42
CA VAL A 102 -36.36 19.81 7.56
C VAL A 102 -36.96 21.21 7.43
N VAL A 103 -36.11 22.23 7.47
CA VAL A 103 -36.55 23.61 7.35
C VAL A 103 -36.83 23.93 5.89
N THR A 104 -38.04 24.44 5.62
CA THR A 104 -38.42 24.80 4.26
C THR A 104 -38.42 26.30 4.01
N ARG A 105 -38.45 27.12 5.06
CA ARG A 105 -38.40 28.56 4.91
C ARG A 105 -37.95 29.18 6.23
N THR A 106 -37.25 30.31 6.13
CA THR A 106 -36.70 30.99 7.29
C THR A 106 -37.15 32.44 7.27
N HIS A 107 -37.87 32.86 8.30
CA HIS A 107 -38.28 34.24 8.49
C HIS A 107 -37.44 34.84 9.61
N VAL A 108 -36.90 36.04 9.37
CA VAL A 108 -35.98 36.68 10.31
C VAL A 108 -36.36 38.15 10.44
N LYS A 109 -36.56 38.60 11.67
CA LYS A 109 -36.70 40.02 11.99
C LYS A 109 -35.56 40.42 12.91
N GLY A 110 -35.04 41.63 12.70
CA GLY A 110 -33.87 42.06 13.45
C GLY A 110 -33.87 43.55 13.71
N ARG A 111 -33.18 43.93 14.77
CA ARG A 111 -32.95 45.34 15.07
C ARG A 111 -31.75 45.84 14.27
N LEU A 112 -31.79 47.13 13.91
CA LEU A 112 -30.78 47.72 13.07
C LEU A 112 -30.14 48.91 13.77
N GLU A 113 -28.88 49.17 13.43
CA GLU A 113 -28.12 50.29 13.98
C GLU A 113 -27.16 50.77 12.91
N HIS A 114 -27.00 52.09 12.81
CA HIS A 114 -26.09 52.67 11.83
C HIS A 114 -24.67 52.20 12.09
N ALA A 115 -23.94 51.91 11.01
CA ALA A 115 -22.63 51.28 11.15
C ALA A 115 -21.61 52.23 11.75
N VAL A 116 -21.56 53.47 11.26
CA VAL A 116 -20.59 54.44 11.76
C VAL A 116 -21.21 55.46 12.72
N SER A 117 -22.53 55.62 12.72
CA SER A 117 -23.19 56.57 13.61
C SER A 117 -23.61 55.95 14.93
N SER A 118 -23.73 54.62 14.98
CA SER A 118 -24.13 53.90 16.20
C SER A 118 -25.48 54.39 16.71
N PHE A 119 -26.44 54.49 15.80
CA PHE A 119 -27.79 54.95 16.11
C PHE A 119 -28.77 53.82 15.79
N SER A 120 -29.41 53.28 16.82
CA SER A 120 -30.34 52.17 16.65
C SER A 120 -31.69 52.70 16.18
N LEU A 121 -32.16 52.19 15.05
CA LEU A 121 -33.48 52.58 14.55
C LEU A 121 -34.55 51.92 15.40
N PRO A 122 -35.57 52.66 15.84
CA PRO A 122 -36.59 52.08 16.72
C PRO A 122 -37.47 51.10 15.97
N GLY A 123 -37.71 49.94 16.58
CA GLY A 123 -38.58 48.94 16.01
C GLY A 123 -37.81 47.85 15.29
N TRP A 124 -38.45 46.68 15.19
CA TRP A 124 -37.89 45.55 14.47
C TRP A 124 -38.32 45.58 13.02
N LYS A 125 -37.39 45.23 12.13
CA LYS A 125 -37.64 45.27 10.70
C LYS A 125 -37.50 43.87 10.12
N SER A 126 -38.28 43.62 9.06
CA SER A 126 -38.26 42.33 8.38
C SER A 126 -37.30 42.37 7.19
N MET A 127 -36.98 41.18 6.67
CA MET A 127 -36.10 41.08 5.51
C MET A 127 -36.76 41.58 4.23
N GLU A 128 -38.09 41.77 4.24
CA GLU A 128 -38.79 42.27 3.06
C GLU A 128 -38.58 43.76 2.84
N GLU A 129 -38.15 44.50 3.86
CA GLU A 129 -37.96 45.94 3.74
C GLU A 129 -36.48 46.34 3.83
N ILE A 130 -35.56 45.38 3.89
CA ILE A 130 -34.13 45.66 3.92
C ILE A 130 -33.45 44.91 2.79
N GLU A 131 -32.28 45.41 2.42
CA GLU A 131 -31.45 44.80 1.38
C GLU A 131 -30.02 44.67 1.89
N SER A 132 -29.15 44.10 1.06
CA SER A 132 -27.75 43.92 1.42
C SER A 132 -26.95 45.14 0.99
N ALA A 133 -26.10 45.63 1.89
CA ALA A 133 -25.26 46.79 1.59
C ALA A 133 -24.12 46.43 0.65
N VAL A 134 -23.47 45.29 0.88
CA VAL A 134 -22.40 44.83 0.01
C VAL A 134 -23.00 44.30 -1.29
N GLU A 135 -22.50 44.77 -2.42
CA GLU A 135 -23.01 44.32 -3.71
C GLU A 135 -22.63 42.86 -3.97
N ILE A 136 -21.39 42.50 -3.64
CA ILE A 136 -20.91 41.13 -3.80
C ILE A 136 -19.86 40.86 -2.73
N ASP A 137 -19.66 39.58 -2.43
CA ASP A 137 -18.69 39.18 -1.42
C ASP A 137 -18.01 37.89 -1.89
N MET A 138 -17.08 37.40 -1.06
CA MET A 138 -16.31 36.23 -1.43
C MET A 138 -17.18 34.98 -1.44
N GLY A 139 -16.99 34.14 -2.46
CA GLY A 139 -17.71 32.90 -2.58
C GLY A 139 -19.00 32.98 -3.38
N GLU A 140 -19.44 34.17 -3.75
CA GLU A 140 -20.68 34.31 -4.50
C GLU A 140 -20.50 33.79 -5.93
N TYR A 141 -21.62 33.67 -6.63
CA TYR A 141 -21.65 33.19 -8.00
C TYR A 141 -21.92 34.35 -8.96
N VAL A 142 -21.26 34.31 -10.12
CA VAL A 142 -21.47 35.30 -11.17
C VAL A 142 -21.57 34.57 -12.50
N ILE A 143 -22.27 35.20 -13.45
CA ILE A 143 -22.55 34.60 -14.75
C ILE A 143 -22.22 35.60 -15.84
N TYR A 144 -21.37 35.18 -16.79
CA TYR A 144 -21.07 35.97 -17.98
C TYR A 144 -21.21 35.06 -19.19
N ASN A 145 -21.76 35.62 -20.27
CA ASN A 145 -22.12 34.84 -21.46
C ASN A 145 -23.04 33.69 -21.07
N ASP A 146 -22.53 32.46 -21.15
CA ASP A 146 -23.26 31.29 -20.68
C ASP A 146 -22.39 30.46 -19.74
N TRP A 147 -21.51 31.12 -18.99
CA TRP A 147 -20.65 30.49 -18.01
C TRP A 147 -21.07 30.91 -16.61
N VAL A 148 -20.69 30.09 -15.63
CA VAL A 148 -20.91 30.39 -14.22
C VAL A 148 -19.58 30.24 -13.48
N GLY A 149 -19.29 31.20 -12.60
CA GLY A 149 -18.05 31.19 -11.86
C GLY A 149 -18.26 31.66 -10.43
N GLN A 150 -17.22 31.50 -9.64
CA GLN A 150 -17.23 31.89 -8.23
C GLN A 150 -16.10 32.86 -7.96
N VAL A 151 -16.42 33.94 -7.23
CA VAL A 151 -15.39 34.90 -6.83
C VAL A 151 -14.50 34.26 -5.78
N VAL A 152 -13.20 34.20 -6.06
CA VAL A 152 -12.25 33.56 -5.16
C VAL A 152 -11.34 34.57 -4.45
N GLU A 153 -11.00 35.68 -5.08
CA GLU A 153 -10.18 36.70 -4.46
C GLU A 153 -10.64 38.08 -4.92
N MET A 154 -10.53 39.06 -4.03
CA MET A 154 -10.98 40.42 -4.30
C MET A 154 -9.92 41.42 -3.87
N PHE A 155 -9.70 42.43 -4.71
CA PHE A 155 -8.87 43.58 -4.39
C PHE A 155 -9.81 44.78 -4.24
N ASP A 156 -9.98 45.25 -3.01
CA ASP A 156 -10.92 46.31 -2.70
C ASP A 156 -10.19 47.46 -2.01
N GLU A 157 -10.16 48.62 -2.67
CA GLU A 157 -9.65 49.84 -2.07
C GLU A 157 -10.79 50.53 -1.32
N SER A 158 -10.54 50.88 -0.06
CA SER A 158 -11.56 51.38 0.83
C SER A 158 -11.13 52.69 1.46
N LEU A 159 -12.08 53.37 2.09
CA LEU A 159 -11.84 54.61 2.80
C LEU A 159 -11.94 54.38 4.30
N VAL A 160 -11.20 55.17 5.07
CA VAL A 160 -11.21 55.09 6.53
C VAL A 160 -11.26 56.49 7.10
N GLU A 161 -12.18 56.73 8.04
CA GLU A 161 -12.30 58.03 8.68
C GLU A 161 -11.19 58.16 9.72
N VAL A 162 -10.27 59.09 9.49
CA VAL A 162 -9.13 59.31 10.38
C VAL A 162 -9.63 59.86 11.71
N PRO A 163 -8.81 59.87 12.76
CA PRO A 163 -9.25 60.47 14.04
C PRO A 163 -9.79 61.88 13.89
N GLY A 164 -9.17 62.71 13.06
CA GLY A 164 -9.64 64.06 12.85
C GLY A 164 -9.96 64.36 11.40
N GLY A 165 -11.20 64.07 10.99
CA GLY A 165 -11.57 64.28 9.60
C GLY A 165 -10.81 63.34 8.69
N THR A 166 -10.44 63.85 7.52
CA THR A 166 -9.59 63.15 6.55
C THR A 166 -10.16 61.80 6.17
N LEU A 167 -11.04 61.76 5.16
CA LEU A 167 -11.55 60.51 4.61
C LEU A 167 -10.50 59.93 3.65
N VAL A 168 -9.40 59.49 4.25
CA VAL A 168 -8.25 59.01 3.49
C VAL A 168 -8.55 57.65 2.89
N ARG A 169 -8.03 57.42 1.69
CA ARG A 169 -8.22 56.15 0.98
C ARG A 169 -7.16 55.14 1.42
N LEU A 170 -7.45 53.87 1.15
CA LEU A 170 -6.55 52.78 1.50
C LEU A 170 -6.72 51.67 0.47
N PRO A 171 -5.61 51.20 -0.15
CA PRO A 171 -5.67 50.13 -1.15
C PRO A 171 -6.01 48.78 -0.54
N LEU A 173 -6.79 45.52 -1.27
CA LEU A 173 -5.68 44.75 -0.71
C LEU A 173 -5.96 43.25 -0.76
N SER A 174 -6.69 42.75 0.23
CA SER A 174 -7.00 41.33 0.32
C SER A 174 -8.38 41.07 0.90
N ALA A 175 -9.30 42.02 0.70
CA ALA A 175 -10.72 41.89 1.08
C ALA A 175 -10.81 41.74 2.60
N ARG A 176 -11.88 41.09 3.06
CA ARG A 176 -12.15 40.82 4.48
C ARG A 176 -12.41 42.09 5.29
N LEU A 177 -12.73 43.20 4.63
CA LEU A 177 -13.00 44.46 5.31
C LEU A 177 -14.47 44.85 5.12
N ALA A 178 -15.05 45.44 6.16
CA ALA A 178 -16.44 45.87 6.13
C ALA A 178 -16.57 47.22 6.81
N VAL A 179 -17.76 47.80 6.73
CA VAL A 179 -18.02 49.12 7.29
C VAL A 179 -18.02 49.01 8.81
N GLY A 180 -17.00 49.57 9.44
CA GLY A 180 -16.84 49.47 10.88
C GLY A 180 -15.53 48.80 11.26
N GLU A 181 -14.63 49.54 11.90
CA GLU A 181 -13.30 49.02 12.19
C GLU A 181 -12.95 49.12 13.67
N LYS A 182 -11.71 48.77 14.01
CA LYS A 182 -11.23 48.82 15.39
C LYS A 182 -9.72 48.83 15.42
N GLY A 183 -9.10 49.60 14.52
CA GLY A 183 -7.65 49.68 14.43
C GLY A 183 -7.03 48.46 13.79
N SER A 208 -3.96 55.78 13.23
CA SER A 208 -4.05 54.34 13.34
C SER A 208 -4.74 53.94 14.64
N ASP A 209 -5.69 54.76 15.09
CA ASP A 209 -6.42 54.54 16.32
C ASP A 209 -7.85 54.08 15.97
N ARG A 210 -8.82 54.48 16.79
CA ARG A 210 -10.22 54.08 16.60
C ARG A 210 -10.78 54.79 15.37
N ASP A 211 -10.48 54.23 14.20
CA ASP A 211 -10.96 54.76 12.93
C ASP A 211 -12.18 53.97 12.48
N THR A 212 -13.02 54.63 11.67
CA THR A 212 -14.25 54.04 11.16
C THR A 212 -14.16 53.92 9.64
N VAL A 213 -14.50 52.74 9.13
CA VAL A 213 -14.53 52.52 7.69
C VAL A 213 -15.80 53.18 7.13
N ILE A 214 -15.63 54.09 6.18
CA ILE A 214 -16.77 54.77 5.59
C ILE A 214 -17.27 54.05 4.33
N SER A 215 -16.37 53.44 3.57
CA SER A 215 -16.77 52.76 2.34
C SER A 215 -15.86 51.56 2.11
N VAL A 216 -16.37 50.60 1.34
CA VAL A 216 -15.62 49.43 0.90
C VAL A 216 -15.98 49.21 -0.57
N LYS A 217 -15.05 49.52 -1.47
CA LYS A 217 -15.29 49.46 -2.90
C LYS A 217 -14.42 48.35 -3.49
N HIS A 218 -15.08 47.28 -3.94
CA HIS A 218 -14.38 46.15 -4.57
C HIS A 218 -14.03 46.51 -6.00
N THR A 219 -12.73 46.49 -6.32
CA THR A 219 -12.28 46.86 -7.67
C THR A 219 -12.08 45.63 -8.54
N VAL A 220 -11.05 44.84 -8.26
CA VAL A 220 -10.71 43.66 -9.05
C VAL A 220 -11.38 42.44 -8.44
N LEU A 221 -12.04 41.66 -9.29
CA LEU A 221 -12.75 40.45 -8.87
C LEU A 221 -12.15 39.26 -9.61
N ALA A 222 -11.48 38.37 -8.86
CA ALA A 222 -10.95 37.14 -9.44
C ALA A 222 -12.05 36.10 -9.48
N VAL A 223 -12.44 35.68 -10.68
CA VAL A 223 -13.56 34.76 -10.88
C VAL A 223 -13.00 33.43 -11.36
N ALA A 224 -13.19 32.39 -10.54
CA ALA A 224 -12.83 31.02 -10.91
C ALA A 224 -14.05 30.40 -11.59
N TRP A 225 -14.02 30.32 -12.92
CA TRP A 225 -15.14 29.79 -13.67
C TRP A 225 -15.22 28.28 -13.52
N LEU A 226 -16.45 27.77 -13.47
CA LEU A 226 -16.68 26.36 -13.17
C LEU A 226 -17.01 25.57 -14.43
N ALA A 227 -18.15 25.86 -15.04
CA ALA A 227 -18.53 25.22 -16.30
C ALA A 227 -19.50 26.14 -17.03
N ILE A 228 -19.89 25.72 -18.24
CA ILE A 228 -20.75 26.52 -19.10
C ILE A 228 -22.19 26.03 -19.00
N ASN A 229 -23.09 26.68 -19.73
CA ASN A 229 -24.49 26.29 -19.74
C ASN A 229 -24.64 24.91 -20.38
N GLN A 230 -25.22 23.96 -19.64
CA GLN A 230 -25.37 22.59 -20.12
C GLN A 230 -26.52 22.43 -21.09
N SER A 231 -27.29 23.50 -21.36
CA SER A 231 -28.37 23.42 -22.33
C SER A 231 -27.92 23.68 -23.76
N LEU A 232 -26.81 24.39 -23.95
CA LEU A 232 -26.32 24.67 -25.28
C LEU A 232 -25.85 23.40 -25.97
N SER A 233 -25.98 23.37 -27.30
CA SER A 233 -25.55 22.23 -28.08
C SER A 233 -24.03 22.12 -28.04
N PRO A 234 -23.50 20.90 -28.25
CA PRO A 234 -22.03 20.76 -28.27
C PRO A 234 -21.35 21.62 -29.31
N GLU A 235 -22.05 21.99 -30.39
CA GLU A 235 -21.47 22.91 -31.37
C GLU A 235 -21.35 24.31 -30.80
N GLU A 236 -22.39 24.79 -30.11
CA GLU A 236 -22.33 26.10 -29.49
C GLU A 236 -21.47 26.12 -28.23
N ALA A 237 -21.06 24.95 -27.73
CA ALA A 237 -20.23 24.91 -26.53
C ALA A 237 -18.85 25.49 -26.79
N GLN A 238 -18.22 25.09 -27.90
CA GLN A 238 -16.93 25.66 -28.28
C GLN A 238 -17.03 27.11 -28.70
N GLY A 239 -18.21 27.55 -29.16
CA GLY A 239 -18.41 28.95 -29.51
C GLY A 239 -18.41 29.89 -28.33
N LYS A 240 -18.53 29.37 -27.11
CA LYS A 240 -18.48 30.18 -25.90
C LYS A 240 -17.18 29.88 -25.16
N PRO A 241 -16.30 30.85 -24.99
CA PRO A 241 -15.00 30.58 -24.37
C PRO A 241 -15.04 30.71 -22.85
N ARG A 242 -13.95 30.27 -22.23
CA ARG A 242 -13.78 30.47 -20.80
C ARG A 242 -13.46 31.94 -20.56
N PRO A 243 -14.29 32.67 -19.79
CA PRO A 243 -14.11 34.12 -19.69
C PRO A 243 -12.83 34.54 -18.98
N GLN A 244 -12.66 35.85 -18.81
CA GLN A 244 -11.44 36.39 -18.22
C GLN A 244 -11.29 35.94 -16.77
N ARG A 245 -10.05 36.02 -16.28
CA ARG A 245 -9.79 35.67 -14.89
C ARG A 245 -10.11 36.84 -13.96
N TYR A 246 -9.65 38.04 -14.30
CA TYR A 246 -9.86 39.23 -13.49
C TYR A 246 -10.93 40.12 -14.13
N TRP A 247 -11.74 40.75 -13.30
CA TRP A 247 -12.80 41.64 -13.74
C TRP A 247 -12.71 42.94 -12.96
N TYR A 248 -12.77 44.06 -13.68
CA TYR A 248 -12.59 45.37 -13.07
C TYR A 248 -13.12 46.44 -14.02
N GLY A 249 -13.30 47.65 -13.48
CA GLY A 249 -13.66 48.79 -14.30
C GLY A 249 -15.02 48.64 -14.93
N GLU A 250 -15.12 49.04 -16.20
CA GLU A 250 -16.40 49.01 -16.91
C GLU A 250 -16.85 47.59 -17.25
N ASP A 251 -16.00 46.58 -17.05
CA ASP A 251 -16.38 45.20 -17.32
C ASP A 251 -17.30 44.62 -16.26
N LEU A 252 -17.43 45.27 -15.10
CA LEU A 252 -18.28 44.74 -14.04
C LEU A 252 -19.75 44.71 -14.46
N GLY A 253 -20.19 45.68 -15.25
CA GLY A 253 -21.58 45.75 -15.66
C GLY A 253 -22.05 44.58 -16.51
N LYS A 254 -21.13 43.77 -17.01
CA LYS A 254 -21.49 42.62 -17.84
C LYS A 254 -21.73 41.36 -17.04
N LEU A 255 -21.30 41.31 -15.78
CA LEU A 255 -21.51 40.13 -14.95
C LEU A 255 -22.96 40.05 -14.49
N THR A 256 -23.28 38.98 -13.78
CA THR A 256 -24.64 38.75 -13.29
C THR A 256 -24.56 38.05 -11.94
N THR A 257 -24.94 38.75 -10.88
CA THR A 257 -24.88 38.18 -9.54
C THR A 257 -25.97 37.12 -9.36
N ILE A 258 -25.65 36.11 -8.56
CA ILE A 258 -26.59 35.03 -8.23
C ILE A 258 -26.71 35.00 -6.71
N THR A 259 -27.88 35.38 -6.21
CA THR A 259 -28.11 35.46 -4.77
C THR A 259 -28.66 34.13 -4.26
N ARG A 260 -28.07 33.63 -3.18
CA ARG A 260 -28.50 32.38 -2.56
C ARG A 260 -29.61 32.66 -1.56
N LYS A 261 -30.79 32.08 -1.80
CA LYS A 261 -31.91 32.30 -0.88
C LYS A 261 -31.65 31.70 0.49
N ALA A 262 -30.85 30.63 0.56
CA ALA A 262 -30.52 30.03 1.84
C ALA A 262 -29.66 30.95 2.70
N GLU A 263 -28.87 31.82 2.06
CA GLU A 263 -28.03 32.77 2.77
C GLU A 263 -28.70 34.12 2.98
N GLU A 264 -29.84 34.37 2.32
CA GLU A 264 -30.54 35.63 2.50
C GLU A 264 -31.15 35.77 3.89
N ALA A 265 -31.11 34.73 4.70
CA ALA A 265 -31.54 34.84 6.10
C ALA A 265 -30.65 35.84 6.83
N MET A 266 -31.25 36.91 7.31
CA MET A 266 -30.50 38.00 7.93
C MET A 266 -29.78 37.50 9.18
N ARG A 267 -28.45 37.60 9.17
CA ARG A 267 -27.63 37.23 10.31
C ARG A 267 -27.20 38.47 11.08
N VAL A 268 -26.67 38.24 12.27
CA VAL A 268 -26.24 39.33 13.15
C VAL A 268 -24.92 39.89 12.64
N GLY A 269 -24.83 41.22 12.61
CA GLY A 269 -23.63 41.90 12.16
C GLY A 269 -23.56 42.15 10.67
N ASP A 270 -24.56 41.72 9.91
CA ASP A 270 -24.54 41.90 8.46
C ASP A 270 -24.71 43.38 8.12
N ARG A 271 -23.99 43.82 7.09
CA ARG A 271 -24.11 45.18 6.59
C ARG A 271 -25.32 45.25 5.67
N VAL A 272 -26.38 45.91 6.12
CA VAL A 272 -27.64 45.97 5.40
C VAL A 272 -28.05 47.44 5.24
N LYS A 273 -29.03 47.65 4.36
CA LYS A 273 -29.54 48.99 4.09
C LYS A 273 -31.06 48.92 3.93
N LEU A 274 -31.74 49.97 4.38
CA LEU A 274 -33.18 50.04 4.27
C LEU A 274 -33.59 50.43 2.85
N LYS A 275 -34.61 49.75 2.33
CA LYS A 275 -35.09 49.98 0.97
C LYS A 275 -35.79 51.33 0.90
N ASN A 276 -35.07 52.34 0.42
CA ASN A 276 -35.59 53.69 0.22
C ASN A 276 -36.11 54.28 1.55
N THR A 277 -35.15 54.65 2.39
CA THR A 277 -35.46 55.25 3.68
C THR A 277 -34.24 55.99 4.23
N PRO A 281 -31.36 57.34 8.39
CA PRO A 281 -30.01 57.66 8.86
C PRO A 281 -28.96 57.59 7.74
N VAL A 282 -28.30 58.70 7.47
CA VAL A 282 -27.29 58.77 6.42
C VAL A 282 -25.92 59.19 6.96
N THR A 283 -25.84 59.82 8.13
CA THR A 283 -24.59 60.27 8.73
C THR A 283 -23.86 61.25 7.83
N ARG A 284 -22.72 60.83 7.29
CA ARG A 284 -21.89 61.71 6.46
C ARG A 284 -22.59 62.03 5.15
N ILE A 293 -19.40 62.28 1.26
CA ILE A 293 -19.94 61.02 0.76
C ILE A 293 -20.99 60.48 1.74
N GLU A 294 -22.13 60.07 1.18
CA GLU A 294 -23.20 59.51 1.99
C GLU A 294 -22.87 58.08 2.41
N VAL A 295 -23.24 57.72 3.63
CA VAL A 295 -22.94 56.41 4.20
C VAL A 295 -24.23 55.89 4.82
N ASP A 296 -25.05 55.21 4.01
CA ASP A 296 -26.31 54.63 4.48
C ASP A 296 -26.12 53.12 4.61
N THR A 297 -25.43 52.72 5.67
CA THR A 297 -25.14 51.32 5.95
C THR A 297 -25.50 51.00 7.39
N LEU A 298 -26.29 49.94 7.59
CA LEU A 298 -26.76 49.54 8.90
C LEU A 298 -26.19 48.18 9.26
N VAL A 299 -26.12 47.93 10.58
CA VAL A 299 -25.59 46.68 11.12
C VAL A 299 -26.68 46.05 11.98
N VAL A 300 -26.93 44.75 11.77
CA VAL A 300 -27.96 44.04 12.51
C VAL A 300 -27.49 43.83 13.93
N GLN A 301 -28.27 44.32 14.90
CA GLN A 301 -27.92 44.15 16.31
C GLN A 301 -28.24 42.74 16.80
N GLU A 302 -29.51 42.35 16.74
CA GLU A 302 -29.94 41.01 17.09
C GLU A 302 -30.98 40.56 16.08
N THR A 303 -31.31 39.27 16.11
CA THR A 303 -32.25 38.68 15.17
C THR A 303 -33.27 37.82 15.92
N ARG A 304 -34.40 37.58 15.26
CA ARG A 304 -35.43 36.67 15.76
C ARG A 304 -35.88 35.81 14.59
N THR A 305 -35.51 34.53 14.61
CA THR A 305 -35.72 33.63 13.49
C THR A 305 -36.90 32.71 13.76
N SER A 306 -37.77 32.58 12.76
CA SER A 306 -38.85 31.59 12.77
C SER A 306 -38.75 30.78 11.48
N VAL A 307 -38.92 29.46 11.60
CA VAL A 307 -38.70 28.54 10.50
C VAL A 307 -39.96 27.75 10.22
N ASP A 308 -40.19 27.45 8.94
CA ASP A 308 -41.25 26.54 8.52
C ASP A 308 -40.66 25.14 8.38
N VAL A 309 -41.19 24.19 9.14
CA VAL A 309 -40.61 22.86 9.27
C VAL A 309 -41.49 21.87 8.52
N LEU A 310 -40.85 20.94 7.81
CA LEU A 310 -41.52 19.80 7.20
C LEU A 310 -41.05 18.54 7.93
N TRP A 311 -41.92 18.00 8.77
CA TRP A 311 -41.55 16.85 9.58
C TRP A 311 -41.54 15.57 8.73
N GLN A 312 -40.93 14.52 9.30
CA GLN A 312 -40.83 13.26 8.58
C GLN A 312 -42.19 12.63 8.32
N ASP A 313 -43.15 12.84 9.23
CA ASP A 313 -44.48 12.27 9.09
C ASP A 313 -45.38 13.07 8.16
N GLY A 314 -44.82 13.92 7.30
CA GLY A 314 -45.58 14.66 6.33
C GLY A 314 -46.26 15.92 6.85
N THR A 315 -46.24 16.16 8.16
CA THR A 315 -46.89 17.33 8.72
C THR A 315 -45.98 18.55 8.60
N ARG A 316 -46.60 19.72 8.57
CA ARG A 316 -45.89 21.00 8.45
C ARG A 316 -46.35 21.94 9.54
N GLU A 317 -45.41 22.70 10.09
CA GLU A 317 -45.74 23.68 11.12
C GLU A 317 -44.61 24.71 11.21
N THR A 318 -44.95 25.87 11.73
CA THR A 318 -43.99 26.95 11.95
C THR A 318 -43.62 27.00 13.43
N MET A 319 -42.32 27.10 13.71
CA MET A 319 -41.82 27.02 15.06
C MET A 319 -40.89 28.19 15.36
N ASP A 320 -40.71 28.45 16.65
CA ASP A 320 -39.67 29.35 17.12
C ASP A 320 -38.37 28.56 17.27
N VAL A 321 -37.29 29.10 16.71
CA VAL A 321 -36.03 28.36 16.68
C VAL A 321 -35.47 28.13 18.09
N LYS A 322 -35.95 28.86 19.08
CA LYS A 322 -35.49 28.63 20.45
C LYS A 322 -36.00 27.32 21.01
N GLN A 323 -37.13 26.83 20.50
CA GLN A 323 -37.66 25.53 20.95
C GLN A 323 -36.95 24.37 20.27
N THR A 324 -36.48 24.57 19.05
CA THR A 324 -35.95 23.47 18.25
C THR A 324 -34.48 23.21 18.58
N VAL A 325 -33.97 22.09 18.07
CA VAL A 325 -32.59 21.68 18.24
C VAL A 325 -32.09 21.13 16.90
N PRO A 326 -30.93 21.57 16.42
CA PRO A 326 -30.48 21.14 15.08
C PRO A 326 -30.07 19.67 15.07
N TYR A 327 -30.54 18.94 14.05
CA TYR A 327 -30.19 17.54 13.84
C TYR A 327 -28.83 17.50 13.16
N LEU A 328 -27.78 17.47 13.97
CA LEU A 328 -26.42 17.56 13.42
C LEU A 328 -26.05 16.30 12.63
N ASN A 329 -26.01 15.15 13.31
CA ASN A 329 -25.59 13.90 12.69
C ASN A 329 -26.78 12.97 12.52
N PRO A 330 -27.38 12.91 11.33
CA PRO A 330 -28.53 12.02 11.13
C PRO A 330 -28.11 10.61 10.77
N ASP A 331 -29.05 9.68 10.99
CA ASP A 331 -28.81 8.29 10.61
C ASP A 331 -28.71 8.19 9.09
N GLU A 332 -27.94 7.19 8.63
CA GLU A 332 -27.70 7.03 7.20
C GLU A 332 -29.00 6.77 6.43
N TYR A 333 -30.02 6.22 7.09
CA TYR A 333 -31.29 5.91 6.46
C TYR A 333 -32.32 7.02 6.62
N ASP A 334 -31.95 8.14 7.21
CA ASP A 334 -32.92 9.21 7.46
C ASP A 334 -33.37 9.83 6.14
N CYS A 335 -34.67 9.76 5.88
CA CYS A 335 -35.28 10.34 4.69
C CYS A 335 -36.32 11.38 5.10
N TRP A 336 -36.74 12.17 4.13
CA TRP A 336 -37.70 13.25 4.36
C TRP A 336 -38.66 13.34 3.19
N PRO A 337 -39.87 13.85 3.43
CA PRO A 337 -40.86 13.92 2.33
C PRO A 337 -40.34 14.75 1.16
N GLY A 338 -40.45 14.17 -0.03
CA GLY A 338 -39.99 14.79 -1.25
C GLY A 338 -38.62 14.34 -1.71
N ASP A 339 -37.93 13.51 -0.93
CA ASP A 339 -36.59 13.06 -1.29
C ASP A 339 -36.67 11.85 -2.21
N HIS A 340 -35.70 11.76 -3.12
CA HIS A 340 -35.57 10.64 -4.03
C HIS A 340 -34.55 9.66 -3.45
N VAL A 341 -35.00 8.43 -3.20
CA VAL A 341 -34.18 7.43 -2.52
C VAL A 341 -34.22 6.13 -3.32
N LEU A 342 -33.36 5.20 -2.94
CA LEU A 342 -33.30 3.87 -3.53
C LEU A 342 -33.92 2.85 -2.57
N TRP A 343 -34.60 1.85 -3.13
CA TRP A 343 -35.30 0.84 -2.34
C TRP A 343 -34.79 -0.54 -2.74
N LYS A 344 -34.17 -1.24 -1.79
CA LYS A 344 -33.70 -2.61 -2.02
C LYS A 344 -34.78 -3.57 -1.54
N THR A 345 -35.80 -3.74 -2.38
CA THR A 345 -36.93 -4.58 -2.02
C THR A 345 -36.55 -6.06 -1.99
N GLU A 346 -35.82 -6.52 -2.99
CA GLU A 346 -35.38 -7.92 -3.04
C GLU A 346 -34.03 -8.03 -3.71
N ASP A 347 -34.02 -8.14 -5.04
CA ASP A 347 -32.78 -8.21 -5.81
C ASP A 347 -32.80 -7.17 -6.93
N HIS A 348 -33.48 -6.04 -6.72
CA HIS A 348 -33.58 -5.00 -7.73
C HIS A 348 -33.83 -3.67 -7.03
N LYS A 349 -32.84 -2.79 -7.05
CA LYS A 349 -33.00 -1.47 -6.46
C LYS A 349 -33.91 -0.63 -7.34
N ARG A 350 -34.98 -0.09 -6.74
CA ARG A 350 -35.99 0.65 -7.47
C ARG A 350 -35.95 2.13 -7.09
N HIS A 351 -36.50 2.95 -7.97
CA HIS A 351 -36.56 4.41 -7.78
C HIS A 351 -37.91 4.78 -7.17
N VAL A 352 -37.88 5.34 -5.96
CA VAL A 352 -39.09 5.74 -5.25
C VAL A 352 -38.88 7.13 -4.69
N VAL A 353 -40.01 7.78 -4.37
CA VAL A 353 -40.02 9.11 -3.77
C VAL A 353 -40.68 9.01 -2.41
N VAL A 354 -39.99 9.50 -1.38
CA VAL A 354 -40.49 9.38 -0.01
C VAL A 354 -41.69 10.30 0.18
N GLN A 355 -42.80 9.73 0.64
CA GLN A 355 -44.01 10.50 0.94
C GLN A 355 -44.14 10.80 2.43
N SER A 356 -43.90 9.80 3.29
CA SER A 356 -43.94 10.00 4.72
C SER A 356 -42.98 9.02 5.38
N VAL A 357 -42.54 9.38 6.58
CA VAL A 357 -41.59 8.57 7.36
C VAL A 357 -42.08 8.50 8.79
N ASN A 358 -42.18 7.29 9.32
CA ASN A 358 -42.52 7.06 10.73
C ASN A 358 -41.21 6.78 11.46
N ALA A 359 -40.62 7.83 12.04
CA ALA A 359 -39.35 7.69 12.73
C ALA A 359 -39.46 6.80 13.96
N GLN A 360 -40.66 6.66 14.53
CA GLN A 360 -40.83 5.79 15.69
C GLN A 360 -40.73 4.33 15.28
N ASP A 361 -41.56 3.90 14.34
CA ASP A 361 -41.54 2.52 13.87
C ASP A 361 -40.46 2.26 12.83
N ARG A 362 -39.75 3.30 12.39
CA ARG A 362 -38.68 3.17 11.39
C ARG A 362 -39.19 2.57 10.09
N THR A 363 -40.37 3.00 9.66
CA THR A 363 -40.94 2.65 8.39
C THR A 363 -41.22 3.92 7.59
N ALA A 364 -41.53 3.75 6.31
CA ALA A 364 -41.75 4.90 5.44
C ALA A 364 -42.67 4.50 4.30
N TYR A 365 -43.48 5.46 3.84
CA TYR A 365 -44.37 5.28 2.71
C TYR A 365 -43.72 5.93 1.49
N VAL A 366 -43.35 5.10 0.52
CA VAL A 366 -42.68 5.57 -0.68
C VAL A 366 -43.59 5.37 -1.88
N ARG A 367 -43.34 6.16 -2.93
CA ARG A 367 -44.11 6.09 -4.18
C ARG A 367 -43.17 5.64 -5.29
N VAL A 368 -43.39 4.43 -5.78
CA VAL A 368 -42.59 3.91 -6.90
C VAL A 368 -42.92 4.73 -8.14
N VAL A 369 -41.89 5.38 -8.70
CA VAL A 369 -42.12 6.24 -9.85
C VAL A 369 -42.39 5.43 -11.12
N GLU A 370 -41.79 4.24 -11.23
CA GLU A 370 -42.00 3.41 -12.40
C GLU A 370 -43.46 2.97 -12.50
N THR A 371 -44.02 2.48 -11.40
CA THR A 371 -45.40 2.01 -11.39
C THR A 371 -46.40 3.13 -11.11
N GLY A 372 -46.13 3.93 -10.08
CA GLY A 372 -47.02 5.00 -9.68
C GLY A 372 -47.79 4.73 -8.40
N ALA A 373 -47.57 3.59 -7.75
CA ALA A 373 -48.27 3.23 -6.54
C ALA A 373 -47.45 3.59 -5.31
N VAL A 374 -48.15 3.74 -4.18
CA VAL A 374 -47.54 4.10 -2.91
C VAL A 374 -47.52 2.86 -2.03
N GLU A 375 -46.33 2.43 -1.65
CA GLU A 375 -46.16 1.22 -0.85
C GLU A 375 -45.32 1.52 0.39
N LEU A 376 -45.51 0.71 1.42
CA LEU A 376 -44.74 0.84 2.65
C LEU A 376 -43.38 0.17 2.48
N ALA A 377 -42.36 0.76 3.10
CA ALA A 377 -41.01 0.23 3.03
C ALA A 377 -40.30 0.45 4.35
N SER A 378 -39.48 -0.53 4.74
CA SER A 378 -38.66 -0.38 5.93
C SER A 378 -37.55 0.63 5.68
N VAL A 379 -37.31 1.49 6.67
CA VAL A 379 -36.29 2.53 6.51
C VAL A 379 -34.90 1.93 6.42
N LEU A 380 -34.70 0.72 6.96
CA LEU A 380 -33.39 0.07 6.84
C LEU A 380 -33.14 -0.47 5.45
N GLU A 381 -34.19 -0.73 4.67
CA GLU A 381 -34.03 -1.24 3.31
C GLU A 381 -33.74 -0.13 2.32
N LEU A 382 -34.20 1.10 2.60
CA LEU A 382 -33.88 2.22 1.74
C LEU A 382 -32.39 2.53 1.80
N ASP A 383 -31.80 2.83 0.65
CA ASP A 383 -30.38 3.15 0.54
C ASP A 383 -30.22 4.47 -0.18
N PRO A 384 -30.49 5.59 0.51
CA PRO A 384 -30.36 6.91 -0.14
C PRO A 384 -28.97 7.50 0.01
N HIS A 385 -28.77 8.66 -0.62
CA HIS A 385 -27.52 9.43 -0.54
C HIS A 385 -26.30 8.57 -0.89
N GLY A 386 -26.48 7.68 -1.87
CA GLY A 386 -25.38 6.89 -2.39
C GLY A 386 -25.19 5.56 -1.70
N GLY A 399 -23.20 11.78 -3.74
CA GLY A 399 -24.50 12.37 -3.85
C GLY A 399 -25.47 11.55 -4.69
N LEU A 400 -26.75 11.59 -4.35
CA LEU A 400 -27.77 10.85 -5.07
C LEU A 400 -29.14 11.48 -4.88
N GLY A 401 -29.27 12.74 -5.25
CA GLY A 401 -30.52 13.47 -5.13
C GLY A 401 -30.24 14.94 -4.89
N VAL A 402 -31.19 15.77 -5.33
CA VAL A 402 -31.07 17.23 -5.21
C VAL A 402 -31.62 17.65 -3.85
N ARG A 403 -30.81 18.40 -3.10
CA ARG A 403 -31.22 18.93 -1.81
C ARG A 403 -31.59 20.41 -1.94
N ARG A 404 -32.28 20.91 -0.91
CA ARG A 404 -32.72 22.29 -0.91
C ARG A 404 -31.52 23.23 -0.82
N GLY A 405 -31.57 24.30 -1.60
CA GLY A 405 -30.49 25.28 -1.64
C GLY A 405 -29.37 24.96 -2.61
N ASP A 406 -29.31 23.74 -3.12
CA ASP A 406 -28.28 23.38 -4.08
C ASP A 406 -28.52 24.11 -5.41
N PHE A 407 -27.43 24.34 -6.13
CA PHE A 407 -27.50 24.97 -7.45
C PHE A 407 -27.40 23.91 -8.52
N VAL A 408 -28.31 23.97 -9.50
CA VAL A 408 -28.43 22.96 -10.53
C VAL A 408 -28.49 23.63 -11.89
N PHE A 409 -28.23 22.83 -12.93
CA PHE A 409 -28.29 23.26 -14.32
C PHE A 409 -29.55 22.69 -14.96
N ILE A 410 -30.48 23.57 -15.32
CA ILE A 410 -31.70 23.14 -15.99
C ILE A 410 -31.35 22.76 -17.43
N HIS A 411 -31.45 21.48 -17.75
CA HIS A 411 -31.14 21.01 -19.09
C HIS A 411 -32.21 21.45 -20.08
N ARG A 412 -31.93 21.23 -21.35
CA ARG A 412 -32.88 21.59 -22.41
C ARG A 412 -34.06 20.62 -22.40
N GLU A 413 -35.14 21.04 -23.06
CA GLU A 413 -36.34 20.23 -23.16
C GLU A 413 -36.06 18.95 -23.94
N GLY A 414 -36.08 17.81 -23.25
CA GLY A 414 -35.76 16.55 -23.87
C GLY A 414 -34.44 15.98 -23.39
N THR A 415 -33.42 16.82 -23.33
CA THR A 415 -32.11 16.38 -22.86
C THR A 415 -32.18 15.94 -21.40
N THR A 416 -31.45 14.88 -21.08
CA THR A 416 -31.44 14.29 -19.75
C THR A 416 -30.16 14.67 -19.02
N ASN A 417 -30.07 14.22 -17.77
CA ASN A 417 -28.86 14.43 -16.98
C ASN A 417 -27.71 13.52 -17.41
N GLY A 418 -27.96 12.57 -18.30
CA GLY A 418 -26.93 11.66 -18.74
C GLY A 418 -26.58 10.55 -17.77
N ALA A 419 -27.07 10.61 -16.53
CA ALA A 419 -26.79 9.59 -15.54
C ALA A 419 -27.92 8.55 -15.53
N ARG A 420 -27.75 7.52 -14.70
CA ARG A 420 -28.71 6.42 -14.65
C ARG A 420 -29.88 6.76 -13.73
N ALA A 421 -30.40 5.75 -13.03
CA ALA A 421 -31.45 5.89 -12.04
C ALA A 421 -31.07 6.99 -11.04
N PRO A 422 -32.06 7.69 -10.42
CA PRO A 422 -31.80 8.98 -9.74
C PRO A 422 -30.38 9.26 -9.30
N MET A 423 -29.59 9.81 -10.21
CA MET A 423 -28.24 10.28 -9.93
C MET A 423 -28.13 11.75 -10.32
N VAL A 424 -27.20 12.45 -9.67
CA VAL A 424 -27.00 13.87 -9.90
C VAL A 424 -25.60 14.06 -10.48
N PRO A 425 -25.47 14.60 -11.69
CA PRO A 425 -24.14 14.80 -12.27
C PRO A 425 -23.45 16.01 -11.66
N ARG A 426 -22.14 15.90 -11.49
CA ARG A 426 -21.34 16.98 -10.96
C ARG A 426 -20.81 17.86 -12.09
N ILE A 427 -20.59 19.13 -11.78
CA ILE A 427 -20.27 20.15 -12.77
C ILE A 427 -18.88 20.75 -12.55
N GLY A 428 -18.54 21.05 -11.30
CA GLY A 428 -17.34 21.80 -10.95
C GLY A 428 -16.05 21.41 -11.66
N GLU A 429 -15.27 22.41 -12.04
CA GLU A 429 -13.99 22.22 -12.71
C GLU A 429 -13.08 23.40 -12.30
N VAL A 430 -12.60 23.33 -11.06
CA VAL A 430 -11.75 24.39 -10.54
C VAL A 430 -10.41 24.35 -11.26
N GLU A 431 -10.06 25.45 -11.94
CA GLU A 431 -8.80 25.53 -12.64
C GLU A 431 -7.62 25.50 -11.65
N GLU A 432 -6.46 25.10 -12.16
CA GLU A 432 -5.31 24.87 -11.30
C GLU A 432 -4.75 26.15 -10.70
N TRP A 433 -4.97 27.30 -11.34
CA TRP A 433 -4.45 28.56 -10.80
C TRP A 433 -5.10 28.93 -9.47
N VAL A 434 -6.27 28.37 -9.17
CA VAL A 434 -6.91 28.66 -7.89
C VAL A 434 -6.16 28.02 -6.74
N ARG A 435 -5.52 26.86 -6.98
CA ARG A 435 -4.79 26.14 -5.95
C ARG A 435 -3.31 26.45 -5.93
N GLU A 436 -2.84 27.35 -6.79
CA GLU A 436 -1.42 27.70 -6.83
C GLU A 436 -1.06 28.56 -5.62
N ALA A 437 0.22 28.88 -5.52
CA ALA A 437 0.73 29.70 -4.42
C ALA A 437 1.97 30.48 -4.84
N GLY A 448 2.85 34.43 -6.57
CA GLY A 448 2.07 33.71 -7.57
C GLY A 448 1.17 34.62 -8.38
N TRP A 449 -0.03 34.13 -8.68
CA TRP A 449 -0.99 34.93 -9.46
C TRP A 449 -1.54 36.08 -8.63
N ARG A 450 -1.57 35.93 -7.30
CA ARG A 450 -2.05 37.01 -6.44
C ARG A 450 -1.11 38.20 -6.46
N SER A 451 0.18 37.97 -6.72
CA SER A 451 1.12 39.08 -6.85
C SER A 451 0.82 39.91 -8.09
N GLU A 452 0.37 39.26 -9.17
CA GLU A 452 -0.07 39.99 -10.34
C GLU A 452 -1.38 40.73 -10.08
N MET A 453 -2.25 40.15 -9.25
CA MET A 453 -3.48 40.83 -8.89
C MET A 453 -3.20 42.02 -7.98
N THR A 454 -2.20 41.91 -7.10
CA THR A 454 -1.84 43.02 -6.23
C THR A 454 -1.23 44.16 -7.04
N GLU A 455 -0.37 43.83 -8.01
CA GLU A 455 0.17 44.86 -8.89
C GLU A 455 -0.91 45.46 -9.78
N LEU A 456 -1.96 44.68 -10.07
CA LEU A 456 -3.07 45.21 -10.85
C LEU A 456 -3.90 46.20 -10.06
N GLY A 457 -4.17 45.89 -8.79
CA GLY A 457 -4.97 46.78 -7.97
C GLY A 457 -4.27 48.09 -7.67
N SER A 458 -2.97 48.04 -7.42
CA SER A 458 -2.21 49.27 -7.21
C SER A 458 -2.15 50.12 -8.47
N ARG A 459 -2.09 49.48 -9.64
CA ARG A 459 -2.13 50.23 -10.89
C ARG A 459 -3.49 50.88 -11.11
N ILE A 460 -4.56 50.27 -10.59
CA ILE A 460 -5.89 50.85 -10.73
C ILE A 460 -6.01 52.12 -9.90
N ALA A 461 -5.47 52.11 -8.69
CA ALA A 461 -5.64 53.24 -7.78
C ALA A 461 -4.91 54.48 -8.29
N GLU A 462 -3.70 54.32 -8.81
CA GLU A 462 -2.92 55.47 -9.25
C GLU A 462 -3.56 56.15 -10.46
N GLN A 463 -4.14 55.37 -11.37
CA GLN A 463 -4.73 55.91 -12.58
C GLN A 463 -6.18 56.34 -12.40
N ARG A 464 -6.86 55.83 -11.37
CA ARG A 464 -8.29 56.13 -11.20
C ARG A 464 -8.54 57.62 -11.04
N GLY A 465 -7.57 58.37 -10.52
CA GLY A 465 -7.73 59.79 -10.33
C GLY A 465 -7.54 60.59 -11.62
N LYS A 466 -6.61 60.16 -12.46
CA LYS A 466 -6.29 60.87 -13.69
C LYS A 466 -7.24 60.45 -14.81
N GLU A 467 -7.08 61.08 -15.97
CA GLU A 467 -7.92 60.78 -17.12
C GLU A 467 -7.49 59.47 -17.78
N GLY A 468 -8.38 58.95 -18.63
CA GLY A 468 -8.12 57.70 -19.31
C GLY A 468 -8.38 56.46 -18.47
N SER A 469 -9.06 56.59 -17.34
CA SER A 469 -9.35 55.47 -16.47
C SER A 469 -10.84 55.40 -16.19
N VAL A 470 -11.38 54.18 -16.19
CA VAL A 470 -12.78 53.93 -15.89
C VAL A 470 -12.85 53.05 -14.66
N ASP A 471 -13.79 53.35 -13.76
CA ASP A 471 -13.94 52.63 -12.51
C ASP A 471 -15.43 52.40 -12.25
N GLU A 472 -15.71 51.75 -11.12
CA GLU A 472 -17.07 51.51 -10.65
C GLU A 472 -17.91 50.74 -11.66
N VAL A 473 -18.91 51.39 -12.23
CA VAL A 473 -19.97 50.73 -13.00
C VAL A 473 -20.52 49.56 -12.20
N PRO A 474 -20.99 49.77 -10.96
CA PRO A 474 -21.39 48.64 -10.09
C PRO A 474 -22.82 48.17 -10.33
N LEU A 475 -22.99 47.42 -11.41
CA LEU A 475 -24.31 46.87 -11.78
C LEU A 475 -24.34 45.35 -11.57
N LYS A 476 -23.59 44.61 -12.38
CA LYS A 476 -23.57 43.14 -12.31
C LYS A 476 -24.97 42.56 -12.43
N GLN A 477 -25.78 43.17 -13.30
CA GLN A 477 -27.11 42.69 -13.65
C GLN A 477 -28.04 42.61 -12.45
N ALA A 478 -28.13 41.42 -11.83
CA ALA A 478 -29.13 41.12 -10.81
C ALA A 478 -30.54 41.36 -11.37
N GLN A 479 -30.92 40.48 -12.28
CA GLN A 479 -32.14 40.65 -13.06
C GLN A 479 -33.38 40.39 -12.22
N LYS A 480 -34.49 41.03 -12.59
CA LYS A 480 -35.76 40.84 -11.92
C LYS A 480 -36.92 40.77 -12.91
N GLY A 481 -36.65 40.53 -14.19
CA GLY A 481 -37.70 40.45 -15.18
C GLY A 481 -37.95 39.05 -15.69
N ASP A 482 -37.40 38.73 -16.87
CA ASP A 482 -37.56 37.40 -17.45
C ASP A 482 -36.48 37.12 -18.48
N THR A 483 -35.24 37.42 -18.13
CA THR A 483 -34.12 37.23 -19.04
C THR A 483 -33.90 35.73 -19.28
N SER A 484 -33.18 35.42 -20.34
CA SER A 484 -32.82 34.04 -20.69
C SER A 484 -31.80 33.42 -19.73
N LEU A 485 -31.85 33.77 -18.44
CA LEU A 485 -31.01 33.17 -17.42
C LEU A 485 -31.67 31.97 -16.75
N ASN A 486 -32.69 31.39 -17.37
CA ASN A 486 -33.43 30.25 -16.81
C ASN A 486 -32.78 28.92 -17.16
N TRP A 487 -31.45 28.87 -17.18
CA TRP A 487 -30.72 27.64 -17.43
C TRP A 487 -29.92 27.17 -16.22
N PHE A 488 -29.96 27.92 -15.13
CA PHE A 488 -29.20 27.58 -13.93
C PHE A 488 -29.84 28.28 -12.74
N GLY A 489 -30.27 27.51 -11.76
CA GLY A 489 -30.95 28.08 -10.61
C GLY A 489 -30.69 27.34 -9.31
N GLU A 490 -31.50 27.64 -8.29
CA GLU A 490 -31.37 27.05 -6.97
C GLU A 490 -32.60 26.20 -6.67
N VAL A 491 -32.38 25.08 -5.99
CA VAL A 491 -33.46 24.17 -5.63
C VAL A 491 -34.24 24.77 -4.47
N LEU A 492 -35.53 25.04 -4.70
CA LEU A 492 -36.37 25.69 -3.69
C LEU A 492 -37.15 24.68 -2.84
N ASP A 493 -37.77 23.70 -3.49
CA ASP A 493 -38.61 22.74 -2.78
C ASP A 493 -38.62 21.42 -3.53
N LEU A 494 -38.74 20.34 -2.78
CA LEU A 494 -38.84 18.98 -3.33
C LEU A 494 -40.28 18.53 -3.19
N ARG A 495 -41.02 18.54 -4.29
CA ARG A 495 -42.43 18.19 -4.25
C ARG A 495 -42.60 16.68 -4.13
N LEU A 496 -43.77 16.28 -3.60
CA LEU A 496 -44.01 14.86 -3.32
C LEU A 496 -44.21 14.04 -4.59
N ASP A 497 -44.59 14.67 -5.71
CA ASP A 497 -44.76 13.97 -6.97
C ASP A 497 -43.44 13.75 -7.72
N GLY A 498 -42.31 13.90 -7.04
CA GLY A 498 -41.01 13.75 -7.65
C GLY A 498 -40.47 14.99 -8.32
N THR A 499 -41.34 15.92 -8.72
CA THR A 499 -40.89 17.14 -9.36
C THR A 499 -40.13 18.02 -8.38
N ILE A 500 -39.26 18.86 -8.92
CA ILE A 500 -38.39 19.73 -8.13
C ILE A 500 -38.67 21.18 -8.52
N GLU A 501 -39.03 21.99 -7.53
CA GLU A 501 -39.28 23.41 -7.75
C GLU A 501 -37.94 24.15 -7.73
N VAL A 502 -37.63 24.83 -8.83
CA VAL A 502 -36.35 25.53 -8.99
C VAL A 502 -36.64 27.01 -9.22
N ILE A 503 -35.90 27.86 -8.51
CA ILE A 503 -36.01 29.31 -8.66
C ILE A 503 -34.86 29.80 -9.53
N LEU A 504 -35.21 30.57 -10.56
CA LEU A 504 -34.25 31.14 -11.50
C LEU A 504 -33.77 32.50 -11.00
N PRO A 505 -32.65 32.99 -11.53
CA PRO A 505 -32.20 34.36 -11.16
C PRO A 505 -33.22 35.44 -11.46
N SER A 506 -34.17 35.19 -12.36
CA SER A 506 -35.23 36.14 -12.72
C SER A 506 -36.31 36.26 -11.66
N ALA A 507 -36.08 35.77 -10.43
CA ALA A 507 -37.05 35.81 -9.34
C ALA A 507 -38.36 35.09 -9.69
N ASP A 508 -38.32 34.18 -10.66
CA ASP A 508 -39.48 33.40 -11.06
C ASP A 508 -39.13 31.92 -10.95
N THR A 509 -40.07 31.15 -10.41
CA THR A 509 -39.86 29.74 -10.15
C THR A 509 -40.45 28.87 -11.26
N ILE A 510 -39.81 27.73 -11.50
CA ILE A 510 -40.27 26.76 -12.48
C ILE A 510 -40.26 25.38 -11.84
N VAL A 511 -41.04 24.48 -12.43
CA VAL A 511 -41.14 23.09 -11.99
C VAL A 511 -40.52 22.20 -13.06
N VAL A 512 -39.56 21.38 -12.66
CA VAL A 512 -38.83 20.53 -13.61
C VAL A 512 -38.57 19.18 -12.99
N PRO A 513 -38.55 18.13 -13.82
CA PRO A 513 -38.20 16.80 -13.32
C PRO A 513 -36.71 16.72 -12.96
N LEU A 514 -36.36 15.65 -12.24
CA LEU A 514 -35.00 15.49 -11.76
C LEU A 514 -34.01 15.25 -12.89
N GLU A 515 -34.46 14.63 -13.98
CA GLU A 515 -33.56 14.31 -15.09
C GLU A 515 -33.06 15.56 -15.81
N ARG A 516 -33.78 16.67 -15.72
CA ARG A 516 -33.40 17.90 -16.38
C ARG A 516 -32.42 18.75 -15.57
N LEU A 517 -31.95 18.27 -14.43
CA LEU A 517 -31.12 19.04 -13.53
C LEU A 517 -29.73 18.42 -13.41
N THR A 518 -28.75 19.27 -13.13
CA THR A 518 -27.36 18.84 -12.97
C THR A 518 -26.74 19.71 -11.89
N ARG A 519 -26.40 19.10 -10.75
CA ARG A 519 -25.92 19.87 -9.60
C ARG A 519 -24.60 20.57 -9.92
N LEU A 520 -24.44 21.76 -9.34
CA LEU A 520 -23.22 22.54 -9.48
C LEU A 520 -22.27 22.20 -8.34
N TYR A 521 -21.11 21.66 -8.69
CA TYR A 521 -20.07 21.36 -7.70
C TYR A 521 -19.27 22.63 -7.43
N ASP A 522 -19.50 23.23 -6.27
CA ASP A 522 -18.89 24.53 -5.98
C ASP A 522 -17.40 24.39 -5.72
N SER A 523 -16.67 25.48 -5.97
CA SER A 523 -15.22 25.47 -5.78
C SER A 523 -14.86 25.35 -4.30
N VAL A 524 -15.64 25.97 -3.41
CA VAL A 524 -15.37 25.83 -1.98
C VAL A 524 -15.66 24.41 -1.52
N GLU A 525 -16.56 23.71 -2.20
CA GLU A 525 -16.84 22.32 -1.84
C GLU A 525 -15.69 21.40 -2.25
N GLN A 526 -15.01 21.71 -3.36
CA GLN A 526 -13.88 20.89 -3.77
C GLN A 526 -12.63 21.19 -2.96
N LEU A 527 -12.39 22.48 -2.65
CA LEU A 527 -11.22 22.83 -1.86
C LEU A 527 -11.33 22.32 -0.42
N GLU A 528 -12.55 22.19 0.09
CA GLU A 528 -12.72 21.68 1.45
C GLU A 528 -12.49 20.17 1.51
N ASP A 529 -13.00 19.44 0.52
CA ASP A 529 -12.84 17.99 0.48
C ASP A 529 -11.42 17.62 0.06
N PRO A 640 -11.01 -29.98 16.97
CA PRO A 640 -12.31 -29.51 16.45
C PRO A 640 -12.34 -28.00 16.28
N TRP A 641 -11.77 -27.27 17.24
CA TRP A 641 -11.75 -25.82 17.22
C TRP A 641 -10.34 -25.27 17.12
N LYS A 642 -9.45 -25.62 18.06
CA LYS A 642 -8.09 -25.11 18.12
C LYS A 642 -8.08 -23.59 18.15
N ARG A 643 -6.93 -22.98 17.84
CA ARG A 643 -6.85 -21.52 17.79
C ARG A 643 -6.01 -21.09 16.59
N PHE A 644 -4.95 -21.85 16.31
CA PHE A 644 -4.07 -21.54 15.19
C PHE A 644 -3.50 -22.83 14.64
N GLU A 645 -3.83 -23.15 13.39
CA GLU A 645 -3.35 -24.35 12.73
C GLU A 645 -2.86 -23.96 11.33
N VAL A 646 -1.57 -24.16 11.09
CA VAL A 646 -0.99 -23.82 9.79
C VAL A 646 -1.52 -24.77 8.73
N LEU A 647 -2.52 -24.33 7.99
CA LEU A 647 -3.15 -25.17 6.97
C LEU A 647 -2.18 -25.40 5.81
N PRO A 648 -2.39 -26.49 5.06
CA PRO A 648 -1.48 -26.79 3.93
C PRO A 648 -1.47 -25.72 2.85
N SER A 649 -2.63 -25.46 2.25
CA SER A 649 -2.74 -24.58 1.10
C SER A 649 -3.70 -23.44 1.39
N ALA A 650 -3.42 -22.28 0.79
CA ALA A 650 -4.33 -21.15 0.86
C ALA A 650 -5.48 -21.35 -0.12
N PRO A 651 -6.72 -21.19 0.31
CA PRO A 651 -7.87 -21.50 -0.56
C PRO A 651 -8.02 -20.47 -1.67
N VAL A 652 -8.88 -20.83 -2.64
CA VAL A 652 -9.08 -19.98 -3.80
C VAL A 652 -10.02 -18.81 -3.48
N ASP A 653 -10.89 -18.97 -2.49
CA ASP A 653 -11.79 -17.88 -2.12
C ASP A 653 -11.09 -16.75 -1.38
N HIS A 654 -9.79 -16.89 -1.11
CA HIS A 654 -9.05 -15.83 -0.44
C HIS A 654 -9.00 -14.57 -1.31
N ALA A 655 -9.07 -13.41 -0.67
CA ALA A 655 -9.08 -12.16 -1.40
C ALA A 655 -7.76 -11.95 -2.14
N PHE A 656 -6.63 -12.16 -1.46
CA PHE A 656 -5.32 -11.99 -2.06
C PHE A 656 -4.76 -13.28 -2.65
N TYR A 657 -5.63 -14.22 -3.02
CA TYR A 657 -5.16 -15.44 -3.67
C TYR A 657 -4.66 -15.16 -5.08
N ASN A 658 -5.18 -14.13 -5.73
CA ASN A 658 -4.81 -13.78 -7.09
C ASN A 658 -3.78 -12.66 -7.15
N THR A 659 -3.30 -12.17 -6.01
CA THR A 659 -2.33 -11.08 -6.05
C THR A 659 -0.91 -11.64 -6.29
N PRO A 660 -0.07 -10.88 -6.98
CA PRO A 660 1.32 -11.30 -7.16
C PRO A 660 2.06 -11.29 -5.83
N PRO A 661 2.63 -12.43 -5.44
CA PRO A 661 3.33 -12.49 -4.15
C PRO A 661 4.62 -11.69 -4.16
N ALA A 662 4.98 -11.17 -2.99
CA ALA A 662 6.20 -10.41 -2.82
C ALA A 662 7.35 -11.36 -2.49
N GLN A 663 8.51 -10.79 -2.13
CA GLN A 663 9.67 -11.59 -1.79
C GLN A 663 10.13 -11.43 -0.34
N HIS A 664 9.75 -10.34 0.33
CA HIS A 664 10.06 -10.11 1.74
C HIS A 664 11.56 -10.07 1.99
N THR A 665 11.94 -10.05 3.26
CA THR A 665 13.34 -10.04 3.67
C THR A 665 13.76 -11.45 4.08
N ARG A 666 15.01 -11.58 4.51
CA ARG A 666 15.47 -12.83 5.08
C ARG A 666 14.78 -13.10 6.41
N GLN A 667 14.82 -12.14 7.33
CA GLN A 667 14.30 -12.33 8.67
C GLN A 667 12.79 -12.20 8.69
N PHE A 668 12.12 -12.79 7.70
CA PHE A 668 10.67 -12.76 7.61
C PHE A 668 10.06 -14.01 8.23
N MET A 669 10.56 -15.19 7.85
CA MET A 669 10.10 -16.43 8.47
C MET A 669 10.42 -16.46 9.95
N ALA A 670 11.52 -15.82 10.36
CA ALA A 670 11.84 -15.73 11.78
C ALA A 670 10.88 -14.79 12.50
N ARG A 671 10.52 -13.67 11.85
CA ARG A 671 9.51 -12.78 12.43
C ARG A 671 8.16 -13.47 12.51
N MET A 672 7.75 -14.16 11.44
CA MET A 672 6.49 -14.89 11.47
C MET A 672 6.52 -16.03 12.48
N SER A 673 7.69 -16.63 12.70
CA SER A 673 7.82 -17.63 13.75
C SER A 673 7.48 -17.03 15.11
N LYS A 674 7.99 -15.83 15.39
CA LYS A 674 7.59 -15.13 16.60
C LYS A 674 6.13 -14.70 16.54
N GLU A 675 5.65 -14.35 15.34
CA GLU A 675 4.23 -14.02 15.19
C GLU A 675 3.36 -15.25 15.35
N TYR A 676 3.77 -16.37 14.75
CA TYR A 676 3.01 -17.62 14.90
C TYR A 676 3.01 -18.07 16.36
N LYS A 677 4.11 -17.85 17.07
CA LYS A 677 4.16 -18.18 18.50
C LYS A 677 3.26 -17.24 19.30
N ALA A 678 3.29 -15.95 18.98
CA ALA A 678 2.47 -14.99 19.72
C ALA A 678 0.98 -15.27 19.53
N LEU A 679 0.57 -15.75 18.36
CA LEU A 679 -0.82 -16.11 18.15
C LEU A 679 -1.21 -17.31 19.00
N GLN A 680 -0.40 -18.36 18.99
CA GLN A 680 -0.66 -19.55 19.80
C GLN A 680 -0.45 -19.30 21.29
N SER A 681 -0.03 -18.10 21.69
CA SER A 681 0.20 -17.79 23.10
C SER A 681 -1.08 -17.33 23.79
N SER A 682 -1.52 -16.11 23.47
CA SER A 682 -2.68 -15.54 24.14
C SER A 682 -3.78 -15.16 23.15
N LEU A 683 -4.26 -16.13 22.38
CA LEU A 683 -5.40 -15.88 21.50
C LEU A 683 -6.69 -16.25 22.24
N PRO A 684 -7.68 -15.36 22.30
CA PRO A 684 -8.96 -15.74 22.90
C PRO A 684 -9.72 -16.71 22.00
N ASP A 685 -10.61 -17.47 22.65
CA ASP A 685 -11.39 -18.48 21.94
C ASP A 685 -12.34 -17.89 20.91
N SER A 686 -12.57 -16.58 20.94
CA SER A 686 -13.48 -15.95 19.98
C SER A 686 -12.80 -15.58 18.67
N ILE A 687 -11.48 -15.62 18.61
CA ILE A 687 -10.73 -15.27 17.41
C ILE A 687 -9.98 -16.50 16.90
N LEU A 688 -10.08 -16.76 15.60
CA LEU A 688 -9.41 -17.88 14.96
C LEU A 688 -8.51 -17.37 13.85
N VAL A 689 -7.30 -17.93 13.76
CA VAL A 689 -6.33 -17.57 12.74
C VAL A 689 -5.78 -18.84 12.12
N ARG A 690 -5.68 -18.85 10.79
CA ARG A 690 -5.18 -20.00 10.04
C ARG A 690 -4.17 -19.51 9.02
N ALA A 691 -2.90 -19.90 9.19
CA ALA A 691 -1.86 -19.56 8.24
C ALA A 691 -1.76 -20.66 7.18
N TYR A 692 -0.88 -20.47 6.20
CA TYR A 692 -0.75 -21.39 5.08
C TYR A 692 0.73 -21.62 4.77
N GLU A 693 1.02 -22.82 4.26
CA GLU A 693 2.38 -23.22 3.95
C GLU A 693 2.79 -22.92 2.51
N ASP A 694 1.88 -23.14 1.56
CA ASP A 694 2.22 -22.91 0.16
C ASP A 694 2.56 -21.44 -0.12
N ARG A 695 2.00 -20.54 0.67
CA ARG A 695 2.38 -19.12 0.60
C ARG A 695 2.14 -18.51 1.98
N THR A 696 3.23 -18.23 2.70
CA THR A 696 3.15 -17.75 4.07
C THR A 696 2.84 -16.27 4.18
N ASP A 697 2.72 -15.55 3.05
CA ASP A 697 2.39 -14.14 3.09
C ASP A 697 0.90 -13.88 3.32
N LEU A 698 0.07 -14.91 3.28
CA LEU A 698 -1.37 -14.77 3.43
C LEU A 698 -1.84 -15.44 4.71
N LEU A 699 -2.79 -14.79 5.38
CA LEU A 699 -3.43 -15.36 6.56
C LEU A 699 -4.93 -15.09 6.47
N ARG A 700 -5.70 -15.77 7.32
CA ARG A 700 -7.14 -15.57 7.40
C ARG A 700 -7.55 -15.58 8.87
N SER A 701 -8.42 -14.65 9.23
CA SER A 701 -8.88 -14.50 10.61
C SER A 701 -10.40 -14.61 10.67
N LEU A 702 -10.89 -14.91 11.87
CA LEU A 702 -12.33 -15.00 12.11
C LEU A 702 -12.59 -14.64 13.56
N ILE A 703 -13.45 -13.65 13.80
CA ILE A 703 -13.76 -13.16 15.14
C ILE A 703 -15.24 -13.36 15.40
N ILE A 704 -15.57 -13.81 16.61
CA ILE A 704 -16.95 -13.93 17.06
C ILE A 704 -17.25 -12.73 17.96
N GLY A 705 -18.31 -12.00 17.61
CA GLY A 705 -18.69 -10.81 18.36
C GLY A 705 -19.02 -11.13 19.80
N PRO A 706 -18.49 -10.33 20.72
CA PRO A 706 -18.70 -10.59 22.15
C PRO A 706 -20.17 -10.49 22.54
N GLU A 707 -20.47 -11.00 23.73
CA GLU A 707 -21.83 -10.98 24.23
C GLU A 707 -22.26 -9.56 24.59
N ASN A 708 -23.58 -9.35 24.58
CA ASN A 708 -24.17 -8.04 24.87
C ASN A 708 -23.64 -6.96 23.93
N THR A 709 -23.40 -7.35 22.68
CA THR A 709 -23.03 -6.44 21.61
C THR A 709 -23.94 -6.68 20.42
N PRO A 710 -24.14 -5.68 19.55
CA PRO A 710 -24.93 -5.91 18.33
C PRO A 710 -24.35 -6.98 17.42
N TYR A 711 -23.13 -7.42 17.68
CA TYR A 711 -22.48 -8.49 16.93
C TYR A 711 -22.47 -9.81 17.68
N GLU A 712 -23.36 -9.98 18.65
CA GLU A 712 -23.32 -11.13 19.54
C GLU A 712 -23.49 -12.43 18.75
N ASP A 713 -22.47 -13.28 18.81
CA ASP A 713 -22.47 -14.59 18.15
C ASP A 713 -22.67 -14.43 16.64
N ALA A 714 -21.74 -13.74 16.01
CA ALA A 714 -21.75 -13.48 14.58
C ALA A 714 -20.36 -13.69 14.01
N PRO A 715 -20.27 -14.12 12.75
CA PRO A 715 -18.95 -14.34 12.15
C PRO A 715 -18.41 -13.11 11.42
N PHE A 716 -17.11 -12.88 11.59
CA PHE A 716 -16.42 -11.76 10.95
C PHE A 716 -15.06 -12.26 10.48
N VAL A 717 -14.93 -12.48 9.18
CA VAL A 717 -13.72 -13.02 8.58
C VAL A 717 -12.98 -11.89 7.87
N ILE A 718 -11.67 -11.79 8.10
CA ILE A 718 -10.82 -10.81 7.45
C ILE A 718 -9.70 -11.57 6.74
N ASP A 719 -9.53 -11.29 5.45
CA ASP A 719 -8.43 -11.85 4.69
C ASP A 719 -7.20 -10.96 4.83
N TRP A 720 -6.10 -11.56 5.26
CA TRP A 720 -4.88 -10.83 5.56
C TRP A 720 -3.79 -11.13 4.54
N MET A 721 -2.97 -10.12 4.25
CA MET A 721 -1.82 -10.24 3.38
C MET A 721 -0.65 -9.49 3.98
N LEU A 722 0.52 -10.11 3.98
CA LEU A 722 1.73 -9.50 4.51
C LEU A 722 2.43 -8.71 3.42
N ASP A 723 2.83 -7.48 3.74
CA ASP A 723 3.43 -6.59 2.76
C ASP A 723 4.86 -7.00 2.46
N ALA A 724 5.42 -6.40 1.39
CA ALA A 724 6.79 -6.70 1.02
C ALA A 724 7.80 -6.20 2.05
N ASN A 725 7.46 -5.13 2.77
CA ASN A 725 8.32 -4.57 3.79
C ASN A 725 7.88 -4.94 5.20
N PHE A 726 7.07 -5.99 5.33
CA PHE A 726 6.66 -6.46 6.66
C PHE A 726 7.89 -6.91 7.45
N PRO A 727 7.92 -6.68 8.77
CA PRO A 727 6.90 -6.07 9.62
C PRO A 727 7.01 -4.55 9.76
N GLN A 728 7.90 -3.91 9.01
CA GLN A 728 8.02 -2.46 9.07
C GLN A 728 6.72 -1.79 8.63
N THR A 729 6.05 -2.36 7.61
CA THR A 729 4.78 -1.92 7.09
C THR A 729 3.63 -2.65 7.78
N PRO A 730 2.45 -2.03 7.87
CA PRO A 730 1.34 -2.70 8.54
C PRO A 730 0.78 -3.82 7.69
N PRO A 731 0.17 -4.82 8.30
CA PRO A 731 -0.45 -5.90 7.52
C PRO A 731 -1.68 -5.41 6.79
N ILE A 732 -1.88 -5.97 5.60
CA ILE A 732 -3.00 -5.59 4.74
C ILE A 732 -4.19 -6.46 5.11
N ALA A 733 -5.25 -5.84 5.62
CA ALA A 733 -6.45 -6.53 6.06
C ALA A 733 -7.62 -6.17 5.15
N HIS A 734 -8.32 -7.18 4.64
CA HIS A 734 -9.49 -7.00 3.79
C HIS A 734 -10.67 -7.67 4.46
N PHE A 735 -11.59 -6.87 5.00
CA PHE A 735 -12.73 -7.38 5.74
C PHE A 735 -13.81 -7.84 4.78
N LEU A 736 -14.23 -9.10 4.90
CA LEU A 736 -15.28 -9.66 4.04
C LEU A 736 -16.63 -9.17 4.57
N SER A 737 -17.03 -8.00 4.10
CA SER A 737 -18.31 -7.41 4.50
C SER A 737 -19.42 -8.11 3.73
N TRP A 738 -20.11 -9.04 4.40
CA TRP A 738 -21.19 -9.79 3.77
C TRP A 738 -22.49 -9.00 3.77
N THR A 739 -22.39 -7.67 3.82
CA THR A 739 -23.55 -6.82 3.78
C THR A 739 -24.03 -6.64 2.33
N ASN A 740 -25.18 -6.00 2.18
CA ASN A 740 -25.72 -5.70 0.85
C ASN A 740 -25.32 -4.29 0.44
N GLY A 741 -26.18 -3.61 -0.32
CA GLY A 741 -25.90 -2.26 -0.75
C GLY A 741 -26.51 -1.21 0.14
N ASN A 742 -26.79 -1.56 1.39
CA ASN A 742 -27.42 -0.64 2.34
C ASN A 742 -26.37 0.19 3.07
N GLY A 743 -25.60 -0.45 3.94
CA GLY A 743 -24.59 0.24 4.70
C GLY A 743 -23.53 -0.70 5.23
N ARG A 744 -22.78 -0.22 6.20
CA ARG A 744 -21.71 -0.98 6.83
C ARG A 744 -22.19 -1.61 8.14
N VAL A 745 -21.53 -2.71 8.51
CA VAL A 745 -21.80 -3.32 9.82
C VAL A 745 -21.14 -2.57 10.95
N ASN A 746 -20.21 -1.65 10.64
CA ASN A 746 -19.50 -0.86 11.64
C ASN A 746 -18.91 0.35 10.93
N PRO A 747 -18.85 1.51 11.58
CA PRO A 747 -18.29 2.69 10.91
C PRO A 747 -16.83 2.53 10.52
N ASN A 748 -16.12 1.56 11.07
CA ASN A 748 -14.72 1.32 10.72
C ASN A 748 -14.52 0.12 9.80
N LEU A 749 -15.59 -0.64 9.51
CA LEU A 749 -15.52 -1.79 8.63
C LEU A 749 -16.28 -1.46 7.36
N TYR A 750 -15.55 -1.01 6.34
CA TYR A 750 -16.19 -0.60 5.08
C TYR A 750 -16.72 -1.81 4.33
N GLU A 751 -17.70 -1.54 3.46
CA GLU A 751 -18.22 -2.56 2.57
C GLU A 751 -17.20 -3.01 1.52
N GLU A 752 -16.12 -2.25 1.34
CA GLU A 752 -15.11 -2.55 0.34
C GLU A 752 -13.87 -3.23 0.95
N GLY A 753 -13.94 -3.63 2.22
CA GLY A 753 -12.90 -4.41 2.85
C GLY A 753 -11.93 -3.62 3.69
N LYS A 754 -11.86 -2.31 3.51
CA LYS A 754 -10.88 -1.50 4.23
C LYS A 754 -11.23 -1.45 5.72
N VAL A 755 -10.33 -1.95 6.55
CA VAL A 755 -10.50 -1.89 8.00
C VAL A 755 -9.83 -0.62 8.51
N CYS A 756 -10.59 0.18 9.25
CA CYS A 756 -10.14 1.49 9.72
C CYS A 756 -9.67 1.37 11.17
N LEU A 757 -8.36 1.37 11.36
CA LEU A 757 -7.77 1.38 12.69
C LEU A 757 -6.33 1.86 12.58
N SER A 758 -5.93 2.76 13.48
CA SER A 758 -4.58 3.31 13.43
C SER A 758 -3.52 2.23 13.67
N ILE A 759 -3.88 1.13 14.32
CA ILE A 759 -2.93 0.04 14.53
C ILE A 759 -2.53 -0.58 13.20
N LEU A 760 -3.41 -0.54 12.20
CA LEU A 760 -3.12 -1.06 10.86
C LEU A 760 -2.49 -0.01 9.96
N GLY A 761 -1.82 0.98 10.52
CA GLY A 761 -1.18 2.01 9.73
C GLY A 761 -2.16 3.00 9.11
N SER A 768 -5.68 5.14 18.32
CA SER A 768 -4.62 4.27 18.81
C SER A 768 -3.28 4.64 18.19
N GLU A 769 -2.24 3.88 18.51
CA GLU A 769 -0.92 4.13 17.97
C GLU A 769 -0.78 3.53 16.58
N SER A 770 0.16 4.08 15.81
CA SER A 770 0.41 3.59 14.47
C SER A 770 1.13 2.24 14.53
N TRP A 771 1.19 1.57 13.39
CA TRP A 771 1.82 0.26 13.32
C TRP A 771 3.30 0.35 13.59
N SER A 772 3.83 -0.62 14.33
CA SER A 772 5.24 -0.66 14.70
C SER A 772 5.76 -2.07 14.54
N ALA A 773 6.94 -2.20 13.92
CA ALA A 773 7.56 -3.51 13.78
C ALA A 773 8.13 -4.01 15.10
N SER A 774 8.36 -3.12 16.06
CA SER A 774 8.93 -3.50 17.35
C SER A 774 7.84 -3.79 18.38
N ARG A 775 7.02 -2.78 18.69
CA ARG A 775 6.00 -2.94 19.72
C ARG A 775 4.75 -3.64 19.19
N SER A 776 4.19 -3.13 18.10
CA SER A 776 2.96 -3.70 17.56
C SER A 776 3.21 -5.07 16.95
N SER A 777 2.20 -5.93 17.05
CA SER A 777 2.26 -7.28 16.51
C SER A 777 0.96 -7.57 15.76
N LEU A 778 0.92 -8.73 15.11
CA LEU A 778 -0.29 -9.12 14.39
C LEU A 778 -1.38 -9.59 15.35
N LEU A 779 -0.99 -10.06 16.53
CA LEU A 779 -1.99 -10.52 17.51
C LEU A 779 -2.79 -9.35 18.07
N GLN A 780 -2.11 -8.29 18.50
CA GLN A 780 -2.81 -7.14 19.07
C GLN A 780 -3.67 -6.43 18.04
N ALA A 781 -3.38 -6.59 16.75
CA ALA A 781 -4.28 -6.06 15.73
C ALA A 781 -5.58 -6.84 15.67
N LEU A 782 -5.54 -8.12 16.05
CA LEU A 782 -6.76 -8.93 16.07
C LEU A 782 -7.61 -8.62 17.29
N VAL A 783 -6.99 -8.55 18.47
CA VAL A 783 -7.73 -8.30 19.70
C VAL A 783 -8.23 -6.86 19.76
N SER A 784 -7.59 -5.93 19.05
CA SER A 784 -8.09 -4.57 19.02
C SER A 784 -9.32 -4.45 18.15
N ILE A 785 -9.37 -5.22 17.06
CA ILE A 785 -10.56 -5.25 16.22
C ILE A 785 -11.74 -5.82 16.98
N GLN A 786 -11.49 -6.85 17.79
CA GLN A 786 -12.55 -7.41 18.62
C GLN A 786 -12.91 -6.48 19.76
N GLY A 787 -11.91 -5.84 20.39
CA GLY A 787 -12.16 -5.06 21.57
C GLY A 787 -12.65 -3.65 21.30
N LEU A 788 -12.23 -3.06 20.19
CA LEU A 788 -12.58 -1.67 19.89
C LEU A 788 -13.64 -1.54 18.80
N VAL A 789 -13.57 -2.36 17.76
CA VAL A 789 -14.51 -2.22 16.64
C VAL A 789 -15.84 -2.89 16.94
N LEU A 790 -15.84 -3.94 17.75
CA LEU A 790 -17.07 -4.68 18.09
C LEU A 790 -17.42 -4.43 19.56
N VAL A 791 -17.87 -3.20 19.83
CA VAL A 791 -18.24 -2.80 21.19
C VAL A 791 -19.75 -2.85 21.34
N LYS A 792 -20.25 -2.38 22.49
CA LYS A 792 -21.69 -2.40 22.74
C LYS A 792 -22.40 -1.33 21.90
N GLU A 793 -21.81 -0.14 21.80
CA GLU A 793 -22.36 0.96 21.01
C GLU A 793 -21.36 1.30 19.91
N PRO A 794 -21.43 0.61 18.76
CA PRO A 794 -20.43 0.85 17.70
C PRO A 794 -20.60 2.16 16.97
N TRP A 795 -21.67 2.92 17.22
CA TRP A 795 -21.84 4.19 16.54
C TRP A 795 -20.77 5.20 16.96
N PHE A 796 -20.24 5.07 18.18
CA PHE A 796 -19.17 5.94 18.64
C PHE A 796 -17.81 5.55 18.09
N CYS A 797 -17.71 4.42 17.38
CA CYS A 797 -16.43 4.02 16.81
C CYS A 797 -15.95 5.02 15.77
N GLU A 798 -16.87 5.74 15.14
CA GLU A 798 -16.49 6.85 14.27
C GLU A 798 -15.77 7.89 15.10
N PRO A 799 -14.52 8.24 14.76
CA PRO A 799 -13.75 9.18 15.61
C PRO A 799 -14.40 10.54 15.77
N ALA A 800 -15.28 10.93 14.84
CA ALA A 800 -15.96 12.22 14.98
C ALA A 800 -16.96 12.20 16.13
N TYR A 801 -17.62 11.06 16.34
CA TYR A 801 -18.61 10.91 17.40
C TYR A 801 -17.99 10.45 18.71
N GLU A 802 -16.67 10.39 18.80
CA GLU A 802 -16.02 9.87 20.00
C GLU A 802 -16.25 10.77 21.21
N LYS A 803 -16.42 12.08 20.99
CA LYS A 803 -16.67 13.00 22.09
C LYS A 803 -18.07 12.86 22.67
N LEU A 804 -18.96 12.12 22.01
CA LEU A 804 -20.29 11.85 22.52
C LEU A 804 -20.29 10.44 23.09
N ARG A 805 -20.13 10.32 24.41
CA ARG A 805 -20.11 9.03 25.10
C ARG A 805 -21.11 9.12 26.25
N GLY A 806 -22.27 8.49 26.07
CA GLY A 806 -23.30 8.52 27.09
C GLY A 806 -24.05 9.83 27.19
N THR A 807 -23.65 10.86 26.45
CA THR A 807 -24.35 12.13 26.47
C THR A 807 -25.75 11.97 25.89
N GLU A 808 -26.68 12.78 26.41
CA GLU A 808 -28.08 12.69 26.00
C GLU A 808 -28.29 12.98 24.52
N ASP A 809 -27.28 13.50 23.83
CA ASP A 809 -27.41 13.74 22.39
C ASP A 809 -27.32 12.44 21.60
N GLY A 810 -26.24 11.68 21.81
CA GLY A 810 -25.97 10.47 21.07
C GLY A 810 -26.70 9.23 21.53
N ILE A 811 -27.66 9.36 22.45
CA ILE A 811 -28.41 8.18 22.89
C ILE A 811 -29.29 7.65 21.78
N VAL A 812 -29.89 8.55 20.99
CA VAL A 812 -30.81 8.13 19.95
C VAL A 812 -30.06 7.47 18.79
N ASN A 813 -29.02 8.14 18.28
CA ASN A 813 -28.25 7.58 17.19
C ASN A 813 -27.53 6.29 17.57
N SER A 814 -27.29 6.07 18.87
CA SER A 814 -26.65 4.84 19.31
C SER A 814 -27.56 3.64 19.07
N ARG A 815 -28.75 3.65 19.67
CA ARG A 815 -29.68 2.54 19.49
C ARG A 815 -30.16 2.44 18.05
N LEU A 816 -30.17 3.57 17.32
CA LEU A 816 -30.50 3.51 15.89
C LEU A 816 -29.44 2.73 15.11
N TYR A 817 -28.17 2.86 15.52
CA TYR A 817 -27.10 2.16 14.82
C TYR A 817 -26.96 0.73 15.29
N ASN A 818 -27.14 0.48 16.60
CA ASN A 818 -27.06 -0.88 17.11
C ASN A 818 -28.14 -1.77 16.52
N GLU A 819 -29.30 -1.21 16.20
CA GLU A 819 -30.34 -1.98 15.53
C GLU A 819 -29.87 -2.43 14.16
N LYS A 820 -29.29 -1.51 13.38
CA LYS A 820 -28.76 -1.89 12.08
C LYS A 820 -27.60 -2.87 12.21
N ALA A 821 -26.70 -2.62 13.17
CA ALA A 821 -25.57 -3.52 13.37
C ALA A 821 -26.03 -4.90 13.81
N TYR A 822 -27.19 -5.00 14.45
CA TYR A 822 -27.72 -6.30 14.83
C TYR A 822 -28.34 -7.03 13.65
N VAL A 823 -29.11 -6.31 12.82
CA VAL A 823 -29.73 -6.95 11.66
C VAL A 823 -28.68 -7.42 10.67
N LEU A 824 -27.64 -6.61 10.46
CA LEU A 824 -26.59 -7.00 9.53
C LEU A 824 -25.70 -8.10 10.10
N SER A 825 -25.61 -8.19 11.43
CA SER A 825 -24.82 -9.25 12.03
C SER A 825 -25.46 -10.61 11.81
N ARG A 826 -26.77 -10.70 11.99
CA ARG A 826 -27.45 -11.97 11.70
C ARG A 826 -27.35 -12.33 10.23
N GLY A 827 -27.25 -11.32 9.34
CA GLY A 827 -27.07 -11.60 7.94
C GLY A 827 -25.72 -12.21 7.62
N PHE A 828 -24.72 -11.96 8.48
CA PHE A 828 -23.42 -12.58 8.29
C PHE A 828 -23.47 -14.08 8.58
N VAL A 829 -24.35 -14.51 9.48
CA VAL A 829 -24.50 -15.93 9.75
C VAL A 829 -25.05 -16.65 8.53
N ARG A 830 -25.93 -15.98 7.77
CA ARG A 830 -26.47 -16.58 6.55
C ARG A 830 -25.36 -16.75 5.51
N ARG A 831 -24.57 -15.72 5.28
CA ARG A 831 -23.50 -15.79 4.28
C ARG A 831 -22.36 -16.70 4.72
N ALA A 832 -22.26 -17.02 6.01
CA ALA A 832 -21.23 -17.91 6.50
C ALA A 832 -21.61 -19.38 6.38
N LEU A 833 -22.90 -19.69 6.30
CA LEU A 833 -23.36 -21.07 6.16
C LEU A 833 -23.79 -21.41 4.74
N GLU A 834 -24.26 -20.42 3.97
CA GLU A 834 -24.64 -20.68 2.58
C GLU A 834 -23.43 -21.11 1.76
N ILE A 835 -22.39 -20.28 1.75
CA ILE A 835 -21.16 -20.60 1.02
C ILE A 835 -20.10 -21.05 2.03
N PRO A 836 -19.24 -22.00 1.68
CA PRO A 836 -18.18 -22.40 2.59
C PRO A 836 -16.97 -21.49 2.49
N LEU A 837 -16.20 -21.44 3.56
CA LEU A 837 -14.98 -20.64 3.63
C LEU A 837 -13.78 -21.59 3.67
N GLY A 838 -12.85 -21.40 2.74
CA GLY A 838 -11.68 -22.26 2.66
C GLY A 838 -10.86 -22.28 3.93
N GLY A 839 -10.82 -23.44 4.59
CA GLY A 839 -10.15 -23.56 5.87
C GLY A 839 -11.13 -23.65 7.01
N LEU A 840 -12.07 -22.70 7.06
CA LEU A 840 -13.15 -22.71 8.04
C LEU A 840 -14.31 -23.61 7.64
N GLU A 841 -14.05 -24.61 6.77
CA GLU A 841 -15.12 -25.45 6.26
C GLU A 841 -15.87 -26.15 7.39
N GLU A 842 -15.14 -26.87 8.24
CA GLU A 842 -15.74 -27.59 9.35
C GLU A 842 -15.68 -26.83 10.67
N GLU A 843 -14.87 -25.76 10.75
CA GLU A 843 -14.88 -24.94 11.96
C GLU A 843 -16.21 -24.20 12.11
N LEU A 844 -16.85 -23.84 11.00
CA LEU A 844 -18.17 -23.21 11.08
C LEU A 844 -19.25 -24.22 11.43
N ARG A 845 -19.14 -25.44 10.90
CA ARG A 845 -20.14 -26.45 11.18
C ARG A 845 -20.08 -26.92 12.63
N TRP A 846 -18.90 -26.89 13.24
CA TRP A 846 -18.79 -27.27 14.64
C TRP A 846 -19.40 -26.23 15.57
N PHE A 847 -19.34 -24.96 15.18
CA PHE A 847 -19.80 -23.87 16.04
C PHE A 847 -21.28 -23.58 15.87
N TYR A 848 -21.77 -23.54 14.62
CA TYR A 848 -23.16 -23.17 14.38
C TYR A 848 -24.10 -24.36 14.31
N HIS A 849 -23.68 -25.45 13.68
CA HIS A 849 -24.54 -26.62 13.54
C HIS A 849 -24.35 -27.62 14.69
N THR A 850 -23.09 -27.95 15.02
CA THR A 850 -22.84 -28.92 16.07
C THR A 850 -23.06 -28.31 17.45
N SER A 851 -22.44 -27.16 17.73
CA SER A 851 -22.59 -26.52 19.03
C SER A 851 -23.96 -25.86 19.22
N GLY A 852 -24.79 -25.84 18.18
CA GLY A 852 -26.14 -25.32 18.31
C GLY A 852 -26.23 -23.81 18.40
N LYS A 853 -25.19 -23.08 17.99
CA LYS A 853 -25.26 -21.63 18.02
C LYS A 853 -26.21 -21.07 16.98
N LEU A 854 -26.54 -21.85 15.95
CA LEU A 854 -27.54 -21.39 14.97
C LEU A 854 -28.92 -21.30 15.61
N ARG A 855 -29.27 -22.29 16.44
CA ARG A 855 -30.52 -22.18 17.21
C ARG A 855 -30.41 -21.08 18.26
N LYS A 856 -29.20 -20.79 18.73
CA LYS A 856 -29.00 -19.67 19.64
C LYS A 856 -29.30 -18.34 18.95
N VAL A 857 -28.85 -18.20 17.70
CA VAL A 857 -29.12 -16.97 16.96
C VAL A 857 -30.61 -16.87 16.61
N LEU A 858 -31.18 -17.96 16.10
CA LEU A 858 -32.61 -17.96 15.79
C LEU A 858 -33.47 -17.81 17.05
N GLY A 859 -32.99 -18.35 18.18
CA GLY A 859 -33.75 -18.20 19.41
C GLY A 859 -33.68 -16.80 19.97
N ASP A 860 -32.47 -16.22 20.01
CA ASP A 860 -32.32 -14.86 20.51
C ASP A 860 -33.02 -13.85 19.61
N ALA A 861 -33.04 -14.10 18.30
CA ALA A 861 -33.70 -13.18 17.38
C ALA A 861 -35.22 -13.20 17.57
N ARG A 862 -35.81 -14.40 17.60
CA ARG A 862 -37.26 -14.49 17.78
C ARG A 862 -37.69 -14.01 19.16
N ALA A 863 -36.79 -14.06 20.15
CA ALA A 863 -37.11 -13.49 21.45
C ALA A 863 -37.14 -11.97 21.40
N LEU A 864 -36.24 -11.38 20.61
CA LEU A 864 -36.25 -9.92 20.45
C LEU A 864 -37.45 -9.45 19.64
N ILE A 865 -37.96 -10.29 18.72
CA ILE A 865 -39.14 -9.93 17.95
C ILE A 865 -40.34 -9.80 18.87
N VAL A 866 -40.49 -10.73 19.82
CA VAL A 866 -41.64 -10.71 20.72
C VAL A 866 -41.51 -9.55 21.71
N LYS A 867 -40.32 -9.35 22.27
CA LYS A 867 -40.13 -8.25 23.21
C LYS A 867 -40.30 -6.90 22.53
N SER A 868 -39.92 -6.79 21.26
CA SER A 868 -40.13 -5.55 20.53
C SER A 868 -41.60 -5.33 20.20
N THR A 869 -42.37 -6.41 20.08
CA THR A 869 -43.80 -6.28 19.81
C THR A 869 -44.56 -5.81 21.04
N ALA A 870 -44.13 -6.22 22.23
CA ALA A 870 -44.81 -5.80 23.45
C ALA A 870 -44.46 -4.36 23.82
N THR A 871 -43.18 -4.00 23.73
CA THR A 871 -42.75 -2.63 24.01
C THR A 871 -43.01 -1.68 22.85
N GLN A 872 -43.63 -2.16 21.78
CA GLN A 872 -43.95 -1.30 20.65
C GLN A 872 -44.98 -0.25 21.04
N GLY A 873 -44.72 0.99 20.63
CA GLY A 873 -45.63 2.08 20.92
C GLY A 873 -45.14 2.97 22.04
N ASP A 874 -44.48 2.37 23.04
CA ASP A 874 -43.94 3.13 24.17
C ASP A 874 -42.78 3.98 23.69
N ALA A 875 -42.94 5.30 23.73
CA ALA A 875 -41.86 6.19 23.30
C ALA A 875 -40.66 6.11 24.23
N GLU A 876 -40.86 5.71 25.48
CA GLU A 876 -39.78 5.56 26.44
C GLU A 876 -39.27 4.13 26.42
N VAL A 877 -37.95 3.99 26.62
CA VAL A 877 -37.30 2.68 26.64
C VAL A 877 -37.44 2.09 28.04
N PRO A 878 -37.78 0.81 28.18
CA PRO A 878 -37.93 0.21 29.50
C PRO A 878 -36.65 0.34 30.35
N GLU A 879 -36.85 0.24 31.66
CA GLU A 879 -35.74 0.44 32.59
C GLU A 879 -34.88 -0.82 32.73
N ALA A 880 -35.52 -1.97 33.01
CA ALA A 880 -34.77 -3.20 33.19
C ALA A 880 -34.10 -3.67 31.90
N ASP A 881 -34.56 -3.20 30.74
CA ASP A 881 -33.96 -3.56 29.47
C ASP A 881 -32.79 -2.64 29.10
N ARG A 882 -32.44 -1.68 29.95
CA ARG A 882 -31.27 -0.86 29.71
C ARG A 882 -30.00 -1.69 29.89
N GLU A 883 -28.86 -1.11 29.52
CA GLU A 883 -27.55 -1.76 29.50
C GLU A 883 -27.53 -2.99 28.60
N ARG A 884 -28.56 -3.17 27.77
CA ARG A 884 -28.60 -4.24 26.77
C ARG A 884 -28.26 -3.64 25.41
N ALA A 885 -27.48 -4.39 24.62
CA ALA A 885 -27.01 -3.88 23.34
C ALA A 885 -28.17 -3.45 22.45
N VAL A 886 -29.15 -4.33 22.27
CA VAL A 886 -30.34 -4.00 21.50
C VAL A 886 -31.57 -4.44 22.31
N PRO A 887 -32.23 -3.51 23.00
CA PRO A 887 -33.39 -3.87 23.82
C PRO A 887 -34.64 -4.06 22.98
N ARG A 888 -34.73 -3.36 21.85
CA ARG A 888 -35.94 -3.36 21.05
C ARG A 888 -35.58 -3.23 19.58
N LEU A 889 -36.42 -3.82 18.74
CA LEU A 889 -36.30 -3.71 17.29
C LEU A 889 -37.51 -2.96 16.75
N SER A 890 -37.27 -1.97 15.91
CA SER A 890 -38.35 -1.19 15.33
C SER A 890 -39.15 -2.04 14.34
N SER A 891 -40.33 -1.53 13.97
CA SER A 891 -41.17 -2.25 13.01
C SER A 891 -40.45 -2.45 11.69
N GLY A 892 -39.72 -1.43 11.22
CA GLY A 892 -38.91 -1.61 10.03
C GLY A 892 -37.71 -2.50 10.27
N GLY A 893 -37.16 -2.49 11.49
CA GLY A 893 -36.05 -3.37 11.80
C GLY A 893 -36.43 -4.83 11.82
N ILE A 894 -37.69 -5.13 12.12
CA ILE A 894 -38.16 -6.51 12.10
C ILE A 894 -38.33 -7.00 10.67
N ILE A 895 -38.65 -6.10 9.73
CA ILE A 895 -38.88 -6.48 8.35
C ILE A 895 -37.60 -7.04 7.73
N ALA A 896 -36.52 -6.27 7.77
CA ALA A 896 -35.27 -6.69 7.16
C ALA A 896 -34.68 -7.92 7.86
N LEU A 897 -34.93 -8.06 9.16
CA LEU A 897 -34.41 -9.22 9.87
C LEU A 897 -35.20 -10.50 9.56
N GLU A 898 -36.50 -10.38 9.29
CA GLU A 898 -37.30 -11.55 8.96
C GLU A 898 -36.86 -12.18 7.64
N ARG A 899 -36.37 -11.37 6.71
CA ARG A 899 -35.87 -11.92 5.45
C ARG A 899 -34.60 -12.74 5.66
N THR A 900 -33.75 -12.33 6.62
CA THR A 900 -32.57 -13.12 6.95
C THR A 900 -32.96 -14.36 7.75
N LEU A 901 -33.94 -14.23 8.64
CA LEU A 901 -34.38 -15.37 9.44
C LEU A 901 -34.97 -16.48 8.56
N GLY A 902 -35.63 -16.11 7.46
CA GLY A 902 -36.16 -17.12 6.56
C GLY A 902 -35.05 -17.95 5.93
N LYS A 903 -33.95 -17.30 5.55
CA LYS A 903 -32.81 -18.03 5.02
C LYS A 903 -31.98 -18.69 6.11
N LEU A 904 -32.00 -18.13 7.32
CA LEU A 904 -31.34 -18.76 8.45
C LEU A 904 -32.11 -19.95 9.01
N GLN A 905 -33.43 -20.01 8.75
CA GLN A 905 -34.21 -21.16 9.20
C GLN A 905 -34.12 -22.32 8.22
N ALA A 906 -34.08 -22.03 6.92
CA ALA A 906 -33.93 -23.09 5.93
C ALA A 906 -32.59 -23.81 6.08
N LEU A 907 -31.55 -23.10 6.52
CA LEU A 907 -30.28 -23.75 6.81
C LEU A 907 -30.39 -24.61 8.06
N GLN A 908 -31.18 -24.20 9.04
CA GLN A 908 -31.47 -25.06 10.18
C GLN A 908 -32.41 -26.20 9.80
N ASP A 909 -33.30 -25.96 8.83
CA ASP A 909 -34.19 -27.02 8.38
C ASP A 909 -33.42 -28.11 7.64
N ALA A 910 -32.53 -27.71 6.72
CA ALA A 910 -31.74 -28.69 5.98
C ALA A 910 -30.76 -29.41 6.89
N GLN A 911 -30.33 -28.77 7.97
CA GLN A 911 -29.43 -29.43 8.92
C GLN A 911 -30.17 -30.52 9.71
N THR A 912 -31.38 -30.21 10.17
CA THR A 912 -32.17 -31.20 10.90
C THR A 912 -32.86 -32.21 9.99
N ALA A 913 -32.90 -31.94 8.68
CA ALA A 913 -33.46 -32.90 7.73
C ALA A 913 -32.44 -33.94 7.28
N THR A 914 -31.16 -33.71 7.52
CA THR A 914 -30.10 -34.66 7.17
C THR A 914 -29.80 -35.64 8.29
N GLU A 915 -30.83 -36.09 9.00
CA GLU A 915 -30.65 -37.06 10.07
C GLU A 915 -31.12 -38.44 9.62
N ALA A 916 -30.53 -38.95 8.54
CA ALA A 916 -30.91 -40.25 8.00
C ALA A 916 -30.03 -41.35 8.58
N ARG B 8 41.65 1.20 -15.46
CA ARG B 8 42.35 0.01 -14.99
C ARG B 8 42.60 0.08 -13.48
N ALA B 9 42.21 -0.97 -12.78
CA ALA B 9 42.41 -1.04 -11.33
C ALA B 9 42.40 -2.49 -10.87
N ALA B 10 43.54 -3.16 -11.00
CA ALA B 10 43.62 -4.57 -10.66
C ALA B 10 43.62 -4.78 -9.14
N ALA B 11 43.10 -5.93 -8.72
CA ALA B 11 43.10 -6.33 -7.32
C ALA B 11 44.22 -7.33 -7.07
N LYS B 12 44.95 -7.13 -5.97
CA LYS B 12 46.11 -7.95 -5.66
C LYS B 12 45.77 -9.07 -4.67
N PHE B 13 45.44 -8.69 -3.44
CA PHE B 13 45.20 -9.66 -2.37
C PHE B 13 43.71 -9.94 -2.22
N TYR B 14 43.38 -11.20 -1.98
CA TYR B 14 42.01 -11.64 -1.77
C TYR B 14 41.82 -12.10 -0.32
N GLN B 15 40.57 -12.33 0.04
CA GLN B 15 40.22 -12.60 1.43
C GLN B 15 40.60 -14.02 1.82
N GLU B 16 40.88 -14.20 3.11
CA GLU B 16 41.05 -15.49 3.79
C GLU B 16 42.37 -16.19 3.46
N ASP B 17 43.27 -15.57 2.71
CA ASP B 17 44.58 -16.16 2.48
C ASP B 17 45.63 -15.46 3.36
N ILE B 18 46.82 -16.03 3.37
CA ILE B 18 47.88 -15.61 4.28
C ILE B 18 48.87 -14.73 3.52
N VAL B 19 49.29 -13.63 4.16
CA VAL B 19 50.27 -12.73 3.57
C VAL B 19 51.47 -12.60 4.50
N ARG B 21 54.27 -10.14 5.76
CA ARG B 21 55.53 -10.18 5.02
C ARG B 21 55.88 -8.79 4.49
N LYS B 22 55.56 -7.77 5.27
CA LYS B 22 55.79 -6.39 4.82
C LYS B 22 57.22 -5.95 5.08
N ASP B 23 57.63 -5.93 6.35
CA ASP B 23 58.94 -5.39 6.71
C ASP B 23 59.90 -6.47 7.18
N ASP B 24 59.71 -6.95 8.41
CA ASP B 24 60.65 -7.88 9.02
C ASP B 24 60.59 -9.25 8.34
N SER B 25 61.49 -10.14 8.77
CA SER B 25 61.50 -11.50 8.24
C SER B 25 60.44 -12.36 8.92
N ASN B 26 60.39 -12.33 10.25
CA ASN B 26 59.40 -13.11 11.00
C ASN B 26 58.30 -12.21 11.53
N GLY B 29 53.15 -14.21 9.66
CA GLY B 29 52.47 -13.34 8.72
C GLY B 29 51.17 -12.79 9.25
N VAL B 30 50.12 -12.82 8.41
CA VAL B 30 48.82 -12.28 8.77
C VAL B 30 47.78 -12.83 7.81
N ILE B 31 46.52 -12.79 8.23
CA ILE B 31 45.39 -13.08 7.37
C ILE B 31 44.54 -11.83 7.27
N LEU B 32 44.01 -11.55 6.08
CA LEU B 32 43.22 -10.36 5.82
C LEU B 32 41.75 -10.72 5.69
N ARG B 33 40.90 -9.88 6.28
CA ARG B 33 39.45 -10.09 6.28
C ARG B 33 38.71 -8.96 5.57
N CYS B 34 39.40 -8.22 4.69
CA CYS B 34 38.78 -7.12 3.96
C CYS B 34 39.63 -6.78 2.75
N TRP B 35 38.96 -6.35 1.69
CA TRP B 35 39.66 -5.95 0.47
C TRP B 35 38.75 -5.02 -0.32
N GLN B 36 38.91 -4.99 -1.64
CA GLN B 36 38.02 -4.18 -2.48
C GLN B 36 36.59 -4.67 -2.43
N ASP B 37 36.36 -5.91 -1.97
CA ASP B 37 35.02 -6.44 -1.77
C ASP B 37 34.60 -6.15 -0.33
N ALA B 38 33.62 -5.27 -0.17
CA ALA B 38 33.11 -4.88 1.14
C ALA B 38 31.60 -4.88 1.13
N GLU B 39 31.00 -5.33 2.23
CA GLU B 39 29.55 -5.38 2.35
C GLU B 39 28.95 -3.98 2.36
N ARG B 53 34.40 0.09 8.94
CA ARG B 53 35.58 0.72 8.35
C ARG B 53 35.59 0.58 6.84
N PRO B 54 35.37 1.69 6.13
CA PRO B 54 35.44 1.66 4.67
C PRO B 54 36.88 1.74 4.18
N LEU B 55 37.12 1.08 3.06
CA LEU B 55 38.45 0.97 2.49
C LEU B 55 38.61 1.90 1.29
N VAL B 56 39.86 2.05 0.83
CA VAL B 56 40.18 2.94 -0.27
C VAL B 56 40.41 2.10 -1.53
N GLN B 57 40.78 2.77 -2.64
CA GLN B 57 40.91 2.08 -3.91
C GLN B 57 41.98 1.01 -3.92
N GLY B 58 42.91 1.03 -2.96
CA GLY B 58 44.02 0.09 -3.00
C GLY B 58 44.46 -0.50 -1.68
N GLU B 59 43.76 -0.19 -0.60
CA GLU B 59 44.11 -0.71 0.71
C GLU B 59 43.17 -1.85 1.11
N VAL B 60 43.70 -2.77 1.90
CA VAL B 60 42.95 -3.92 2.38
C VAL B 60 43.10 -3.99 3.89
N GLY B 61 42.11 -4.60 4.55
CA GLY B 61 42.24 -4.90 5.96
C GLY B 61 43.27 -5.98 6.22
N VAL B 62 43.69 -6.10 7.47
CA VAL B 62 44.68 -7.09 7.88
C VAL B 62 44.60 -7.24 9.39
N SER B 63 45.15 -8.35 9.91
CA SER B 63 45.10 -8.63 11.34
C SER B 63 46.26 -9.59 11.64
N TYR B 64 47.45 -9.02 11.84
CA TYR B 64 48.62 -9.80 12.20
C TYR B 64 48.58 -10.13 13.69
N PHE B 65 48.80 -11.40 14.00
CA PHE B 65 48.75 -11.86 15.39
C PHE B 65 49.65 -13.07 15.59
N PRO B 66 50.66 -12.96 16.46
CA PRO B 66 51.55 -14.08 16.78
C PRO B 66 50.95 -15.02 17.82
N MET B 69 47.07 -7.36 16.78
CA MET B 69 46.43 -6.11 16.35
C MET B 69 45.93 -6.23 14.92
N ARG B 70 45.10 -5.27 14.50
CA ARG B 70 44.52 -5.26 13.17
C ARG B 70 44.61 -3.84 12.61
N GLU B 71 45.40 -3.66 11.56
CA GLU B 71 45.58 -2.37 10.92
C GLU B 71 44.96 -2.39 9.52
N ILE B 72 44.98 -1.22 8.88
CA ILE B 72 44.46 -1.05 7.53
C ILE B 72 45.60 -0.48 6.70
N VAL B 73 46.37 -1.36 6.06
CA VAL B 73 47.55 -0.94 5.29
C VAL B 73 47.26 -1.12 3.80
N PRO B 74 47.91 -0.36 2.94
CA PRO B 74 47.75 -0.57 1.49
C PRO B 74 48.36 -1.90 1.06
N GLU B 75 47.95 -2.35 -0.14
CA GLU B 75 48.43 -3.61 -0.67
C GLU B 75 49.89 -3.53 -1.15
N ASP B 76 50.47 -2.34 -1.21
CA ASP B 76 51.86 -2.21 -1.66
C ASP B 76 52.85 -2.68 -0.62
N THR B 77 52.44 -2.80 0.64
CA THR B 77 53.37 -3.22 1.70
C THR B 77 53.47 -4.73 1.78
N LEU B 78 52.34 -5.41 1.97
CA LEU B 78 52.36 -6.84 2.20
C LEU B 78 52.72 -7.61 0.93
N GLU B 79 53.14 -8.86 1.13
CA GLU B 79 53.45 -9.77 0.04
C GLU B 79 52.77 -11.11 0.30
N LEU B 80 52.48 -11.84 -0.78
CA LEU B 80 51.80 -13.11 -0.67
C LEU B 80 52.77 -14.22 -0.28
N VAL B 81 52.32 -15.12 0.58
CA VAL B 81 53.11 -16.27 1.01
C VAL B 81 52.38 -17.58 0.74
N ASP B 82 51.06 -17.61 0.92
CA ASP B 82 50.27 -18.81 0.66
C ASP B 82 48.81 -18.43 0.58
N ARG B 83 48.08 -19.12 -0.31
CA ARG B 83 46.66 -18.88 -0.51
C ARG B 83 45.88 -20.15 -0.16
N LEU B 84 44.68 -19.95 0.39
CA LEU B 84 43.87 -21.04 0.92
C LEU B 84 42.74 -21.36 -0.05
N TYR B 85 42.76 -22.59 -0.58
CA TYR B 85 41.68 -23.10 -1.41
C TYR B 85 41.10 -24.36 -0.79
N GLN B 86 39.92 -24.74 -1.27
CA GLN B 86 39.22 -25.92 -0.77
C GLN B 86 38.74 -26.76 -1.94
N PRO B 87 38.62 -28.09 -1.75
CA PRO B 87 38.06 -28.94 -2.82
C PRO B 87 36.63 -28.55 -3.16
N GLY B 88 36.47 -27.74 -4.21
CA GLY B 88 35.17 -27.25 -4.61
C GLY B 88 35.22 -25.79 -4.99
N ASP B 89 36.19 -25.06 -4.45
CA ASP B 89 36.35 -23.65 -4.77
C ASP B 89 36.78 -23.48 -6.23
N LEU B 90 36.65 -22.26 -6.72
CA LEU B 90 36.92 -21.93 -8.10
C LEU B 90 38.08 -20.95 -8.19
N LEU B 91 38.92 -21.11 -9.22
CA LEU B 91 40.06 -20.24 -9.41
C LEU B 91 40.35 -20.10 -10.89
N LYS B 92 41.19 -19.10 -11.21
CA LYS B 92 41.67 -18.89 -12.56
C LYS B 92 43.16 -18.56 -12.50
N ARG B 93 43.82 -18.64 -13.65
CA ARG B 93 45.21 -18.19 -13.73
C ARG B 93 45.32 -16.68 -13.64
N SER B 94 44.26 -15.95 -13.99
CA SER B 94 44.23 -14.50 -13.90
C SER B 94 42.79 -14.04 -13.97
N VAL B 95 42.55 -12.80 -13.54
CA VAL B 95 41.21 -12.26 -13.52
C VAL B 95 40.67 -12.00 -14.92
N ASP B 96 41.55 -11.89 -15.92
CA ASP B 96 41.13 -11.68 -17.30
C ASP B 96 40.92 -12.99 -18.06
N ASP B 97 41.47 -14.10 -17.58
CA ASP B 97 41.28 -15.38 -18.23
C ASP B 97 39.82 -15.82 -18.09
N VAL B 98 39.13 -15.97 -19.21
CA VAL B 98 37.74 -16.43 -19.17
C VAL B 98 37.68 -17.87 -18.71
N ARG B 99 38.70 -18.67 -19.01
CA ARG B 99 38.74 -20.05 -18.56
C ARG B 99 38.88 -20.12 -17.04
N SER B 100 38.00 -20.89 -16.41
CA SER B 100 38.04 -21.10 -14.97
C SER B 100 38.21 -22.59 -14.67
N GLY B 101 38.54 -22.88 -13.41
CA GLY B 101 38.78 -24.24 -13.00
C GLY B 101 38.27 -24.49 -11.59
N VAL B 102 38.08 -25.77 -11.29
CA VAL B 102 37.59 -26.22 -9.99
C VAL B 102 38.71 -26.99 -9.29
N VAL B 103 38.79 -26.81 -7.97
CA VAL B 103 39.80 -27.48 -7.16
C VAL B 103 39.31 -28.87 -6.79
N THR B 104 40.17 -29.88 -6.98
CA THR B 104 39.85 -31.25 -6.64
C THR B 104 40.47 -31.72 -5.33
N ARG B 105 41.72 -31.34 -5.07
CA ARG B 105 42.39 -31.72 -3.84
C ARG B 105 43.38 -30.62 -3.45
N THR B 106 43.57 -30.45 -2.14
CA THR B 106 44.44 -29.43 -1.59
C THR B 106 45.65 -30.08 -0.95
N HIS B 107 46.84 -29.56 -1.27
CA HIS B 107 48.08 -30.07 -0.69
C HIS B 107 48.76 -29.01 0.16
N ARG B 111 57.86 -25.00 8.91
CA ARG B 111 57.85 -23.87 9.84
C ARG B 111 56.57 -23.86 10.67
N LEU B 112 56.73 -24.06 11.98
CA LEU B 112 55.59 -24.09 12.90
C LEU B 112 56.08 -23.80 14.30
N GLU B 113 55.40 -22.90 15.00
CA GLU B 113 55.84 -22.46 16.32
C GLU B 113 55.52 -23.53 17.35
N HIS B 114 56.47 -23.82 18.23
CA HIS B 114 56.35 -24.89 19.22
C HIS B 114 55.69 -24.43 20.52
N ALA B 115 55.25 -23.18 20.59
CA ALA B 115 54.60 -22.63 21.78
C ALA B 115 55.47 -22.79 23.02
N PRO B 122 62.67 -28.92 12.48
CA PRO B 122 63.51 -28.69 11.31
C PRO B 122 62.73 -28.73 10.00
N GLY B 123 62.65 -27.60 9.32
CA GLY B 123 61.95 -27.56 8.05
C GLY B 123 60.44 -27.59 8.22
N TRP B 124 59.77 -28.20 7.25
CA TRP B 124 58.32 -28.30 7.22
C TRP B 124 57.90 -29.75 7.52
N LYS B 125 56.61 -30.02 7.34
CA LYS B 125 56.06 -31.35 7.52
C LYS B 125 54.87 -31.52 6.59
N SER B 126 54.77 -32.68 5.95
CA SER B 126 53.69 -32.93 5.01
C SER B 126 52.36 -33.02 5.73
N MET B 127 51.28 -33.01 4.94
CA MET B 127 49.93 -33.06 5.51
C MET B 127 49.64 -34.39 6.19
N GLU B 128 50.39 -35.45 5.85
CA GLU B 128 50.21 -36.76 6.46
C GLU B 128 51.15 -36.99 7.64
N GLU B 129 52.02 -36.03 7.96
CA GLU B 129 52.94 -36.15 9.07
C GLU B 129 52.51 -35.33 10.29
N ILE B 130 51.23 -34.98 10.37
CA ILE B 130 50.70 -34.21 11.50
C ILE B 130 49.21 -34.47 11.63
N GLU B 131 48.77 -34.86 12.82
CA GLU B 131 47.37 -35.14 13.10
C GLU B 131 46.80 -34.08 14.03
N SER B 132 45.54 -33.73 13.82
CA SER B 132 44.88 -32.70 14.62
C SER B 132 44.56 -33.25 16.00
N ALA B 133 45.19 -32.70 17.03
CA ALA B 133 44.89 -33.07 18.40
C ALA B 133 43.62 -32.41 18.92
N VAL B 134 43.02 -31.52 18.15
CA VAL B 134 41.76 -30.88 18.53
C VAL B 134 40.67 -31.95 18.58
N GLU B 135 40.20 -32.24 19.79
CA GLU B 135 39.23 -33.32 19.97
C GLU B 135 37.92 -33.00 19.27
N ILE B 136 37.28 -31.89 19.65
CA ILE B 136 35.99 -31.50 19.09
C ILE B 136 36.01 -30.00 18.82
N ASP B 137 35.49 -29.62 17.65
CA ASP B 137 35.36 -28.22 17.27
C ASP B 137 33.89 -27.82 17.28
N MET B 138 33.66 -26.52 17.31
CA MET B 138 32.30 -26.00 17.34
C MET B 138 31.62 -26.20 15.99
N GLY B 139 30.56 -26.99 15.96
CA GLY B 139 29.82 -27.27 14.75
C GLY B 139 30.19 -28.55 14.04
N GLU B 140 30.94 -29.45 14.68
CA GLU B 140 31.35 -30.69 14.05
C GLU B 140 30.24 -31.72 14.15
N TYR B 141 30.05 -32.48 13.09
CA TYR B 141 28.97 -33.47 13.03
C TYR B 141 29.33 -34.70 13.86
N VAL B 142 28.34 -35.24 14.56
CA VAL B 142 28.49 -36.45 15.35
C VAL B 142 27.42 -37.45 14.93
N ILE B 143 27.64 -38.71 15.31
CA ILE B 143 26.75 -39.82 14.95
C ILE B 143 26.45 -40.63 16.19
N TYR B 144 25.17 -40.89 16.44
CA TYR B 144 24.74 -41.76 17.52
C TYR B 144 23.45 -42.44 17.09
N ASN B 145 23.34 -43.74 17.40
CA ASN B 145 22.23 -44.59 16.95
C ASN B 145 22.20 -44.52 15.43
N ASP B 146 21.10 -44.11 14.81
CA ASP B 146 21.06 -43.85 13.37
C ASP B 146 20.68 -42.39 13.10
N TRP B 147 21.04 -41.50 14.01
CA TRP B 147 20.80 -40.07 13.89
C TRP B 147 22.12 -39.34 13.66
N VAL B 148 22.00 -38.08 13.24
CA VAL B 148 23.15 -37.22 12.99
C VAL B 148 22.81 -35.81 13.45
N GLY B 149 23.76 -35.16 14.11
CA GLY B 149 23.57 -33.82 14.61
C GLY B 149 24.86 -33.04 14.60
N GLN B 150 24.81 -31.82 15.14
CA GLN B 150 25.96 -30.94 15.20
C GLN B 150 26.07 -30.35 16.60
N VAL B 151 27.29 -30.04 17.01
CA VAL B 151 27.55 -29.46 18.32
C VAL B 151 27.36 -27.95 18.22
N VAL B 152 26.43 -27.42 19.01
CA VAL B 152 26.10 -26.00 18.95
C VAL B 152 26.76 -25.25 20.10
N GLU B 153 27.02 -25.95 21.21
CA GLU B 153 27.63 -25.34 22.39
C GLU B 153 28.63 -26.31 22.98
N MET B 154 29.68 -25.76 23.58
CA MET B 154 30.75 -26.55 24.19
C MET B 154 31.03 -26.03 25.59
N PHE B 155 31.86 -26.78 26.31
CA PHE B 155 32.18 -26.45 27.71
C PHE B 155 33.58 -26.98 28.00
N ASP B 156 34.59 -26.16 27.71
CA ASP B 156 35.98 -26.53 27.95
C ASP B 156 36.44 -26.03 29.31
N GLU B 157 37.35 -26.78 29.93
CA GLU B 157 37.84 -26.45 31.26
C GLU B 157 39.37 -26.54 31.25
N SER B 158 40.03 -25.39 31.30
CA SER B 158 41.49 -25.34 31.36
C SER B 158 41.95 -24.37 32.44
N LEU B 159 43.24 -24.08 32.48
CA LEU B 159 43.79 -23.16 33.47
C LEU B 159 45.12 -22.57 32.98
N PRO B 171 38.04 -22.70 35.41
CA PRO B 171 36.89 -22.06 34.76
C PRO B 171 36.43 -22.84 33.52
N GLU B 172 35.14 -22.72 33.19
CA GLU B 172 34.57 -23.45 32.06
C GLU B 172 33.39 -22.66 31.52
N LEU B 173 33.54 -22.08 30.32
CA LEU B 173 32.47 -21.31 29.70
C LEU B 173 32.80 -20.90 28.26
N SER B 174 31.84 -21.11 27.36
CA SER B 174 31.78 -20.44 26.06
C SER B 174 32.85 -20.90 25.06
N ALA B 175 33.85 -21.65 25.54
CA ALA B 175 34.91 -22.21 24.68
C ALA B 175 35.65 -21.07 24.00
N ARG B 176 36.08 -21.25 22.74
CA ARG B 176 36.83 -20.25 21.99
C ARG B 176 38.15 -19.90 22.69
N LEU B 177 38.98 -20.92 22.85
CA LEU B 177 40.28 -20.75 23.49
C LEU B 177 41.24 -21.81 22.96
N ALA B 178 42.47 -21.40 22.68
CA ALA B 178 43.48 -22.30 22.16
C ALA B 178 44.87 -21.91 22.68
N LYS B 217 40.31 -28.15 27.16
CA LYS B 217 39.77 -29.51 27.26
C LYS B 217 38.25 -29.47 27.38
N HIS B 218 37.57 -29.78 26.27
CA HIS B 218 36.12 -29.73 26.24
C HIS B 218 35.53 -30.85 27.09
N THR B 219 34.45 -30.53 27.82
CA THR B 219 33.82 -31.47 28.74
C THR B 219 32.38 -31.76 28.38
N VAL B 220 31.53 -30.75 28.25
CA VAL B 220 30.11 -30.92 27.97
C VAL B 220 29.82 -30.45 26.56
N LEU B 221 29.03 -31.24 25.83
CA LEU B 221 28.64 -30.93 24.47
C LEU B 221 27.12 -30.97 24.34
N ALA B 222 26.56 -30.00 23.63
CA ALA B 222 25.12 -29.90 23.42
C ALA B 222 24.85 -30.18 21.94
N VAL B 223 24.18 -31.31 21.67
CA VAL B 223 23.90 -31.74 20.31
C VAL B 223 22.47 -31.39 19.96
N ALA B 224 22.28 -30.87 18.75
CA ALA B 224 20.96 -30.60 18.18
C ALA B 224 20.80 -31.54 16.99
N TRP B 225 20.26 -32.73 17.25
CA TRP B 225 20.20 -33.76 16.22
C TRP B 225 19.34 -33.31 15.04
N LEU B 226 19.84 -33.57 13.83
CA LEU B 226 19.22 -33.07 12.61
C LEU B 226 18.23 -34.07 12.03
N ALA B 227 18.73 -35.00 11.22
CA ALA B 227 17.90 -35.95 10.50
C ALA B 227 18.24 -37.38 10.90
N ILE B 228 17.48 -38.32 10.36
CA ILE B 228 17.66 -39.75 10.63
C ILE B 228 18.31 -40.41 9.41
N ASN B 229 18.77 -41.64 9.61
CA ASN B 229 19.36 -42.40 8.52
C ASN B 229 18.29 -42.74 7.49
N GLN B 230 18.52 -42.37 6.23
CA GLN B 230 17.56 -42.61 5.16
C GLN B 230 17.66 -44.01 4.58
N SER B 231 18.44 -44.91 5.21
CA SER B 231 18.64 -46.26 4.72
C SER B 231 17.79 -47.27 5.46
N LEU B 232 16.69 -46.85 6.07
CA LEU B 232 15.85 -47.72 6.88
C LEU B 232 14.41 -47.67 6.39
N SER B 233 13.57 -48.54 6.98
CA SER B 233 12.14 -48.75 6.79
C SER B 233 11.34 -47.93 7.79
N PRO B 234 10.10 -47.55 7.45
CA PRO B 234 9.28 -46.79 8.41
C PRO B 234 9.13 -47.45 9.76
N GLU B 235 9.11 -48.78 9.82
CA GLU B 235 9.09 -49.45 11.12
C GLU B 235 10.37 -49.20 11.90
N GLU B 236 11.50 -49.09 11.20
CA GLU B 236 12.77 -48.77 11.85
C GLU B 236 12.94 -47.26 12.04
N ALA B 237 12.26 -46.44 11.24
CA ALA B 237 12.42 -44.99 11.36
C ALA B 237 11.70 -44.46 12.59
N GLN B 238 10.46 -44.90 12.81
CA GLN B 238 9.71 -44.45 13.97
C GLN B 238 10.30 -44.98 15.27
N GLY B 239 11.10 -46.04 15.21
CA GLY B 239 11.69 -46.58 16.43
C GLY B 239 12.78 -45.69 16.99
N LYS B 240 13.68 -45.24 16.15
CA LYS B 240 14.79 -44.37 16.58
C LYS B 240 14.27 -42.97 16.87
N PRO B 241 14.31 -42.50 18.11
CA PRO B 241 13.77 -41.17 18.41
C PRO B 241 14.84 -40.10 18.43
N ARG B 242 14.51 -38.94 19.00
CA ARG B 242 15.51 -37.89 19.20
C ARG B 242 16.40 -38.26 20.39
N PRO B 243 17.70 -38.47 20.18
CA PRO B 243 18.56 -38.93 21.29
C PRO B 243 18.79 -37.87 22.35
N GLN B 244 19.82 -38.10 23.19
CA GLN B 244 20.10 -37.19 24.29
C GLN B 244 20.54 -35.83 23.77
N ARG B 245 20.02 -34.77 24.39
CA ARG B 245 20.35 -33.41 23.96
C ARG B 245 21.64 -32.89 24.59
N TYR B 246 22.09 -33.51 25.68
CA TYR B 246 23.30 -33.10 26.37
C TYR B 246 24.18 -34.33 26.60
N TRP B 247 25.44 -34.24 26.21
CA TRP B 247 26.39 -35.34 26.32
C TRP B 247 27.57 -34.90 27.17
N TYR B 248 27.97 -35.76 28.10
CA TYR B 248 29.05 -35.46 29.03
C TYR B 248 29.51 -36.75 29.70
N GLY B 249 30.73 -36.73 30.22
CA GLY B 249 31.25 -37.86 30.97
C GLY B 249 31.82 -38.97 30.11
N GLU B 250 31.29 -40.18 30.29
CA GLU B 250 31.77 -41.37 29.58
C GLU B 250 30.91 -41.73 28.38
N ASP B 251 29.80 -41.01 28.15
CA ASP B 251 28.95 -41.31 27.01
C ASP B 251 29.62 -40.95 25.68
N LEU B 252 30.59 -40.05 25.69
CA LEU B 252 31.29 -39.66 24.48
C LEU B 252 32.64 -40.35 24.39
N LEU B 255 33.05 -40.83 20.31
CA LEU B 255 32.44 -41.78 19.39
C LEU B 255 32.78 -41.46 17.93
N THR B 256 31.84 -41.75 17.03
CA THR B 256 32.04 -41.51 15.62
C THR B 256 32.16 -40.02 15.31
N THR B 257 33.40 -39.53 15.26
CA THR B 257 33.66 -38.13 14.89
C THR B 257 33.94 -38.08 13.39
N ILE B 258 33.16 -37.27 12.68
CA ILE B 258 33.24 -37.19 11.23
C ILE B 258 34.25 -36.12 10.83
N THR B 259 35.21 -36.50 9.99
CA THR B 259 36.21 -35.58 9.48
C THR B 259 35.80 -35.07 8.10
N ARG B 260 36.35 -33.92 7.73
CA ARG B 260 36.11 -33.29 6.44
C ARG B 260 37.41 -33.27 5.65
N LYS B 261 37.34 -33.71 4.38
CA LYS B 261 38.51 -33.71 3.52
C LYS B 261 38.93 -32.31 3.09
N ALA B 262 38.24 -31.27 3.55
CA ALA B 262 38.59 -29.89 3.24
C ALA B 262 39.11 -29.13 4.45
N GLU B 263 38.94 -29.65 5.66
CA GLU B 263 39.40 -28.99 6.87
C GLU B 263 40.81 -29.39 7.27
N GLU B 264 41.37 -30.42 6.64
CA GLU B 264 42.72 -30.88 6.97
C GLU B 264 43.77 -30.00 6.30
N ALA B 265 44.91 -29.85 6.99
CA ALA B 265 46.05 -29.07 6.51
C ALA B 265 45.64 -27.62 6.19
N MET B 266 45.23 -26.92 7.24
CA MET B 266 44.82 -25.53 7.12
C MET B 266 45.80 -24.60 7.82
N GLY B 269 47.36 -21.60 11.77
CA GLY B 269 47.20 -21.29 13.18
C GLY B 269 46.53 -22.40 13.97
N ASP B 270 46.32 -23.53 13.32
CA ASP B 270 45.70 -24.67 13.97
C ASP B 270 46.64 -25.29 15.00
N ARG B 271 46.07 -26.14 15.87
CA ARG B 271 46.82 -26.85 16.89
C ARG B 271 46.87 -28.32 16.51
N VAL B 272 48.02 -28.77 16.03
CA VAL B 272 48.21 -30.16 15.61
C VAL B 272 49.67 -30.52 15.83
N LYS B 273 49.90 -31.77 16.26
CA LYS B 273 51.25 -32.24 16.54
C LYS B 273 51.64 -33.38 15.60
N LEU B 274 51.16 -34.59 15.91
CA LEU B 274 51.49 -35.75 15.10
C LEU B 274 50.35 -36.77 15.11
N ASN B 276 56.09 -37.82 16.91
CA ASN B 276 57.38 -37.48 17.48
C ASN B 276 58.47 -37.59 16.43
N ASP B 296 52.88 -30.49 25.35
CA ASP B 296 53.21 -31.24 24.14
C ASP B 296 52.28 -30.89 23.00
N THR B 297 52.37 -29.65 22.51
CA THR B 297 51.55 -29.18 21.42
C THR B 297 52.39 -28.35 20.46
N LEU B 298 51.94 -28.31 19.20
CA LEU B 298 52.60 -27.55 18.15
C LEU B 298 51.57 -26.74 17.40
N VAL B 299 51.92 -25.48 17.11
CA VAL B 299 51.05 -24.57 16.36
C VAL B 299 51.71 -24.29 15.01
N VAL B 300 50.92 -24.34 13.94
CA VAL B 300 51.42 -24.14 12.60
C VAL B 300 51.48 -22.65 12.28
N GLN B 301 52.46 -22.27 11.48
CA GLN B 301 52.63 -20.88 11.07
C GLN B 301 52.54 -20.74 9.55
N THR B 303 53.10 -21.79 5.67
CA THR B 303 52.69 -23.00 4.98
C THR B 303 52.88 -22.86 3.46
N ARG B 304 52.95 -24.00 2.78
CA ARG B 304 53.05 -24.04 1.33
C ARG B 304 51.94 -24.95 0.80
N THR B 305 51.18 -24.45 -0.18
CA THR B 305 50.01 -25.15 -0.67
C THR B 305 50.01 -25.19 -2.19
N SER B 306 49.64 -26.35 -2.74
CA SER B 306 49.41 -26.53 -4.16
C SER B 306 48.10 -27.29 -4.34
N VAL B 307 47.34 -26.94 -5.36
CA VAL B 307 46.01 -27.50 -5.58
C VAL B 307 45.98 -28.22 -6.93
N ASP B 308 45.25 -29.33 -6.97
CA ASP B 308 45.02 -30.07 -8.20
C ASP B 308 43.79 -29.49 -8.87
N VAL B 309 43.99 -28.82 -10.00
CA VAL B 309 42.94 -28.04 -10.65
C VAL B 309 42.37 -28.83 -11.83
N LEU B 310 41.05 -28.76 -11.99
CA LEU B 310 40.36 -29.31 -13.15
C LEU B 310 39.79 -28.15 -13.95
N TRP B 311 40.38 -27.88 -15.10
CA TRP B 311 39.95 -26.74 -15.91
C TRP B 311 38.62 -27.03 -16.60
N GLN B 312 38.05 -25.99 -17.21
CA GLN B 312 36.76 -26.14 -17.87
C GLN B 312 36.85 -26.96 -19.15
N ASP B 313 37.95 -26.85 -19.88
CA ASP B 313 38.16 -27.62 -21.11
C ASP B 313 38.64 -29.04 -20.87
N GLY B 314 38.36 -29.61 -19.70
CA GLY B 314 38.74 -30.98 -19.39
C GLY B 314 40.16 -31.18 -18.92
N THR B 315 41.06 -30.23 -19.18
CA THR B 315 42.45 -30.41 -18.80
C THR B 315 42.62 -30.32 -17.29
N ARG B 316 43.43 -31.22 -16.75
CA ARG B 316 43.73 -31.28 -15.32
C ARG B 316 45.24 -31.10 -15.13
N GLU B 317 45.61 -30.10 -14.34
CA GLU B 317 47.02 -29.84 -14.07
C GLU B 317 47.17 -29.20 -12.70
N THR B 318 48.20 -29.62 -11.98
CA THR B 318 48.47 -29.10 -10.64
C THR B 318 49.45 -27.93 -10.73
N MET B 319 49.16 -26.87 -9.99
CA MET B 319 49.97 -25.66 -10.01
C MET B 319 50.06 -25.08 -8.61
N ASP B 320 50.89 -24.06 -8.47
CA ASP B 320 51.06 -23.38 -7.20
C ASP B 320 49.98 -22.33 -7.00
N VAL B 321 49.60 -22.11 -5.74
CA VAL B 321 48.53 -21.17 -5.44
C VAL B 321 48.96 -19.73 -5.66
N LYS B 322 50.27 -19.45 -5.71
CA LYS B 322 50.74 -18.10 -5.96
C LYS B 322 50.44 -17.63 -7.37
N GLN B 323 50.27 -18.55 -8.32
CA GLN B 323 49.93 -18.19 -9.69
C GLN B 323 48.44 -18.09 -9.93
N THR B 324 47.61 -18.66 -9.07
CA THR B 324 46.18 -18.69 -9.27
C THR B 324 45.51 -17.51 -8.56
N VAL B 325 44.25 -17.27 -8.93
CA VAL B 325 43.45 -16.18 -8.37
C VAL B 325 42.04 -16.72 -8.12
N PRO B 326 41.46 -16.49 -6.94
CA PRO B 326 40.12 -17.01 -6.67
C PRO B 326 39.08 -16.40 -7.59
N TYR B 327 38.03 -17.18 -7.85
CA TYR B 327 36.93 -16.79 -8.74
C TYR B 327 35.66 -16.69 -7.88
N LEU B 328 35.54 -15.59 -7.14
CA LEU B 328 34.50 -15.47 -6.14
C LEU B 328 33.13 -15.14 -6.74
N ASN B 329 33.10 -14.50 -7.92
CA ASN B 329 31.86 -14.05 -8.54
C ASN B 329 31.71 -14.70 -9.90
N PRO B 330 31.20 -15.93 -9.94
CA PRO B 330 31.02 -16.61 -11.22
C PRO B 330 29.73 -16.20 -11.92
N ASP B 331 29.68 -16.48 -13.21
CA ASP B 331 28.47 -16.25 -13.99
C ASP B 331 27.45 -17.35 -13.69
N GLU B 332 26.17 -16.99 -13.82
CA GLU B 332 25.10 -17.93 -13.49
C GLU B 332 25.09 -19.15 -14.42
N TYR B 333 25.68 -19.03 -15.60
CA TYR B 333 25.72 -20.13 -16.55
C TYR B 333 27.03 -20.91 -16.50
N ASP B 334 28.01 -20.46 -15.70
CA ASP B 334 29.29 -21.13 -15.63
C ASP B 334 29.14 -22.53 -15.03
N CYS B 335 29.66 -23.53 -15.73
CA CYS B 335 29.67 -24.90 -15.27
C CYS B 335 31.07 -25.49 -15.49
N TRP B 336 31.29 -26.66 -14.91
CA TRP B 336 32.59 -27.32 -14.93
C TRP B 336 32.39 -28.79 -15.24
N PRO B 337 33.40 -29.46 -15.78
CA PRO B 337 33.24 -30.87 -16.15
C PRO B 337 32.85 -31.74 -14.96
N GLY B 338 31.85 -32.59 -15.16
CA GLY B 338 31.35 -33.46 -14.14
C GLY B 338 30.08 -32.99 -13.45
N ASP B 339 29.72 -31.71 -13.62
CA ASP B 339 28.54 -31.16 -12.98
C ASP B 339 27.27 -31.61 -13.69
N HIS B 340 26.20 -31.76 -12.91
CA HIS B 340 24.88 -32.09 -13.43
C HIS B 340 24.08 -30.80 -13.59
N VAL B 341 23.87 -30.39 -14.83
CA VAL B 341 23.12 -29.16 -15.12
C VAL B 341 21.84 -29.51 -15.87
N LEU B 342 21.12 -28.49 -16.30
CA LEU B 342 19.85 -28.66 -17.00
C LEU B 342 19.92 -27.94 -18.34
N TRP B 343 19.84 -28.69 -19.43
CA TRP B 343 19.85 -28.12 -20.77
C TRP B 343 18.43 -27.66 -21.10
N LYS B 344 18.23 -26.35 -21.18
CA LYS B 344 16.90 -25.76 -21.33
C LYS B 344 16.74 -25.26 -22.76
N THR B 345 16.32 -26.17 -23.65
CA THR B 345 15.88 -25.77 -24.97
C THR B 345 14.40 -25.39 -24.93
N GLU B 346 14.00 -24.54 -25.88
CA GLU B 346 12.61 -24.09 -25.92
C GLU B 346 11.64 -25.25 -26.11
N ASP B 347 12.10 -26.38 -26.64
CA ASP B 347 11.23 -27.55 -26.81
C ASP B 347 11.04 -28.28 -25.49
N HIS B 348 12.13 -28.55 -24.78
CA HIS B 348 12.05 -29.28 -23.51
C HIS B 348 13.30 -28.99 -22.69
N LYS B 349 13.17 -29.19 -21.38
CA LYS B 349 14.29 -29.03 -20.44
C LYS B 349 14.90 -30.40 -20.20
N ARG B 350 16.00 -30.67 -20.90
CA ARG B 350 16.63 -31.99 -20.84
C ARG B 350 17.72 -32.03 -19.78
N HIS B 351 17.92 -33.22 -19.21
CA HIS B 351 18.99 -33.44 -18.25
C HIS B 351 20.26 -33.84 -18.98
N VAL B 352 21.35 -33.11 -18.71
CA VAL B 352 22.65 -33.36 -19.32
C VAL B 352 23.72 -33.31 -18.25
N VAL B 353 24.84 -33.99 -18.53
CA VAL B 353 26.02 -33.97 -17.68
C VAL B 353 27.15 -33.31 -18.44
N VAL B 354 27.75 -32.29 -17.84
CA VAL B 354 28.79 -31.52 -18.51
C VAL B 354 30.05 -32.36 -18.68
N GLN B 355 30.62 -32.33 -19.89
CA GLN B 355 31.87 -33.02 -20.19
C GLN B 355 33.03 -32.06 -20.41
N SER B 356 32.82 -31.02 -21.22
CA SER B 356 33.83 -30.00 -21.47
C SER B 356 33.15 -28.68 -21.72
N VAL B 357 33.84 -27.59 -21.37
CA VAL B 357 33.31 -26.24 -21.51
C VAL B 357 34.39 -25.36 -22.12
N ASN B 358 34.07 -24.70 -23.22
CA ASN B 358 34.97 -23.73 -23.87
C ASN B 358 34.46 -22.34 -23.50
N ALA B 359 35.03 -21.78 -22.43
CA ALA B 359 34.52 -20.52 -21.91
C ALA B 359 34.77 -19.37 -22.88
N GLN B 360 35.78 -19.49 -23.74
CA GLN B 360 36.05 -18.46 -24.73
C GLN B 360 34.93 -18.37 -25.75
N ASP B 361 34.46 -19.51 -26.25
CA ASP B 361 33.35 -19.55 -27.20
C ASP B 361 31.99 -19.65 -26.51
N ARG B 362 31.96 -19.82 -25.19
CA ARG B 362 30.71 -19.92 -24.43
C ARG B 362 29.85 -21.10 -24.91
N THR B 363 30.51 -22.18 -25.28
CA THR B 363 29.86 -23.43 -25.66
C THR B 363 30.30 -24.53 -24.71
N ALA B 364 29.61 -25.67 -24.79
CA ALA B 364 29.90 -26.78 -23.91
C ALA B 364 29.42 -28.08 -24.54
N TYR B 365 30.15 -29.16 -24.27
CA TYR B 365 29.77 -30.50 -24.71
C TYR B 365 29.17 -31.24 -23.51
N VAL B 366 27.89 -31.59 -23.62
CA VAL B 366 27.17 -32.23 -22.54
C VAL B 366 26.58 -33.55 -23.04
N ARG B 367 26.41 -34.49 -22.11
CA ARG B 367 25.87 -35.81 -22.41
C ARG B 367 24.41 -35.85 -22.01
N VAL B 368 23.51 -35.86 -22.99
CA VAL B 368 22.09 -36.03 -22.73
C VAL B 368 21.89 -37.43 -22.16
N VAL B 369 21.58 -37.50 -20.85
CA VAL B 369 21.60 -38.79 -20.16
C VAL B 369 20.47 -39.69 -20.64
N GLU B 370 19.37 -39.13 -21.10
CA GLU B 370 18.31 -39.97 -21.66
C GLU B 370 18.73 -40.61 -22.97
N THR B 371 19.59 -39.92 -23.74
CA THR B 371 20.08 -40.46 -25.00
C THR B 371 21.48 -41.07 -24.88
N GLY B 372 22.27 -40.61 -23.92
CA GLY B 372 23.63 -41.09 -23.76
C GLY B 372 24.64 -40.51 -24.73
N ALA B 373 24.23 -39.59 -25.60
CA ALA B 373 25.10 -39.00 -26.59
C ALA B 373 25.55 -37.61 -26.16
N VAL B 374 26.70 -37.20 -26.69
CA VAL B 374 27.29 -35.89 -26.37
C VAL B 374 26.96 -34.94 -27.51
N GLU B 375 26.34 -33.82 -27.17
CA GLU B 375 25.96 -32.81 -28.16
C GLU B 375 26.48 -31.44 -27.73
N LEU B 376 26.75 -30.59 -28.72
CA LEU B 376 27.21 -29.24 -28.43
C LEU B 376 26.05 -28.40 -27.92
N ALA B 377 26.29 -27.67 -26.84
CA ALA B 377 25.26 -26.86 -26.19
C ALA B 377 25.77 -25.46 -25.91
N SER B 378 24.87 -24.50 -25.98
CA SER B 378 25.20 -23.12 -25.63
C SER B 378 25.17 -22.98 -24.11
N VAL B 379 26.24 -22.39 -23.56
CA VAL B 379 26.33 -22.22 -22.11
C VAL B 379 25.19 -21.34 -21.60
N LEU B 380 24.75 -20.37 -22.39
CA LEU B 380 23.62 -19.53 -21.99
C LEU B 380 22.33 -20.31 -21.87
N GLU B 381 22.23 -21.48 -22.50
CA GLU B 381 21.03 -22.30 -22.43
C GLU B 381 21.15 -23.40 -21.38
N LEU B 382 22.15 -23.32 -20.51
CA LEU B 382 22.31 -24.26 -19.41
C LEU B 382 21.95 -23.56 -18.10
N ASP B 383 21.03 -24.16 -17.35
CA ASP B 383 20.54 -23.59 -16.09
C ASP B 383 20.89 -24.55 -14.96
N PRO B 384 22.11 -24.45 -14.41
CA PRO B 384 22.50 -25.34 -13.31
C PRO B 384 21.77 -25.01 -12.01
N HIS B 385 21.71 -23.72 -11.66
CA HIS B 385 21.06 -23.30 -10.43
C HIS B 385 19.55 -23.19 -10.62
N GLY B 399 19.01 -24.61 -5.65
CA GLY B 399 20.12 -25.46 -6.04
C GLY B 399 19.69 -26.82 -6.55
N LEU B 400 20.48 -27.37 -7.46
CA LEU B 400 20.19 -28.67 -8.05
C LEU B 400 21.50 -29.31 -8.48
N GLY B 401 21.80 -30.49 -7.92
CA GLY B 401 23.03 -31.18 -8.24
C GLY B 401 23.70 -31.78 -7.03
N VAL B 402 25.02 -31.71 -6.98
CA VAL B 402 25.80 -32.21 -5.85
C VAL B 402 27.20 -31.60 -5.88
N ARG B 403 27.41 -30.55 -5.12
CA ARG B 403 28.69 -29.87 -5.11
C ARG B 403 29.73 -30.69 -4.35
N ARG B 404 30.99 -30.52 -4.73
CA ARG B 404 32.09 -31.25 -4.10
C ARG B 404 32.27 -30.75 -2.67
N GLY B 405 32.12 -31.66 -1.71
CA GLY B 405 32.23 -31.33 -0.30
C GLY B 405 30.91 -31.35 0.45
N ASP B 406 29.79 -31.51 -0.24
CA ASP B 406 28.49 -31.56 0.41
C ASP B 406 28.29 -32.92 1.08
N PHE B 407 27.89 -32.89 2.35
CA PHE B 407 27.57 -34.13 3.06
C PHE B 407 26.19 -34.61 2.61
N VAL B 408 26.12 -35.89 2.23
CA VAL B 408 24.89 -36.45 1.68
C VAL B 408 24.64 -37.82 2.31
N PHE B 409 23.36 -38.14 2.47
CA PHE B 409 22.95 -39.47 2.88
C PHE B 409 22.99 -40.42 1.68
N ILE B 410 22.93 -41.71 1.96
CA ILE B 410 22.90 -42.74 0.93
C ILE B 410 21.69 -43.63 1.17
N HIS B 411 20.77 -43.64 0.22
CA HIS B 411 19.58 -44.48 0.30
C HIS B 411 19.97 -45.94 0.00
N ARG B 412 18.97 -46.78 -0.26
CA ARG B 412 19.22 -48.18 -0.60
C ARG B 412 19.03 -48.40 -2.09
N GLU B 413 19.48 -49.56 -2.56
CA GLU B 413 19.27 -49.95 -3.95
C GLU B 413 17.78 -50.13 -4.21
N GLY B 414 17.34 -49.65 -5.36
CA GLY B 414 15.92 -49.64 -5.69
C GLY B 414 15.21 -48.41 -5.20
N THR B 415 15.44 -48.04 -3.94
CA THR B 415 14.88 -46.80 -3.42
C THR B 415 15.66 -45.61 -3.97
N THR B 416 14.96 -44.51 -4.21
CA THR B 416 15.53 -43.31 -4.79
C THR B 416 15.55 -42.20 -3.74
N ASN B 417 15.96 -41.01 -4.17
CA ASN B 417 15.97 -39.83 -3.31
C ASN B 417 14.58 -39.25 -3.07
N GLY B 418 13.54 -39.82 -3.68
CA GLY B 418 12.23 -39.23 -3.61
C GLY B 418 12.09 -37.95 -4.41
N ALA B 419 13.04 -37.69 -5.31
CA ALA B 419 13.06 -36.48 -6.11
C ALA B 419 13.01 -36.84 -7.59
N ARG B 420 12.97 -35.82 -8.44
CA ARG B 420 12.87 -36.02 -9.88
C ARG B 420 14.23 -35.98 -10.55
N ALA B 421 14.30 -35.33 -11.71
CA ALA B 421 15.56 -35.18 -12.42
C ALA B 421 16.59 -34.48 -11.53
N PRO B 422 17.91 -34.77 -11.73
CA PRO B 422 18.96 -34.33 -10.80
C PRO B 422 18.65 -33.13 -9.92
N MET B 423 18.05 -33.40 -8.77
CA MET B 423 17.65 -32.39 -7.80
C MET B 423 17.64 -33.06 -6.43
N VAL B 424 18.82 -33.30 -5.88
CA VAL B 424 18.90 -33.99 -4.58
C VAL B 424 18.30 -33.10 -3.50
N PRO B 425 17.49 -33.65 -2.59
CA PRO B 425 16.82 -32.81 -1.60
C PRO B 425 17.63 -32.65 -0.32
N ARG B 426 17.21 -31.65 0.47
CA ARG B 426 17.77 -31.43 1.80
C ARG B 426 17.00 -32.24 2.83
N ILE B 427 17.62 -32.45 3.98
CA ILE B 427 17.03 -33.29 5.02
C ILE B 427 17.20 -32.63 6.39
N GLY B 428 17.67 -31.39 6.41
CA GLY B 428 17.90 -30.70 7.67
C GLY B 428 16.59 -30.43 8.41
N GLU B 429 16.64 -30.56 9.73
CA GLU B 429 15.48 -30.32 10.58
C GLU B 429 15.89 -30.07 12.01
N VAL B 430 16.41 -28.87 12.28
CA VAL B 430 16.86 -28.51 13.63
C VAL B 430 15.67 -28.14 14.49
N GLU B 431 15.78 -28.42 15.78
CA GLU B 431 14.73 -28.05 16.71
C GLU B 431 14.76 -26.54 16.98
N GLU B 432 13.75 -26.06 17.70
CA GLU B 432 13.61 -24.63 17.93
C GLU B 432 14.53 -24.12 19.03
N TRP B 433 14.89 -24.97 20.00
CA TRP B 433 15.68 -24.54 21.15
C TRP B 433 17.07 -24.08 20.74
N VAL B 434 17.40 -24.16 19.46
CA VAL B 434 18.68 -23.65 18.98
C VAL B 434 18.61 -22.14 18.75
N ARG B 435 17.42 -21.61 18.46
CA ARG B 435 17.26 -20.19 18.17
C ARG B 435 16.82 -19.42 19.42
N GLU B 436 17.68 -19.45 20.43
CA GLU B 436 17.42 -18.75 21.68
C GLU B 436 18.74 -18.27 22.27
N ALA B 437 18.74 -17.05 22.79
CA ALA B 437 19.94 -16.47 23.39
C ALA B 437 19.58 -15.41 24.41
N GLY B 448 17.79 -19.02 29.20
CA GLY B 448 16.86 -20.13 29.27
C GLY B 448 17.54 -21.49 29.26
N TRP B 449 17.81 -22.01 28.06
CA TRP B 449 18.46 -23.30 27.94
C TRP B 449 19.93 -23.23 28.34
N ARG B 450 20.55 -22.05 28.22
CA ARG B 450 21.97 -21.92 28.57
C ARG B 450 22.20 -22.07 30.07
N SER B 451 21.20 -21.72 30.88
CA SER B 451 21.35 -21.84 32.33
C SER B 451 21.35 -23.30 32.77
N GLU B 452 20.52 -24.13 32.12
CA GLU B 452 20.48 -25.55 32.48
C GLU B 452 21.76 -26.26 32.03
N MET B 453 22.31 -25.87 30.89
CA MET B 453 23.55 -26.49 30.41
C MET B 453 24.74 -26.04 31.23
N THR B 454 24.75 -24.77 31.66
CA THR B 454 25.85 -24.28 32.47
C THR B 454 25.81 -24.86 33.88
N GLU B 455 24.61 -25.13 34.40
CA GLU B 455 24.51 -25.73 35.74
C GLU B 455 25.02 -27.17 35.74
N LEU B 456 24.80 -27.89 34.65
CA LEU B 456 25.30 -29.27 34.57
C LEU B 456 26.81 -29.29 34.40
N GLY B 457 27.35 -28.37 33.60
CA GLY B 457 28.80 -28.34 33.39
C GLY B 457 29.57 -27.93 34.62
N SER B 458 29.01 -27.04 35.43
CA SER B 458 29.69 -26.63 36.66
C SER B 458 29.74 -27.77 37.67
N ARG B 459 28.77 -28.67 37.63
CA ARG B 459 28.76 -29.83 38.53
C ARG B 459 29.73 -30.91 38.09
N ILE B 460 30.26 -30.85 36.87
CA ILE B 460 31.19 -31.86 36.40
C ILE B 460 32.57 -31.65 37.02
N ALA B 461 33.13 -30.44 36.88
CA ALA B 461 34.46 -30.17 37.39
C ALA B 461 34.53 -30.17 38.91
N GLU B 462 33.39 -30.02 39.59
CA GLU B 462 33.39 -30.05 41.05
C GLU B 462 33.72 -31.43 41.58
N GLN B 463 32.94 -32.43 41.19
CA GLN B 463 33.17 -33.80 41.62
C GLN B 463 33.41 -34.73 40.43
N GLY B 481 39.26 -48.50 8.85
CA GLY B 481 38.67 -49.82 8.95
C GLY B 481 37.42 -49.98 8.11
N ASP B 482 36.36 -50.47 8.73
CA ASP B 482 35.08 -50.67 8.06
C ASP B 482 33.99 -50.87 9.11
N THR B 483 32.78 -50.44 8.79
CA THR B 483 31.66 -50.55 9.70
C THR B 483 30.37 -50.41 8.89
N SER B 484 29.24 -50.38 9.60
CA SER B 484 27.94 -50.21 8.96
C SER B 484 27.59 -48.75 8.70
N LEU B 485 28.49 -47.82 9.02
CA LEU B 485 28.26 -46.39 8.78
C LEU B 485 28.52 -46.04 7.32
N ASN B 486 27.80 -46.74 6.44
CA ASN B 486 27.90 -46.55 5.00
C ASN B 486 26.75 -45.75 4.42
N TRP B 487 25.88 -45.20 5.27
CA TRP B 487 24.73 -44.42 4.82
C TRP B 487 24.98 -42.92 4.85
N PHE B 488 26.19 -42.49 5.19
CA PHE B 488 26.52 -41.07 5.27
C PHE B 488 27.91 -40.84 4.71
N GLY B 489 28.14 -39.64 4.22
CA GLY B 489 29.42 -39.27 3.65
C GLY B 489 29.31 -38.04 2.80
N GLU B 490 30.45 -37.40 2.57
CA GLU B 490 30.52 -36.18 1.77
C GLU B 490 30.94 -36.49 0.35
N VAL B 491 30.61 -35.57 -0.55
CA VAL B 491 30.92 -35.74 -1.97
C VAL B 491 32.42 -35.60 -2.18
N LEU B 492 33.06 -36.65 -2.69
CA LEU B 492 34.49 -36.63 -2.94
C LEU B 492 34.82 -36.11 -4.34
N ASP B 493 34.21 -36.69 -5.37
CA ASP B 493 34.46 -36.29 -6.74
C ASP B 493 33.24 -36.59 -7.58
N LEU B 494 33.12 -35.89 -8.71
CA LEU B 494 32.02 -36.04 -9.65
C LEU B 494 32.55 -36.62 -10.94
N ARG B 495 32.23 -37.89 -11.20
CA ARG B 495 32.70 -38.54 -12.42
C ARG B 495 31.96 -38.00 -13.64
N LEU B 496 32.63 -38.07 -14.79
CA LEU B 496 32.05 -37.57 -16.03
C LEU B 496 30.89 -38.42 -16.52
N ASP B 497 30.77 -39.66 -16.04
CA ASP B 497 29.70 -40.56 -16.44
C ASP B 497 28.45 -40.42 -15.58
N GLY B 498 28.26 -39.26 -14.94
CA GLY B 498 27.07 -39.01 -14.17
C GLY B 498 27.00 -39.69 -12.82
N THR B 499 28.09 -40.33 -12.37
CA THR B 499 28.13 -41.01 -11.10
C THR B 499 28.87 -40.16 -10.07
N ILE B 500 28.37 -40.17 -8.84
CA ILE B 500 28.92 -39.36 -7.75
C ILE B 500 29.75 -40.24 -6.83
N GLU B 501 30.97 -39.81 -6.53
CA GLU B 501 31.88 -40.56 -5.67
C GLU B 501 31.75 -40.03 -4.23
N VAL B 502 31.28 -40.89 -3.34
CA VAL B 502 31.09 -40.54 -1.94
C VAL B 502 32.17 -41.22 -1.11
N ILE B 503 32.71 -40.49 -0.13
CA ILE B 503 33.72 -41.02 0.79
C ILE B 503 33.04 -41.28 2.13
N LEU B 504 33.03 -42.53 2.55
CA LEU B 504 32.41 -42.93 3.81
C LEU B 504 33.31 -42.55 4.98
N PRO B 505 32.74 -42.46 6.19
CA PRO B 505 33.58 -42.17 7.37
C PRO B 505 34.67 -43.19 7.61
N SER B 506 34.52 -44.41 7.13
CA SER B 506 35.53 -45.46 7.27
C SER B 506 36.61 -45.38 6.20
N ALA B 507 36.82 -44.20 5.60
CA ALA B 507 37.81 -43.99 4.55
C ALA B 507 37.60 -44.93 3.37
N ASP B 508 36.35 -45.29 3.10
CA ASP B 508 36.00 -46.20 2.01
C ASP B 508 35.25 -45.40 0.94
N THR B 509 35.93 -45.10 -0.15
CA THR B 509 35.32 -44.36 -1.24
C THR B 509 34.38 -45.26 -2.03
N ILE B 510 33.17 -44.76 -2.28
CA ILE B 510 32.15 -45.50 -3.03
C ILE B 510 31.61 -44.61 -4.13
N VAL B 511 31.11 -45.26 -5.18
CA VAL B 511 30.53 -44.58 -6.34
C VAL B 511 29.05 -44.93 -6.40
N VAL B 512 28.20 -43.91 -6.31
CA VAL B 512 26.76 -44.11 -6.23
C VAL B 512 26.09 -43.20 -7.25
N PRO B 513 24.87 -43.56 -7.69
CA PRO B 513 24.12 -42.65 -8.55
C PRO B 513 23.57 -41.46 -7.77
N LEU B 514 23.19 -40.42 -8.51
CA LEU B 514 22.70 -39.20 -7.88
C LEU B 514 21.35 -39.40 -7.22
N GLU B 515 20.52 -40.29 -7.76
CA GLU B 515 19.17 -40.50 -7.23
C GLU B 515 19.15 -41.28 -5.92
N ARG B 516 20.30 -41.78 -5.47
CA ARG B 516 20.37 -42.51 -4.20
C ARG B 516 20.89 -41.65 -3.05
N LEU B 517 21.04 -40.34 -3.27
CA LEU B 517 21.61 -39.45 -2.28
C LEU B 517 20.55 -38.56 -1.66
N THR B 518 20.96 -37.82 -0.63
CA THR B 518 20.08 -36.85 0.02
C THR B 518 20.97 -35.83 0.73
N ARG B 519 20.93 -34.58 0.27
CA ARG B 519 21.80 -33.55 0.79
C ARG B 519 21.47 -33.24 2.25
N LEU B 520 22.49 -32.80 2.99
CA LEU B 520 22.36 -32.47 4.40
C LEU B 520 22.30 -30.96 4.57
N TYR B 521 21.33 -30.49 5.35
CA TYR B 521 21.18 -29.08 5.66
C TYR B 521 21.48 -28.89 7.15
N ASP B 522 22.71 -28.48 7.45
CA ASP B 522 23.11 -28.23 8.83
C ASP B 522 22.48 -26.94 9.36
N SER B 523 23.01 -26.43 10.46
CA SER B 523 22.53 -25.15 10.98
C SER B 523 22.79 -24.03 9.98
N VAL B 524 23.97 -24.04 9.36
CA VAL B 524 24.34 -23.13 8.28
C VAL B 524 24.21 -21.68 8.73
N GLU B 525 24.05 -20.77 7.78
CA GLU B 525 23.88 -19.35 8.06
C GLU B 525 22.40 -18.97 8.13
N GLN B 526 21.64 -19.71 8.93
CA GLN B 526 20.21 -19.45 9.09
C GLN B 526 19.70 -19.99 10.41
N PRO B 640 -0.07 9.35 -31.25
CA PRO B 640 -0.07 7.89 -31.14
C PRO B 640 0.99 7.38 -30.16
N TRP B 641 1.81 8.30 -29.65
CA TRP B 641 2.86 7.98 -28.67
C TRP B 641 2.80 8.97 -27.51
N LYS B 642 1.62 9.10 -26.91
CA LYS B 642 1.46 10.00 -25.77
C LYS B 642 2.16 9.41 -24.56
N ARG B 643 2.97 10.24 -23.89
CA ARG B 643 3.74 9.77 -22.75
C ARG B 643 2.82 9.33 -21.61
N PHE B 644 1.83 10.16 -21.29
CA PHE B 644 0.90 9.87 -20.21
C PHE B 644 -0.53 10.00 -20.71
N GLU B 645 -1.35 9.00 -20.42
CA GLU B 645 -2.78 9.03 -20.72
C GLU B 645 -3.54 8.41 -19.57
N VAL B 646 -4.82 8.75 -19.47
CA VAL B 646 -5.72 8.20 -18.47
C VAL B 646 -6.75 7.36 -19.21
N LEU B 647 -6.54 6.04 -19.21
CA LEU B 647 -7.43 5.14 -19.91
C LEU B 647 -8.67 4.86 -19.06
N PRO B 648 -9.80 4.57 -19.71
CA PRO B 648 -11.05 4.32 -18.95
C PRO B 648 -10.99 3.07 -18.10
N SER B 649 -10.89 1.91 -18.74
CA SER B 649 -10.94 0.63 -18.05
C SER B 649 -9.54 0.05 -17.91
N ALA B 650 -9.27 -0.53 -16.74
CA ALA B 650 -8.00 -1.19 -16.51
C ALA B 650 -7.97 -2.52 -17.26
N PRO B 651 -6.79 -2.93 -17.75
CA PRO B 651 -6.71 -4.16 -18.53
C PRO B 651 -6.87 -5.39 -17.67
N VAL B 652 -7.40 -6.46 -18.28
CA VAL B 652 -7.58 -7.72 -17.57
C VAL B 652 -6.26 -8.45 -17.37
N ASP B 653 -5.25 -8.15 -18.18
CA ASP B 653 -3.93 -8.76 -18.03
C ASP B 653 -3.07 -8.06 -16.99
N HIS B 654 -3.62 -7.09 -16.26
CA HIS B 654 -2.86 -6.39 -15.24
C HIS B 654 -2.52 -7.35 -14.10
N ALA B 655 -1.36 -7.11 -13.49
CA ALA B 655 -0.89 -7.98 -12.42
C ALA B 655 -1.82 -7.94 -11.22
N PHE B 656 -2.34 -6.75 -10.90
CA PHE B 656 -3.21 -6.56 -9.75
C PHE B 656 -4.67 -6.34 -10.15
N TYR B 657 -5.05 -6.76 -11.36
CA TYR B 657 -6.44 -6.62 -11.79
C TYR B 657 -7.36 -7.46 -10.93
N ASN B 658 -6.93 -8.68 -10.58
CA ASN B 658 -7.69 -9.58 -9.74
C ASN B 658 -7.32 -9.45 -8.26
N THR B 659 -6.71 -8.34 -7.87
CA THR B 659 -6.30 -7.98 -6.52
C THR B 659 -7.31 -7.00 -5.91
N PRO B 660 -7.73 -7.23 -4.68
CA PRO B 660 -8.71 -6.34 -4.03
C PRO B 660 -8.21 -4.91 -4.00
N PRO B 661 -9.01 -3.96 -4.48
CA PRO B 661 -8.55 -2.57 -4.54
C PRO B 661 -8.55 -1.92 -3.17
N ALA B 662 -7.49 -1.18 -2.88
CA ALA B 662 -7.42 -0.43 -1.63
C ALA B 662 -8.31 0.80 -1.71
N GLN B 663 -8.75 1.28 -0.55
CA GLN B 663 -9.66 2.40 -0.48
C GLN B 663 -8.96 3.75 -0.42
N HIS B 664 -7.71 3.79 0.05
CA HIS B 664 -6.92 5.02 0.17
C HIS B 664 -7.67 5.97 1.10
N THR B 665 -7.71 7.26 0.81
CA THR B 665 -8.42 8.24 1.63
C THR B 665 -9.06 9.26 0.69
N ARG B 666 -9.36 10.44 1.22
CA ARG B 666 -9.91 11.52 0.40
C ARG B 666 -8.83 12.35 -0.27
N GLN B 667 -7.74 12.63 0.45
CA GLN B 667 -6.64 13.41 -0.09
C GLN B 667 -5.76 12.62 -1.05
N PHE B 668 -6.05 11.32 -1.24
CA PHE B 668 -5.27 10.52 -2.17
C PHE B 668 -5.44 10.99 -3.62
N MET B 669 -6.65 11.46 -3.96
CA MET B 669 -6.88 11.99 -5.31
C MET B 669 -6.17 13.32 -5.53
N ALA B 670 -5.84 14.05 -4.47
CA ALA B 670 -5.06 15.27 -4.63
C ALA B 670 -3.63 14.98 -5.04
N ARG B 671 -3.00 14.00 -4.39
CA ARG B 671 -1.64 13.60 -4.78
C ARG B 671 -1.63 13.02 -6.18
N MET B 672 -2.63 12.20 -6.53
CA MET B 672 -2.69 11.62 -7.87
C MET B 672 -2.85 12.69 -8.93
N SER B 673 -3.58 13.76 -8.62
CA SER B 673 -3.65 14.88 -9.56
C SER B 673 -2.29 15.53 -9.74
N LYS B 674 -1.51 15.63 -8.67
CA LYS B 674 -0.16 16.19 -8.78
C LYS B 674 0.77 15.24 -9.54
N GLU B 675 0.68 13.93 -9.25
CA GLU B 675 1.54 12.97 -9.92
C GLU B 675 1.23 12.89 -11.41
N TYR B 676 -0.05 13.00 -11.77
CA TYR B 676 -0.42 12.94 -13.19
C TYR B 676 0.15 14.13 -13.95
N LYS B 677 0.15 15.32 -13.34
CA LYS B 677 0.80 16.47 -13.97
C LYS B 677 2.31 16.31 -13.97
N ALA B 678 2.88 15.89 -12.83
CA ALA B 678 4.33 15.71 -12.75
C ALA B 678 4.82 14.70 -13.78
N LEU B 679 4.03 13.67 -14.06
CA LEU B 679 4.38 12.75 -15.14
C LEU B 679 4.35 13.46 -16.49
N GLN B 680 3.20 14.04 -16.85
CA GLN B 680 3.06 14.72 -18.13
C GLN B 680 4.05 15.86 -18.34
N SER B 681 4.73 16.31 -17.28
CA SER B 681 5.64 17.44 -17.41
C SER B 681 7.02 17.01 -17.90
N SER B 682 7.65 16.07 -17.19
CA SER B 682 9.04 15.71 -17.44
C SER B 682 9.22 14.25 -17.82
N LEU B 683 8.18 13.58 -18.27
CA LEU B 683 8.32 12.22 -18.76
C LEU B 683 8.96 12.22 -20.14
N PRO B 684 10.10 11.57 -20.33
CA PRO B 684 10.68 11.46 -21.67
C PRO B 684 9.80 10.61 -22.56
N ASP B 685 10.00 10.78 -23.87
CA ASP B 685 9.21 10.03 -24.85
C ASP B 685 9.53 8.55 -24.85
N SER B 686 10.56 8.12 -24.11
CA SER B 686 10.88 6.69 -24.03
C SER B 686 10.04 5.97 -22.98
N ILE B 687 9.66 6.66 -21.91
CA ILE B 687 8.88 6.08 -20.82
C ILE B 687 7.42 6.45 -21.02
N LEU B 688 6.54 5.45 -21.05
CA LEU B 688 5.12 5.64 -21.21
C LEU B 688 4.39 5.17 -19.95
N VAL B 689 3.37 5.92 -19.55
CA VAL B 689 2.59 5.62 -18.36
C VAL B 689 1.11 5.69 -18.72
N ARG B 690 0.33 4.74 -18.20
CA ARG B 690 -1.11 4.68 -18.42
C ARG B 690 -1.82 4.50 -17.09
N ALA B 691 -2.75 5.41 -16.80
CA ALA B 691 -3.57 5.35 -15.60
C ALA B 691 -5.00 4.95 -15.96
N TYR B 692 -5.74 4.50 -14.95
CA TYR B 692 -7.09 3.98 -15.15
C TYR B 692 -8.04 4.61 -14.15
N GLU B 693 -9.24 4.96 -14.63
CA GLU B 693 -10.23 5.59 -13.78
C GLU B 693 -11.04 4.55 -13.01
N ASP B 694 -11.40 3.44 -13.65
CA ASP B 694 -12.12 2.38 -12.95
C ASP B 694 -11.26 1.68 -11.90
N ARG B 695 -9.93 1.84 -11.99
CA ARG B 695 -8.99 1.26 -11.02
C ARG B 695 -7.94 2.34 -10.73
N THR B 696 -8.30 3.29 -9.87
CA THR B 696 -7.39 4.38 -9.52
C THR B 696 -6.19 3.93 -8.72
N ASP B 697 -6.10 2.65 -8.36
CA ASP B 697 -4.98 2.12 -7.60
C ASP B 697 -3.96 1.40 -8.46
N LEU B 698 -4.21 1.27 -9.76
CA LEU B 698 -3.36 0.48 -10.65
C LEU B 698 -2.78 1.37 -11.74
N LEU B 699 -1.46 1.25 -11.95
CA LEU B 699 -0.77 1.95 -13.02
C LEU B 699 0.08 0.96 -13.80
N ARG B 700 0.38 1.30 -15.04
CA ARG B 700 1.22 0.46 -15.89
C ARG B 700 2.20 1.35 -16.64
N SER B 701 3.49 1.01 -16.56
CA SER B 701 4.54 1.79 -17.18
C SER B 701 5.26 0.95 -18.23
N LEU B 702 5.90 1.63 -19.18
CA LEU B 702 6.68 0.99 -20.23
C LEU B 702 7.94 1.81 -20.45
N ILE B 703 9.10 1.22 -20.20
CA ILE B 703 10.38 1.89 -20.34
C ILE B 703 11.12 1.27 -21.53
N ILE B 704 11.51 2.12 -22.48
CA ILE B 704 12.32 1.70 -23.61
C ILE B 704 13.79 1.84 -23.23
N GLY B 705 14.57 0.79 -23.49
CA GLY B 705 15.96 0.78 -23.13
C GLY B 705 16.76 1.87 -23.79
N PRO B 706 17.66 2.50 -23.04
CA PRO B 706 18.46 3.60 -23.58
C PRO B 706 19.41 3.11 -24.67
N GLU B 707 20.04 4.08 -25.34
CA GLU B 707 21.00 3.78 -26.39
C GLU B 707 22.33 3.35 -25.78
N ASN B 708 23.08 2.55 -26.55
CA ASN B 708 24.40 2.06 -26.16
C ASN B 708 24.32 1.28 -24.84
N THR B 709 23.25 0.53 -24.67
CA THR B 709 23.04 -0.33 -23.51
C THR B 709 22.65 -1.71 -24.00
N PRO B 710 22.90 -2.76 -23.19
CA PRO B 710 22.43 -4.11 -23.57
C PRO B 710 20.93 -4.21 -23.72
N TYR B 711 20.17 -3.22 -23.24
CA TYR B 711 18.72 -3.19 -23.36
C TYR B 711 18.24 -2.28 -24.47
N GLU B 712 19.08 -2.03 -25.47
CA GLU B 712 18.78 -1.03 -26.50
C GLU B 712 17.54 -1.42 -27.29
N ASP B 713 16.56 -0.51 -27.32
CA ASP B 713 15.32 -0.69 -28.09
C ASP B 713 14.56 -1.93 -27.63
N ALA B 714 14.34 -2.04 -26.33
CA ALA B 714 13.65 -3.17 -25.74
C ALA B 714 12.53 -2.69 -24.82
N PRO B 715 11.42 -3.43 -24.75
CA PRO B 715 10.31 -3.02 -23.90
C PRO B 715 10.46 -3.55 -22.47
N PHE B 716 10.01 -2.73 -21.52
CA PHE B 716 10.08 -3.09 -20.10
C PHE B 716 8.80 -2.60 -19.43
N VAL B 717 7.84 -3.49 -19.27
CA VAL B 717 6.52 -3.17 -18.73
C VAL B 717 6.51 -3.50 -17.24
N ILE B 718 6.01 -2.56 -16.43
CA ILE B 718 5.86 -2.74 -15.00
C ILE B 718 4.43 -2.39 -14.63
N ASP B 719 3.73 -3.32 -13.97
CA ASP B 719 2.40 -3.06 -13.45
C ASP B 719 2.52 -2.59 -12.00
N TRP B 720 1.81 -1.51 -11.68
CA TRP B 720 1.94 -0.84 -10.40
C TRP B 720 0.66 -0.96 -9.58
N MET B 721 0.82 -0.85 -8.27
CA MET B 721 -0.30 -0.81 -7.34
C MET B 721 0.07 0.09 -6.17
N LEU B 722 -0.88 0.92 -5.75
CA LEU B 722 -0.69 1.84 -4.64
C LEU B 722 -1.43 1.30 -3.42
N ASP B 723 -0.73 1.27 -2.29
CA ASP B 723 -1.31 0.76 -1.06
C ASP B 723 -2.38 1.71 -0.52
N ALA B 724 -3.10 1.25 0.49
CA ALA B 724 -4.06 2.10 1.18
C ALA B 724 -3.39 3.19 1.99
N ASN B 725 -2.07 3.14 2.15
CA ASN B 725 -1.31 4.15 2.88
C ASN B 725 -0.47 5.04 1.97
N PHE B 726 -0.49 4.79 0.66
CA PHE B 726 0.22 5.65 -0.28
C PHE B 726 -0.29 7.09 -0.14
N PRO B 727 0.61 8.09 -0.24
CA PRO B 727 2.03 8.03 -0.57
C PRO B 727 2.97 7.81 0.61
N GLN B 728 2.44 7.47 1.79
CA GLN B 728 3.32 7.15 2.91
C GLN B 728 4.10 5.87 2.65
N THR B 729 3.45 4.87 2.03
CA THR B 729 4.08 3.64 1.59
C THR B 729 4.52 3.76 0.13
N PRO B 730 5.61 3.09 -0.25
CA PRO B 730 6.08 3.18 -1.63
C PRO B 730 5.13 2.46 -2.57
N PRO B 731 5.13 2.83 -3.85
CA PRO B 731 4.29 2.12 -4.83
C PRO B 731 4.78 0.69 -5.04
N ILE B 732 3.84 -0.25 -5.03
CA ILE B 732 4.16 -1.66 -5.22
C ILE B 732 4.35 -1.91 -6.72
N ALA B 733 5.57 -2.24 -7.11
CA ALA B 733 5.91 -2.46 -8.52
C ALA B 733 6.08 -3.95 -8.77
N HIS B 734 5.42 -4.45 -9.81
CA HIS B 734 5.54 -5.83 -10.25
C HIS B 734 6.07 -5.83 -11.68
N PHE B 735 7.30 -6.28 -11.86
CA PHE B 735 7.94 -6.26 -13.18
C PHE B 735 7.55 -7.49 -13.97
N LEU B 736 7.08 -7.27 -15.20
CA LEU B 736 6.71 -8.37 -16.10
C LEU B 736 7.98 -8.88 -16.77
N SER B 737 8.60 -9.88 -16.15
CA SER B 737 9.84 -10.46 -16.65
C SER B 737 9.51 -11.47 -17.74
N TRP B 738 9.74 -11.11 -19.00
CA TRP B 738 9.41 -11.97 -20.14
C TRP B 738 10.58 -12.85 -20.53
N THR B 739 11.15 -13.55 -19.56
CA THR B 739 12.23 -14.50 -19.79
C THR B 739 11.66 -15.92 -19.83
N ASN B 740 12.36 -16.80 -20.55
CA ASN B 740 11.98 -18.21 -20.65
C ASN B 740 12.42 -19.02 -19.43
N GLY B 741 12.61 -18.39 -18.28
CA GLY B 741 13.06 -19.10 -17.09
C GLY B 741 14.56 -19.28 -16.99
N ASN B 742 15.34 -18.70 -17.90
CA ASN B 742 16.79 -18.83 -17.85
C ASN B 742 17.36 -18.03 -16.69
N GLY B 743 17.27 -16.71 -16.77
CA GLY B 743 17.77 -15.86 -15.72
C GLY B 743 17.10 -14.50 -15.74
N ARG B 744 17.57 -13.62 -14.87
CA ARG B 744 17.03 -12.27 -14.80
C ARG B 744 17.68 -11.38 -15.84
N VAL B 745 16.86 -10.55 -16.50
CA VAL B 745 17.39 -9.62 -17.49
C VAL B 745 18.26 -8.55 -16.84
N ASN B 746 18.18 -8.40 -15.52
CA ASN B 746 18.97 -7.43 -14.78
C ASN B 746 19.09 -7.94 -13.35
N PRO B 747 20.23 -7.72 -12.68
CA PRO B 747 20.37 -8.21 -11.30
C PRO B 747 19.33 -7.67 -10.33
N ASN B 748 18.73 -6.52 -10.63
CA ASN B 748 17.70 -5.96 -9.76
C ASN B 748 16.29 -6.35 -10.19
N LEU B 749 16.07 -6.58 -11.48
CA LEU B 749 14.75 -6.95 -12.00
C LEU B 749 14.60 -8.46 -11.87
N TYR B 750 13.90 -8.89 -10.82
CA TYR B 750 13.71 -10.32 -10.57
C TYR B 750 12.74 -10.93 -11.57
N GLU B 751 12.87 -12.24 -11.75
CA GLU B 751 11.89 -12.98 -12.55
C GLU B 751 10.55 -13.09 -11.84
N GLU B 752 10.53 -12.95 -10.52
CA GLU B 752 9.29 -13.02 -9.75
C GLU B 752 8.50 -11.71 -9.78
N GLY B 753 9.08 -10.64 -10.32
CA GLY B 753 8.41 -9.36 -10.46
C GLY B 753 8.91 -8.28 -9.52
N LYS B 754 9.67 -8.65 -8.49
CA LYS B 754 10.14 -7.68 -7.51
C LYS B 754 11.22 -6.80 -8.13
N VAL B 755 11.01 -5.49 -8.08
CA VAL B 755 12.00 -4.52 -8.56
C VAL B 755 12.82 -4.08 -7.35
N CYS B 756 14.10 -4.45 -7.34
CA CYS B 756 14.97 -4.21 -6.18
C CYS B 756 15.64 -2.85 -6.34
N LEU B 757 15.11 -1.86 -5.62
CA LEU B 757 15.70 -0.53 -5.58
C LEU B 757 15.47 0.08 -4.20
N SER B 758 16.26 1.10 -3.88
CA SER B 758 16.06 1.82 -2.63
C SER B 758 14.94 2.86 -2.75
N ILE B 759 14.68 3.34 -3.96
CA ILE B 759 13.60 4.31 -4.15
C ILE B 759 12.24 3.67 -3.92
N LEU B 760 12.12 2.37 -4.20
CA LEU B 760 10.86 1.64 -4.03
C LEU B 760 10.82 0.86 -2.71
N GLY B 761 11.46 1.37 -1.67
CA GLY B 761 11.48 0.70 -0.39
C GLY B 761 11.16 1.60 0.79
N SER B 768 21.64 4.72 2.18
CA SER B 768 20.90 5.03 0.97
C SER B 768 19.56 5.69 1.29
N GLU B 769 18.84 6.11 0.26
CA GLU B 769 17.56 6.78 0.43
C GLU B 769 16.42 5.76 0.44
N SER B 770 15.22 6.24 0.76
CA SER B 770 14.02 5.42 0.72
C SER B 770 12.91 6.16 0.00
N TRP B 771 11.68 5.68 0.12
CA TRP B 771 10.53 6.37 -0.47
C TRP B 771 9.93 7.31 0.58
N SER B 772 9.68 8.55 0.17
CA SER B 772 9.09 9.55 1.04
C SER B 772 8.16 10.44 0.24
N ALA B 773 6.98 10.71 0.80
CA ALA B 773 6.00 11.55 0.13
C ALA B 773 6.45 13.00 0.02
N SER B 774 7.53 13.39 0.69
CA SER B 774 8.04 14.75 0.64
C SER B 774 8.97 14.99 -0.53
N ARG B 775 9.80 14.01 -0.88
CA ARG B 775 10.77 14.15 -1.95
C ARG B 775 10.56 13.14 -3.07
N SER B 776 10.34 11.87 -2.74
CA SER B 776 10.19 10.85 -3.76
C SER B 776 8.88 11.03 -4.53
N SER B 777 8.88 10.58 -5.78
CA SER B 777 7.72 10.71 -6.64
C SER B 777 7.75 9.59 -7.67
N LEU B 778 6.59 9.38 -8.33
CA LEU B 778 6.50 8.35 -9.36
C LEU B 778 7.38 8.69 -10.55
N LEU B 779 7.48 9.98 -10.90
CA LEU B 779 8.32 10.40 -12.02
C LEU B 779 9.80 10.14 -11.71
N GLN B 780 10.25 10.54 -10.52
CA GLN B 780 11.64 10.32 -10.15
C GLN B 780 11.95 8.83 -9.97
N ALA B 781 10.94 8.00 -9.68
CA ALA B 781 11.17 6.57 -9.57
C ALA B 781 11.30 5.92 -10.94
N LEU B 782 10.50 6.37 -11.91
CA LEU B 782 10.58 5.81 -13.26
C LEU B 782 11.89 6.18 -13.93
N VAL B 783 12.30 7.45 -13.83
CA VAL B 783 13.57 7.86 -14.41
C VAL B 783 14.75 7.27 -13.65
N SER B 784 14.54 6.83 -12.42
CA SER B 784 15.59 6.10 -11.70
C SER B 784 15.74 4.68 -12.22
N ILE B 785 14.62 4.02 -12.53
CA ILE B 785 14.68 2.69 -13.10
C ILE B 785 15.37 2.73 -14.47
N GLN B 786 15.07 3.76 -15.27
CA GLN B 786 15.71 3.88 -16.57
C GLN B 786 17.16 4.34 -16.43
N GLY B 787 17.47 5.09 -15.38
CA GLY B 787 18.80 5.66 -15.23
C GLY B 787 19.76 4.81 -14.41
N LEU B 788 19.25 4.12 -13.39
CA LEU B 788 20.08 3.32 -12.51
C LEU B 788 20.12 1.85 -12.89
N VAL B 789 19.00 1.30 -13.35
CA VAL B 789 18.91 -0.13 -13.63
C VAL B 789 19.37 -0.41 -15.06
N LEU B 790 18.67 0.14 -16.05
CA LEU B 790 18.97 -0.09 -17.46
C LEU B 790 20.16 0.77 -17.86
N VAL B 791 21.35 0.26 -17.55
CA VAL B 791 22.59 0.99 -17.82
C VAL B 791 23.41 0.26 -18.88
N LYS B 792 24.65 0.70 -19.08
CA LYS B 792 25.52 0.09 -20.08
C LYS B 792 26.19 -1.18 -19.55
N GLU B 793 26.53 -1.21 -18.27
CA GLU B 793 27.14 -2.38 -17.63
C GLU B 793 26.24 -2.79 -16.47
N PRO B 794 25.13 -3.47 -16.77
CA PRO B 794 24.16 -3.80 -15.71
C PRO B 794 24.65 -4.85 -14.73
N TRP B 795 25.79 -5.49 -14.97
CA TRP B 795 26.28 -6.48 -14.02
C TRP B 795 26.64 -5.85 -12.69
N PHE B 796 26.99 -4.57 -12.68
CA PHE B 796 27.33 -3.87 -11.45
C PHE B 796 26.11 -3.37 -10.69
N CYS B 797 24.90 -3.56 -11.24
CA CYS B 797 23.69 -3.19 -10.52
C CYS B 797 23.47 -4.03 -9.28
N GLU B 798 24.04 -5.24 -9.24
CA GLU B 798 23.99 -6.04 -8.02
C GLU B 798 24.76 -5.33 -6.92
N PRO B 799 24.19 -5.18 -5.73
CA PRO B 799 24.89 -4.41 -4.67
C PRO B 799 26.23 -5.01 -4.28
N ALA B 800 26.41 -6.33 -4.41
CA ALA B 800 27.67 -6.97 -4.08
C ALA B 800 28.73 -6.77 -5.15
N TYR B 801 28.39 -6.14 -6.27
CA TYR B 801 29.33 -5.90 -7.37
C TYR B 801 29.58 -4.44 -7.66
N GLU B 802 28.84 -3.51 -7.03
CA GLU B 802 28.99 -2.10 -7.34
C GLU B 802 30.36 -1.55 -6.96
N LYS B 803 31.08 -2.23 -6.07
CA LYS B 803 32.42 -1.80 -5.67
C LYS B 803 33.48 -2.09 -6.71
N LEU B 804 33.12 -2.69 -7.85
CA LEU B 804 34.06 -3.07 -8.88
C LEU B 804 33.87 -2.25 -10.15
N ARG B 805 33.42 -1.00 -10.03
CA ARG B 805 33.17 -0.16 -11.19
C ARG B 805 34.49 0.14 -11.91
N GLY B 806 34.59 -0.31 -13.16
CA GLY B 806 35.77 -0.08 -13.96
C GLY B 806 37.02 -0.80 -13.50
N THR B 807 36.93 -1.63 -12.46
CA THR B 807 38.09 -2.35 -11.97
C THR B 807 38.44 -3.49 -12.92
N GLU B 808 39.71 -3.88 -12.90
CA GLU B 808 40.20 -4.90 -13.84
C GLU B 808 39.62 -6.27 -13.54
N ASP B 809 39.31 -6.56 -12.28
CA ASP B 809 38.75 -7.85 -11.89
C ASP B 809 37.25 -7.93 -12.10
N GLY B 810 36.64 -6.93 -12.73
CA GLY B 810 35.22 -6.97 -13.03
C GLY B 810 34.93 -6.79 -14.51
N ILE B 811 35.95 -6.97 -15.34
CA ILE B 811 35.80 -6.76 -16.77
C ILE B 811 35.15 -7.97 -17.43
N VAL B 812 35.64 -9.16 -17.13
CA VAL B 812 35.15 -10.37 -17.79
C VAL B 812 33.70 -10.64 -17.41
N ASN B 813 33.36 -10.44 -16.14
CA ASN B 813 31.99 -10.69 -15.69
C ASN B 813 31.00 -9.71 -16.33
N SER B 814 31.44 -8.47 -16.59
CA SER B 814 30.55 -7.51 -17.24
C SER B 814 30.30 -7.90 -18.69
N ARG B 815 31.29 -8.48 -19.36
CA ARG B 815 31.11 -8.92 -20.75
C ARG B 815 30.13 -10.08 -20.81
N LEU B 816 30.32 -11.09 -19.95
CA LEU B 816 29.45 -12.26 -19.96
C LEU B 816 28.02 -11.92 -19.56
N TYR B 817 27.80 -10.81 -18.87
CA TYR B 817 26.45 -10.43 -18.47
C TYR B 817 25.78 -9.52 -19.48
N ASN B 818 26.50 -8.53 -20.00
CA ASN B 818 25.93 -7.68 -21.05
C ASN B 818 25.53 -8.51 -22.27
N GLU B 819 26.28 -9.56 -22.57
CA GLU B 819 25.86 -10.50 -23.61
C GLU B 819 24.56 -11.18 -23.24
N LYS B 820 24.47 -11.67 -21.99
CA LYS B 820 23.24 -12.31 -21.54
C LYS B 820 22.07 -11.32 -21.53
N ALA B 821 22.33 -10.08 -21.11
CA ALA B 821 21.26 -9.08 -21.08
C ALA B 821 20.81 -8.71 -22.49
N TYR B 822 21.74 -8.69 -23.45
CA TYR B 822 21.38 -8.33 -24.81
C TYR B 822 20.57 -9.43 -25.49
N VAL B 823 20.84 -10.69 -25.16
CA VAL B 823 20.08 -11.79 -25.76
C VAL B 823 18.67 -11.84 -25.17
N LEU B 824 18.56 -11.69 -23.84
CA LEU B 824 17.25 -11.72 -23.20
C LEU B 824 16.45 -10.45 -23.47
N SER B 825 17.11 -9.35 -23.82
CA SER B 825 16.38 -8.13 -24.17
C SER B 825 15.58 -8.31 -25.45
N ARG B 826 16.15 -9.03 -26.43
CA ARG B 826 15.41 -9.29 -27.66
C ARG B 826 14.21 -10.21 -27.40
N GLY B 827 14.30 -11.06 -26.37
CA GLY B 827 13.16 -11.88 -26.01
C GLY B 827 11.99 -11.08 -25.49
N PHE B 828 12.25 -9.89 -24.92
CA PHE B 828 11.16 -9.02 -24.51
C PHE B 828 10.41 -8.48 -25.72
N VAL B 829 11.12 -8.21 -26.82
CA VAL B 829 10.47 -7.78 -28.04
C VAL B 829 9.61 -8.90 -28.61
N ARG B 830 10.01 -10.16 -28.40
CA ARG B 830 9.21 -11.29 -28.87
C ARG B 830 7.87 -11.34 -28.15
N ARG B 831 7.89 -11.31 -26.82
CA ARG B 831 6.66 -11.41 -26.06
C ARG B 831 5.81 -10.14 -26.18
N ALA B 832 6.45 -8.98 -26.30
CA ALA B 832 5.68 -7.74 -26.42
C ALA B 832 4.85 -7.72 -27.70
N LEU B 833 5.39 -8.27 -28.78
CA LEU B 833 4.67 -8.37 -30.04
C LEU B 833 3.83 -9.63 -30.15
N GLU B 834 3.98 -10.58 -29.22
CA GLU B 834 3.16 -11.78 -29.21
C GLU B 834 1.91 -11.57 -28.37
N ILE B 835 2.06 -11.57 -27.05
CA ILE B 835 0.90 -11.37 -26.18
C ILE B 835 0.48 -9.90 -26.23
N PRO B 836 -0.81 -9.59 -26.16
CA PRO B 836 -1.22 -8.18 -26.19
C PRO B 836 -1.19 -7.52 -24.82
N LEU B 837 -0.53 -6.37 -24.73
CA LEU B 837 -0.49 -5.59 -23.49
C LEU B 837 -1.68 -4.64 -23.47
N GLY B 838 -2.53 -4.79 -22.47
CA GLY B 838 -3.74 -3.99 -22.36
C GLY B 838 -3.47 -2.49 -22.30
N GLY B 839 -4.02 -1.75 -23.26
CA GLY B 839 -3.82 -0.32 -23.34
C GLY B 839 -2.54 0.11 -24.04
N LEU B 840 -1.66 -0.83 -24.39
CA LEU B 840 -0.41 -0.51 -25.07
C LEU B 840 -0.28 -1.24 -26.40
N GLU B 841 -1.33 -1.89 -26.88
CA GLU B 841 -1.25 -2.64 -28.13
C GLU B 841 -0.94 -1.73 -29.30
N GLU B 842 -1.69 -0.64 -29.45
CA GLU B 842 -1.43 0.30 -30.54
C GLU B 842 -0.12 1.05 -30.33
N GLU B 843 0.28 1.26 -29.07
CA GLU B 843 1.53 1.96 -28.79
C GLU B 843 2.73 1.12 -29.21
N LEU B 844 2.65 -0.21 -29.04
CA LEU B 844 3.76 -1.07 -29.41
C LEU B 844 3.88 -1.22 -30.92
N ARG B 845 2.75 -1.22 -31.63
CA ARG B 845 2.80 -1.33 -33.09
C ARG B 845 3.31 -0.04 -33.73
N TRP B 846 3.03 1.11 -33.11
CA TRP B 846 3.55 2.36 -33.63
C TRP B 846 5.07 2.45 -33.48
N PHE B 847 5.62 1.77 -32.47
CA PHE B 847 7.05 1.85 -32.20
C PHE B 847 7.85 0.84 -33.02
N TYR B 848 7.43 -0.43 -33.00
CA TYR B 848 8.23 -1.48 -33.64
C TYR B 848 7.85 -1.72 -35.10
N HIS B 849 6.57 -1.53 -35.46
CA HIS B 849 6.13 -1.78 -36.83
C HIS B 849 6.02 -0.52 -37.66
N THR B 850 5.56 0.60 -37.07
CA THR B 850 5.40 1.83 -37.84
C THR B 850 6.71 2.58 -37.96
N SER B 851 7.30 2.96 -36.82
CA SER B 851 8.54 3.74 -36.83
C SER B 851 9.76 2.92 -37.23
N GLY B 852 9.61 1.61 -37.44
CA GLY B 852 10.71 0.80 -37.90
C GLY B 852 11.76 0.50 -36.85
N LYS B 853 11.33 0.06 -35.67
CA LYS B 853 12.26 -0.34 -34.63
C LYS B 853 12.53 -1.85 -34.64
N LEU B 854 11.56 -2.65 -35.06
CA LEU B 854 11.81 -4.09 -35.20
C LEU B 854 12.83 -4.37 -36.28
N ARG B 855 12.84 -3.56 -37.35
CA ARG B 855 13.87 -3.69 -38.37
C ARG B 855 15.24 -3.28 -37.84
N LYS B 856 15.28 -2.34 -36.88
CA LYS B 856 16.55 -1.96 -36.27
C LYS B 856 17.04 -3.05 -35.32
N VAL B 857 16.14 -3.61 -34.51
CA VAL B 857 16.52 -4.69 -33.60
C VAL B 857 17.01 -5.90 -34.40
N LEU B 858 16.27 -6.26 -35.46
CA LEU B 858 16.71 -7.35 -36.32
C LEU B 858 17.96 -6.96 -37.10
N GLY B 859 18.06 -5.71 -37.52
CA GLY B 859 19.19 -5.29 -38.34
C GLY B 859 20.48 -5.19 -37.54
N ASP B 860 20.43 -4.47 -36.41
CA ASP B 860 21.64 -4.30 -35.60
C ASP B 860 22.12 -5.63 -35.02
N ALA B 861 21.20 -6.57 -34.79
CA ALA B 861 21.61 -7.90 -34.33
C ALA B 861 22.25 -8.69 -35.46
N ARG B 862 21.69 -8.59 -36.67
CA ARG B 862 22.28 -9.30 -37.81
C ARG B 862 23.68 -8.79 -38.12
N ALA B 863 23.87 -7.48 -38.07
CA ALA B 863 25.21 -6.92 -38.28
C ALA B 863 26.15 -7.28 -37.14
N LEU B 864 25.62 -7.45 -35.94
CA LEU B 864 26.45 -7.85 -34.80
C LEU B 864 26.87 -9.31 -34.91
N ILE B 865 25.99 -10.17 -35.41
CA ILE B 865 26.34 -11.57 -35.60
C ILE B 865 27.37 -11.73 -36.70
N VAL B 866 27.26 -10.92 -37.77
CA VAL B 866 28.21 -11.00 -38.87
C VAL B 866 29.59 -10.55 -38.41
N LYS B 867 29.66 -9.44 -37.65
CA LYS B 867 30.94 -8.95 -37.15
C LYS B 867 31.59 -9.91 -36.16
N SER B 868 30.81 -10.80 -35.55
CA SER B 868 31.38 -11.77 -34.62
C SER B 868 31.95 -12.98 -35.35
N THR B 869 31.33 -13.37 -36.48
CA THR B 869 31.87 -14.48 -37.26
C THR B 869 33.18 -14.12 -37.94
N ALA B 870 33.45 -12.82 -38.15
CA ALA B 870 34.72 -12.42 -38.74
C ALA B 870 35.87 -12.62 -37.75
N THR B 871 35.73 -12.06 -36.55
CA THR B 871 36.72 -12.24 -35.49
C THR B 871 36.40 -13.46 -34.64
N GLN B 872 36.23 -14.61 -35.30
CA GLN B 872 35.86 -15.83 -34.58
C GLN B 872 37.00 -16.32 -33.69
N GLY B 873 38.23 -16.21 -34.17
CA GLY B 873 39.38 -16.65 -33.38
C GLY B 873 40.17 -15.50 -32.80
N ASP B 874 39.83 -14.27 -33.20
CA ASP B 874 40.54 -13.09 -32.73
C ASP B 874 39.97 -12.65 -31.39
N ALA B 875 40.84 -12.62 -30.37
CA ALA B 875 40.47 -12.17 -29.04
C ALA B 875 40.88 -10.72 -28.78
N GLU B 876 41.37 -10.02 -29.80
CA GLU B 876 41.78 -8.63 -29.67
C GLU B 876 40.61 -7.74 -30.08
N VAL B 877 39.88 -7.26 -29.09
CA VAL B 877 38.73 -6.38 -29.37
C VAL B 877 39.25 -5.07 -29.96
N PRO B 878 38.67 -4.60 -31.07
CA PRO B 878 39.16 -3.34 -31.66
C PRO B 878 38.97 -2.17 -30.71
N GLU B 879 39.97 -1.28 -30.70
CA GLU B 879 39.90 -0.10 -29.85
C GLU B 879 38.78 0.84 -30.25
N ALA B 880 38.31 0.78 -31.50
CA ALA B 880 37.19 1.62 -31.93
C ALA B 880 35.86 1.09 -31.41
N ASP B 881 35.73 -0.21 -31.22
CA ASP B 881 34.51 -0.81 -30.70
C ASP B 881 34.42 -0.75 -29.18
N ARG B 882 35.29 0.00 -28.53
CA ARG B 882 35.24 0.13 -27.09
C ARG B 882 34.02 0.96 -26.67
N GLU B 883 33.61 0.76 -25.41
CA GLU B 883 32.47 1.45 -24.80
C GLU B 883 31.14 1.05 -25.44
N ARG B 884 31.18 0.42 -26.62
CA ARG B 884 29.99 -0.22 -27.16
C ARG B 884 29.51 -1.26 -26.16
N ALA B 885 28.22 -1.16 -25.79
CA ALA B 885 27.67 -1.98 -24.71
C ALA B 885 28.01 -3.45 -24.91
N VAL B 886 27.62 -4.02 -26.04
CA VAL B 886 28.04 -5.37 -26.40
C VAL B 886 28.80 -5.28 -27.73
N PRO B 887 30.12 -5.17 -27.69
CA PRO B 887 30.88 -4.97 -28.93
C PRO B 887 31.00 -6.24 -29.76
N ARG B 888 31.41 -7.34 -29.12
CA ARG B 888 31.58 -8.62 -29.80
C ARG B 888 30.70 -9.66 -29.12
N LEU B 889 30.18 -10.59 -29.92
CA LEU B 889 29.39 -11.70 -29.43
C LEU B 889 30.24 -12.96 -29.34
N SER B 890 29.76 -13.92 -28.56
CA SER B 890 30.57 -15.08 -28.17
C SER B 890 30.49 -16.25 -29.15
N SER B 891 29.57 -16.20 -30.12
CA SER B 891 29.28 -17.30 -31.05
C SER B 891 28.63 -18.47 -30.32
N GLY B 892 28.70 -18.49 -28.99
CA GLY B 892 27.96 -19.44 -28.20
C GLY B 892 26.63 -18.85 -27.76
N GLY B 893 26.66 -17.58 -27.37
CA GLY B 893 25.43 -16.85 -27.13
C GLY B 893 24.68 -16.50 -28.39
N ILE B 894 25.38 -16.46 -29.53
CA ILE B 894 24.71 -16.26 -30.81
C ILE B 894 23.76 -17.41 -31.10
N ILE B 895 24.11 -18.62 -30.66
CA ILE B 895 23.28 -19.79 -30.89
C ILE B 895 21.88 -19.56 -30.33
N ALA B 896 21.78 -18.92 -29.17
CA ALA B 896 20.48 -18.63 -28.57
C ALA B 896 19.84 -17.39 -29.18
N LEU B 897 20.64 -16.44 -29.66
CA LEU B 897 20.08 -15.22 -30.24
C LEU B 897 19.37 -15.51 -31.56
N GLU B 898 19.87 -16.46 -32.34
CA GLU B 898 19.22 -16.81 -33.60
C GLU B 898 17.84 -17.40 -33.38
N ARG B 899 17.57 -17.96 -32.19
CA ARG B 899 16.25 -18.50 -31.92
C ARG B 899 15.23 -17.39 -31.69
N THR B 900 15.61 -16.37 -30.90
CA THR B 900 14.72 -15.23 -30.69
C THR B 900 14.56 -14.41 -31.97
N LEU B 901 15.66 -14.20 -32.70
CA LEU B 901 15.59 -13.47 -33.96
C LEU B 901 14.75 -14.21 -34.99
N GLY B 902 14.80 -15.54 -34.98
CA GLY B 902 13.97 -16.30 -35.90
C GLY B 902 12.49 -16.08 -35.66
N LYS B 903 12.10 -15.94 -34.39
CA LYS B 903 10.71 -15.61 -34.07
C LYS B 903 10.41 -14.14 -34.29
N LEU B 904 11.39 -13.26 -34.04
CA LEU B 904 11.20 -11.85 -34.32
C LEU B 904 11.10 -11.59 -35.82
N GLN B 905 11.82 -12.37 -36.63
CA GLN B 905 11.71 -12.22 -38.08
C GLN B 905 10.38 -12.77 -38.58
N ALA B 906 9.90 -13.87 -38.00
CA ALA B 906 8.63 -14.45 -38.42
C ALA B 906 7.46 -13.51 -38.13
N LEU B 907 7.55 -12.73 -37.05
CA LEU B 907 6.49 -11.76 -36.75
C LEU B 907 6.50 -10.61 -37.74
N GLN B 908 7.70 -10.18 -38.16
CA GLN B 908 7.78 -9.14 -39.18
C GLN B 908 7.37 -9.67 -40.55
N ASP B 909 7.57 -10.97 -40.80
CA ASP B 909 7.10 -11.56 -42.04
C ASP B 909 5.58 -11.51 -42.13
N ALA B 910 4.89 -11.82 -41.03
CA ALA B 910 3.44 -11.71 -41.00
C ALA B 910 2.97 -10.27 -41.03
N GLN B 911 3.81 -9.32 -40.60
CA GLN B 911 3.44 -7.91 -40.66
C GLN B 911 3.52 -7.39 -42.08
N THR B 912 4.61 -7.72 -42.79
CA THR B 912 4.75 -7.30 -44.18
C THR B 912 3.74 -7.99 -45.08
N ALA B 913 3.34 -9.21 -44.74
CA ALA B 913 2.36 -9.93 -45.55
C ALA B 913 0.95 -9.40 -45.35
N THR B 914 0.69 -8.69 -44.24
CA THR B 914 -0.64 -8.16 -44.00
C THR B 914 -0.99 -7.06 -45.00
N GLU B 915 0.01 -6.26 -45.39
CA GLU B 915 -0.22 -5.17 -46.34
C GLU B 915 -0.04 -5.64 -47.77
#